data_5IPV
#
_entry.id   5IPV
#
loop_
_entity.id
_entity.type
_entity.pdbx_description
1 polymer 'N-methyl-D-aspartate receptor subunit NR1-8a'
2 polymer 'Ionotropic glutamate receptor subunit NR2B'
#
loop_
_entity_poly.entity_id
_entity_poly.type
_entity_poly.pdbx_seq_one_letter_code
_entity_poly.pdbx_strand_id
1 'polypeptide(L)'
;DPKIVNIGAVLSTKKHEQIFREAVNQANFFHFTRKIQLNATSVTHRPNAIQMALSVCEDLISSQVYAILVSHPPAPTDHL
TPTPISYTAGFYRIPVIGLTTRMSIYSDKSIHLSFLRTVPPYSHQALVWFEMMRLFNWNHVILIVSDDHEGRAAQKKLET
LLEEKESKADKVLQFEPGTKNLTALLLEAKELEARVIILSASEDDATAVYKSAAMLDMTGAGYVWLVGEREISGSALRYA
PDGIIGLQLINGKNESAHISDAVAVVAQAIHELFEMEQITDPPRGCVGNTNIWKTGPLFKRVLMSSKYPDGVTGRIEFNE
DGDRKFAQYSIMNLQNRKLVQVGIFDGSYIIQNDRKIIWPGGETERPQGYQMSTRLKIVTIHQEPFVYVRPTTSDGTCRE
EYTINGDPIKKVICNGPDETIPGRPTVPQCCYGFCVDLLIKLAREMDFTYEVHLVADGKFGTQERVNNSNAAAWNGMMGE
LLSGQADMIVAPLTINNERAQYIEFSKPFKYQGLTILVKKEIPRSTLDSFMQPFQSTLWLLVGLSVHVVAVMLYLLDRFS
PFGRFEDALTLSSAMWFSWRVLLNSGLGEGAPRSFSARILGMVWAGFAMIIVASYTANLAAFLVLRRPEERITGINDPRL
RNPSDKFIYATVKQSSVDIYFRRQVELSTMYRHMEKHNYESAAEAIQAVRDNKLHAFIWDSAVLEFEASQKCDLVTTGEL
FFRSGFGIGMRKDSPWKQEVSLNILKSHENGFMEELDKTWVRYQECDSRSNAPATLTFENMAGVFMLVAGGIVAGIFLIF
IEIAYKSRAEAKRMKGLEVLFQ
;
A,C
2 'polypeptide(L)'
;MRPTEACCYLKISLIILFYSRAYAQKHPNMDIAVILVGTTEEVAIKDVHEKDDFHHLPVTPRVELVTMQESDPKSIITRI
CDLMSDKKVQGVVFGDDTDQEAIAQILDFISVQTLTPILGIHGGSSMIMADKEEASMFFQFGPSIEQQASVMLNIMEEYD
WYIFSIVTTYFPGYQDFENKVRSTIENSFVGWELEEVIHLDMSLDDIDSKIQNQLKKLQSPVILLYCTKEEATYIFEVAH
SVGLTGYGFTWIVPSLVAGDTDTVPDEFPTGLISVSYDEWDYDLPARVRDGIAIITTAASTMLSEHNSIPQSKSSCNNIQ
ESRVYEAHMLKRYLINVTFEGRDLSFSEDGYQMHPKLVIILLNQERKWERVGKYKDRSLKMWPVFDLYPNSEEHKDEHLS
IVTLEEAPFVIVEDVDPLSGTCMRNTVPCRKQIRPENRTEEGGNYIKRCCKGFCIDILKKIAKTVKFTYDLYLVTNGKHG
KKINGVWNGMIGEVVTKRAYMAVGSLTINEERSEVVDFSVPFIETGISVMVSRSNGTVSPSAFLEPFSADVWVMMFVMLL
IVSAVAVFVFEYFSPVGYNGPSFTIGKAIWLLWGLVFNNSLPVQNPKGTTSKIMVSVWAFFAVIFLASYTANLAAFMIQR
RYVDQVSGLSDKKFQRPNDFSPAFRFGTVPNGSTERNIRNNYLEMHSYMVKFNQRSVQDALLSLKSGKLDAFIYDAAVLN
YMAGRDEGCKLVTIGSGKVFATTGYGIAIQKDSGWKRQVDLAILQLFGDGEMEELEALWLTGICHNEKNEVMSSQLDIDN
MAGVFYMLAAAMALSLITFIMEHLF
;
B,D
#
# COMPACT_ATOMS: atom_id res chain seq x y z
N ASP A 1 -50.75 -27.69 -27.65
CA ASP A 1 -50.43 -27.32 -29.03
C ASP A 1 -48.94 -27.54 -29.33
N PRO A 2 -48.62 -27.95 -30.57
CA PRO A 2 -47.26 -28.17 -31.10
C PRO A 2 -46.49 -26.93 -31.57
N LYS A 3 -45.15 -27.03 -31.56
CA LYS A 3 -44.28 -26.01 -32.13
C LYS A 3 -43.26 -26.66 -33.08
N ILE A 4 -43.17 -26.16 -34.31
CA ILE A 4 -42.26 -26.76 -35.30
C ILE A 4 -40.87 -26.12 -35.33
N VAL A 5 -39.86 -26.87 -34.94
CA VAL A 5 -38.47 -26.36 -34.93
C VAL A 5 -37.60 -26.91 -36.06
N ASN A 6 -37.20 -26.06 -37.00
CA ASN A 6 -36.41 -26.53 -38.14
C ASN A 6 -34.93 -26.76 -37.82
N ILE A 7 -34.33 -27.65 -38.60
CA ILE A 7 -32.91 -27.93 -38.57
C ILE A 7 -32.45 -27.96 -40.03
N GLY A 8 -31.17 -27.75 -40.28
CA GLY A 8 -30.72 -27.79 -41.65
C GLY A 8 -29.37 -28.44 -41.74
N ALA A 9 -29.03 -28.91 -42.93
CA ALA A 9 -27.78 -29.61 -43.11
C ALA A 9 -27.37 -29.61 -44.56
N VAL A 10 -26.08 -29.83 -44.75
CA VAL A 10 -25.52 -30.06 -46.06
C VAL A 10 -24.69 -31.33 -46.04
N LEU A 11 -25.04 -32.25 -46.93
CA LEU A 11 -24.44 -33.57 -46.91
C LEU A 11 -24.04 -34.01 -48.31
N SER A 12 -23.25 -35.08 -48.37
CA SER A 12 -22.67 -35.55 -49.61
C SER A 12 -23.74 -36.03 -50.59
N THR A 13 -24.68 -36.84 -50.11
CA THR A 13 -25.65 -37.46 -51.02
C THR A 13 -27.05 -37.55 -50.40
N LYS A 14 -28.06 -37.68 -51.26
CA LYS A 14 -29.46 -37.76 -50.88
C LYS A 14 -29.76 -38.91 -49.93
N LYS A 15 -29.04 -40.03 -50.08
CA LYS A 15 -29.17 -41.16 -49.19
C LYS A 15 -28.86 -40.75 -47.76
N HIS A 16 -27.81 -39.96 -47.61
CA HIS A 16 -27.41 -39.45 -46.31
C HIS A 16 -28.42 -38.44 -45.81
N GLU A 17 -29.11 -37.77 -46.74
CA GLU A 17 -30.21 -36.90 -46.37
C GLU A 17 -31.34 -37.71 -45.75
N GLN A 18 -31.68 -38.84 -46.37
CA GLN A 18 -32.69 -39.73 -45.80
C GLN A 18 -32.26 -40.26 -44.43
N ILE A 19 -30.99 -40.59 -44.29
CA ILE A 19 -30.45 -41.03 -43.00
C ILE A 19 -30.64 -39.92 -41.97
N PHE A 20 -30.37 -38.68 -42.38
CA PHE A 20 -30.54 -37.51 -41.53
C PHE A 20 -31.98 -37.38 -41.06
N ARG A 21 -32.91 -37.34 -42.00
CA ARG A 21 -34.34 -37.23 -41.69
C ARG A 21 -34.81 -38.37 -40.78
N GLU A 22 -34.32 -39.57 -41.06
CA GLU A 22 -34.65 -40.74 -40.25
C GLU A 22 -34.19 -40.56 -38.81
N ALA A 23 -32.95 -40.08 -38.65
CA ALA A 23 -32.39 -39.82 -37.33
C ALA A 23 -33.19 -38.73 -36.60
N VAL A 24 -33.57 -37.70 -37.34
CA VAL A 24 -34.39 -36.62 -36.80
C VAL A 24 -35.72 -37.17 -36.27
N ASN A 25 -36.37 -38.01 -37.07
CA ASN A 25 -37.61 -38.64 -36.68
C ASN A 25 -37.42 -39.50 -35.44
N GLN A 26 -36.27 -40.20 -35.37
CA GLN A 26 -35.91 -40.95 -34.16
C GLN A 26 -35.81 -40.04 -32.95
N ALA A 27 -35.28 -38.83 -33.14
CA ALA A 27 -35.19 -37.86 -32.07
C ALA A 27 -36.57 -37.40 -31.61
N ASN A 28 -37.44 -37.13 -32.58
CA ASN A 28 -38.82 -36.74 -32.30
C ASN A 28 -39.58 -37.81 -31.53
N PHE A 29 -39.44 -39.05 -31.98
CA PHE A 29 -40.18 -40.17 -31.40
C PHE A 29 -39.81 -40.44 -29.94
N PHE A 30 -38.53 -40.29 -29.61
CA PHE A 30 -38.02 -40.68 -28.29
C PHE A 30 -38.04 -39.54 -27.28
N HIS A 31 -38.57 -38.40 -27.69
CA HIS A 31 -38.69 -37.24 -26.81
C HIS A 31 -40.06 -36.62 -27.03
N PHE A 32 -40.51 -35.79 -26.08
CA PHE A 32 -41.89 -35.31 -26.10
C PHE A 32 -42.26 -34.61 -27.41
N THR A 33 -43.30 -35.12 -28.07
CA THR A 33 -43.79 -34.54 -29.31
C THR A 33 -44.93 -33.57 -29.00
N ARG A 34 -45.43 -33.64 -27.77
CA ARG A 34 -46.53 -32.77 -27.34
C ARG A 34 -46.04 -31.34 -27.18
N LYS A 35 -44.93 -31.17 -26.46
CA LYS A 35 -44.36 -29.84 -26.25
C LYS A 35 -43.74 -29.29 -27.53
N ILE A 36 -42.89 -30.08 -28.17
CA ILE A 36 -42.14 -29.62 -29.34
C ILE A 36 -41.94 -30.72 -30.38
N GLN A 37 -41.73 -30.30 -31.63
CA GLN A 37 -41.39 -31.22 -32.71
C GLN A 37 -40.24 -30.67 -33.56
N LEU A 38 -39.46 -31.56 -34.16
CA LEU A 38 -38.36 -31.13 -35.02
C LEU A 38 -38.64 -31.41 -36.50
N ASN A 39 -38.23 -30.48 -37.36
CA ASN A 39 -38.46 -30.53 -38.80
C ASN A 39 -37.14 -30.37 -39.52
N ALA A 40 -36.97 -31.04 -40.65
CA ALA A 40 -35.70 -31.03 -41.35
C ALA A 40 -35.81 -30.38 -42.73
N THR A 41 -34.87 -29.49 -43.06
CA THR A 41 -34.80 -28.94 -44.41
C THR A 41 -33.34 -29.04 -44.85
N SER A 42 -33.11 -29.37 -46.12
CA SER A 42 -31.74 -29.57 -46.60
C SER A 42 -31.55 -29.37 -48.10
N VAL A 43 -30.28 -29.26 -48.51
CA VAL A 43 -29.89 -29.05 -49.91
C VAL A 43 -28.55 -29.72 -50.19
N THR A 44 -28.37 -30.13 -51.44
CA THR A 44 -27.15 -30.76 -51.90
C THR A 44 -26.01 -29.74 -51.96
N HIS A 45 -24.78 -30.24 -51.94
CA HIS A 45 -23.63 -29.38 -52.08
C HIS A 45 -23.68 -28.71 -53.43
N ARG A 46 -23.31 -27.44 -53.45
CA ARG A 46 -23.22 -26.72 -54.70
C ARG A 46 -21.77 -26.80 -55.13
N PRO A 47 -21.49 -26.65 -56.43
CA PRO A 47 -20.13 -26.86 -56.92
C PRO A 47 -19.13 -25.87 -56.30
N ASN A 48 -19.55 -24.62 -56.19
CA ASN A 48 -18.74 -23.59 -55.56
C ASN A 48 -19.23 -23.21 -54.17
N ALA A 49 -18.50 -22.31 -53.52
CA ALA A 49 -18.90 -21.78 -52.23
C ALA A 49 -20.14 -20.89 -52.33
N ILE A 50 -20.20 -20.04 -53.35
CA ILE A 50 -21.24 -19.01 -53.43
C ILE A 50 -22.66 -19.54 -53.57
N GLN A 51 -22.84 -20.52 -54.46
CA GLN A 51 -24.14 -21.15 -54.64
C GLN A 51 -24.60 -21.77 -53.33
N MET A 52 -23.67 -22.37 -52.62
CA MET A 52 -23.94 -23.01 -51.34
C MET A 52 -24.30 -22.00 -50.23
N ALA A 53 -23.55 -20.91 -50.11
CA ALA A 53 -23.84 -19.87 -49.14
C ALA A 53 -25.21 -19.27 -49.43
N LEU A 54 -25.47 -19.05 -50.72
CA LEU A 54 -26.76 -18.59 -51.19
C LEU A 54 -27.85 -19.59 -50.84
N SER A 55 -27.49 -20.88 -50.87
CA SER A 55 -28.42 -21.94 -50.52
C SER A 55 -28.78 -21.86 -49.05
N VAL A 56 -27.77 -21.58 -48.23
CA VAL A 56 -27.97 -21.44 -46.79
C VAL A 56 -28.88 -20.26 -46.49
N CYS A 57 -28.59 -19.11 -47.09
CA CYS A 57 -29.38 -17.92 -46.84
C CYS A 57 -30.80 -18.06 -47.38
N GLU A 58 -30.94 -18.71 -48.52
CA GLU A 58 -32.24 -18.89 -49.17
C GLU A 58 -32.94 -20.18 -48.79
N ASP A 59 -32.34 -21.31 -49.13
CA ASP A 59 -33.01 -22.60 -49.00
C ASP A 59 -33.14 -23.07 -47.54
N LEU A 60 -32.14 -22.75 -46.71
CA LEU A 60 -32.13 -23.22 -45.32
C LEU A 60 -32.67 -22.18 -44.34
N ILE A 61 -32.02 -21.02 -44.25
CA ILE A 61 -32.41 -19.98 -43.29
C ILE A 61 -33.86 -19.49 -43.47
N SER A 62 -34.39 -19.63 -44.68
CA SER A 62 -35.81 -19.30 -44.90
C SER A 62 -36.72 -20.24 -44.12
N SER A 63 -36.16 -21.36 -43.67
CA SER A 63 -36.92 -22.32 -42.88
C SER A 63 -36.69 -22.06 -41.40
N GLN A 64 -35.94 -21.00 -41.11
CA GLN A 64 -35.64 -20.58 -39.74
C GLN A 64 -34.84 -21.64 -38.98
N VAL A 65 -33.82 -22.19 -39.61
CA VAL A 65 -33.02 -23.23 -38.97
C VAL A 65 -32.40 -22.73 -37.66
N TYR A 66 -32.40 -23.58 -36.64
CA TYR A 66 -31.80 -23.23 -35.36
C TYR A 66 -30.35 -23.67 -35.34
N ALA A 67 -29.97 -24.43 -36.37
CA ALA A 67 -28.64 -24.99 -36.48
C ALA A 67 -28.43 -25.73 -37.80
N ILE A 68 -27.16 -25.91 -38.14
CA ILE A 68 -26.78 -26.52 -39.40
C ILE A 68 -25.73 -27.61 -39.20
N LEU A 69 -25.84 -28.66 -40.00
CA LEU A 69 -24.82 -29.70 -40.04
C LEU A 69 -24.12 -29.63 -41.38
N VAL A 70 -22.84 -29.98 -41.42
CA VAL A 70 -22.11 -29.95 -42.69
C VAL A 70 -21.17 -31.16 -42.77
N SER A 71 -20.96 -31.66 -43.99
CA SER A 71 -20.04 -32.77 -44.19
C SER A 71 -19.15 -32.47 -45.39
N HIS A 72 -17.96 -33.06 -45.41
CA HIS A 72 -17.06 -32.94 -46.55
C HIS A 72 -17.69 -33.61 -47.77
N PRO A 73 -17.55 -32.97 -48.94
CA PRO A 73 -18.12 -33.46 -50.20
C PRO A 73 -17.43 -34.72 -50.70
N PRO A 74 -18.06 -35.44 -51.66
CA PRO A 74 -17.48 -36.69 -52.19
C PRO A 74 -16.11 -36.46 -52.83
N ALA A 75 -16.00 -35.40 -53.62
CA ALA A 75 -14.72 -34.98 -54.17
C ALA A 75 -14.30 -33.65 -53.54
N PRO A 76 -13.29 -33.69 -52.66
CA PRO A 76 -12.84 -32.48 -51.97
C PRO A 76 -12.33 -31.42 -52.93
N THR A 77 -12.85 -30.20 -52.81
CA THR A 77 -12.41 -29.09 -53.64
C THR A 77 -11.58 -28.13 -52.80
N ASP A 78 -10.31 -27.97 -53.17
CA ASP A 78 -9.34 -27.24 -52.36
C ASP A 78 -9.37 -27.90 -50.99
N HIS A 79 -9.52 -27.09 -49.95
CA HIS A 79 -9.84 -27.67 -48.66
C HIS A 79 -10.82 -26.78 -47.95
N LEU A 80 -11.53 -27.37 -46.99
CA LEU A 80 -12.50 -26.66 -46.17
C LEU A 80 -13.63 -26.00 -46.95
N THR A 81 -14.18 -26.66 -47.98
CA THR A 81 -15.38 -26.15 -48.65
C THR A 81 -16.47 -25.96 -47.59
N PRO A 82 -16.44 -26.74 -46.50
CA PRO A 82 -17.28 -26.05 -45.52
C PRO A 82 -16.61 -24.89 -44.78
N THR A 83 -15.89 -24.00 -45.47
CA THR A 83 -15.56 -22.70 -44.90
C THR A 83 -16.72 -21.67 -44.96
N PRO A 84 -17.45 -21.56 -46.10
CA PRO A 84 -18.35 -20.41 -46.24
C PRO A 84 -19.54 -20.39 -45.29
N ILE A 85 -20.15 -21.53 -45.06
CA ILE A 85 -21.42 -21.62 -44.35
C ILE A 85 -21.29 -21.14 -42.94
N SER A 86 -20.18 -21.57 -42.34
CA SER A 86 -19.85 -21.24 -40.99
C SER A 86 -19.76 -19.73 -40.94
N TYR A 87 -19.26 -19.16 -42.02
CA TYR A 87 -19.21 -17.72 -42.12
C TYR A 87 -20.63 -17.20 -42.25
N THR A 88 -21.42 -17.75 -43.18
CA THR A 88 -22.77 -17.22 -43.42
C THR A 88 -23.61 -17.41 -42.15
N ALA A 89 -23.55 -18.61 -41.59
CA ALA A 89 -24.26 -18.88 -40.34
C ALA A 89 -23.65 -18.01 -39.24
N GLY A 90 -22.35 -17.79 -39.34
CA GLY A 90 -21.60 -17.07 -38.33
C GLY A 90 -22.23 -15.70 -38.20
N PHE A 91 -22.81 -15.22 -39.30
CA PHE A 91 -23.41 -13.89 -39.30
C PHE A 91 -24.55 -13.75 -38.29
N TYR A 92 -25.41 -14.75 -38.21
CA TYR A 92 -26.53 -14.71 -37.26
C TYR A 92 -26.26 -15.48 -35.97
N ARG A 93 -25.03 -15.99 -35.86
CA ARG A 93 -24.59 -16.79 -34.71
C ARG A 93 -25.39 -18.08 -34.62
N ILE A 94 -25.90 -18.53 -35.78
CA ILE A 94 -26.53 -19.82 -35.90
C ILE A 94 -25.44 -20.88 -35.81
N PRO A 95 -25.56 -21.81 -34.84
CA PRO A 95 -24.56 -22.85 -34.60
C PRO A 95 -24.35 -23.80 -35.78
N VAL A 96 -23.09 -24.13 -36.06
CA VAL A 96 -22.77 -25.04 -37.15
C VAL A 96 -22.08 -26.28 -36.59
N ILE A 97 -22.42 -27.45 -37.10
CA ILE A 97 -21.81 -28.70 -36.65
C ILE A 97 -21.25 -29.54 -37.79
N GLY A 98 -19.95 -29.77 -37.79
CA GLY A 98 -19.38 -30.64 -38.79
C GLY A 98 -19.36 -32.09 -38.35
N LEU A 99 -19.65 -33.00 -39.27
CA LEU A 99 -19.47 -34.43 -39.06
C LEU A 99 -18.00 -34.71 -39.37
N THR A 100 -17.61 -34.20 -40.53
CA THR A 100 -16.30 -34.40 -41.13
C THR A 100 -15.51 -33.12 -40.84
N THR A 101 -14.45 -32.91 -41.61
CA THR A 101 -13.52 -31.80 -41.43
C THR A 101 -12.54 -31.56 -40.31
N ARG A 102 -11.61 -32.50 -40.25
CA ARG A 102 -10.48 -32.53 -39.35
C ARG A 102 -9.63 -31.28 -39.32
N MET A 103 -9.94 -30.34 -40.20
CA MET A 103 -9.15 -29.12 -40.35
C MET A 103 -8.97 -28.37 -39.04
N SER A 104 -7.75 -27.89 -38.81
CA SER A 104 -7.40 -27.24 -37.56
C SER A 104 -7.85 -25.79 -37.53
N ILE A 105 -7.95 -25.17 -38.72
CA ILE A 105 -8.20 -23.74 -38.81
C ILE A 105 -9.54 -23.33 -38.21
N TYR A 106 -10.39 -24.31 -37.94
CA TYR A 106 -11.68 -24.06 -37.31
C TYR A 106 -11.57 -24.02 -35.79
N SER A 107 -10.39 -24.33 -35.28
CA SER A 107 -10.19 -24.38 -33.83
C SER A 107 -10.17 -22.98 -33.24
N ASP A 108 -9.81 -21.99 -34.04
CA ASP A 108 -9.77 -20.63 -33.56
C ASP A 108 -11.21 -20.11 -33.51
N LYS A 109 -11.67 -19.78 -32.31
CA LYS A 109 -13.03 -19.30 -32.11
C LYS A 109 -13.30 -18.01 -32.88
N SER A 110 -12.26 -17.18 -32.99
CA SER A 110 -12.33 -15.88 -33.65
C SER A 110 -12.89 -15.84 -35.05
N ILE A 111 -12.30 -16.65 -35.91
CA ILE A 111 -12.65 -16.61 -37.32
C ILE A 111 -13.94 -17.37 -37.51
N HIS A 112 -14.05 -18.55 -36.91
CA HIS A 112 -15.32 -19.26 -36.96
C HIS A 112 -15.92 -19.38 -35.55
N LEU A 113 -16.94 -18.59 -35.24
CA LEU A 113 -17.44 -18.55 -33.86
C LEU A 113 -18.68 -19.40 -33.69
N SER A 114 -19.23 -19.88 -34.80
CA SER A 114 -20.40 -20.75 -34.73
C SER A 114 -20.03 -22.21 -34.94
N PHE A 115 -18.74 -22.49 -35.08
CA PHE A 115 -18.32 -23.81 -35.51
C PHE A 115 -18.02 -24.80 -34.38
N LEU A 116 -18.72 -25.92 -34.43
CA LEU A 116 -18.55 -27.05 -33.53
C LEU A 116 -18.35 -28.27 -34.42
N ARG A 117 -17.68 -29.31 -33.92
CA ARG A 117 -17.49 -30.50 -34.72
C ARG A 117 -17.49 -31.80 -33.93
N THR A 118 -17.90 -32.88 -34.57
CA THR A 118 -17.90 -34.19 -33.94
C THR A 118 -16.54 -34.87 -34.08
N VAL A 119 -15.50 -34.06 -34.28
CA VAL A 119 -14.15 -34.57 -34.43
C VAL A 119 -13.13 -33.69 -33.72
N PRO A 120 -11.90 -33.68 -34.23
CA PRO A 120 -10.82 -32.89 -33.63
C PRO A 120 -9.91 -32.27 -34.68
N PRO A 121 -8.65 -32.03 -34.31
CA PRO A 121 -7.67 -31.44 -35.24
C PRO A 121 -6.36 -32.21 -35.25
N TYR A 122 -5.26 -31.50 -35.52
CA TYR A 122 -3.95 -32.14 -35.57
C TYR A 122 -3.10 -31.65 -34.42
N SER A 123 -3.37 -30.43 -33.99
CA SER A 123 -2.65 -29.88 -32.86
C SER A 123 -2.91 -30.73 -31.61
N HIS A 124 -4.18 -31.09 -31.41
CA HIS A 124 -4.55 -31.86 -30.23
C HIS A 124 -3.94 -33.26 -30.29
N GLN A 125 -3.49 -33.66 -31.48
CA GLN A 125 -2.84 -34.94 -31.66
C GLN A 125 -1.58 -35.03 -30.81
N ALA A 126 -0.99 -33.88 -30.52
CA ALA A 126 0.22 -33.86 -29.70
C ALA A 126 -0.06 -34.48 -28.34
N LEU A 127 -1.32 -34.43 -27.90
CA LEU A 127 -1.67 -35.05 -26.63
C LEU A 127 -1.30 -36.51 -26.67
N VAL A 128 -1.58 -37.13 -27.80
CA VAL A 128 -1.24 -38.52 -28.06
C VAL A 128 0.26 -38.61 -28.02
N TRP A 129 0.93 -37.70 -28.73
CA TRP A 129 2.37 -37.72 -28.79
C TRP A 129 2.84 -37.56 -27.34
N PHE A 130 2.21 -36.62 -26.63
CA PHE A 130 2.49 -36.41 -25.20
C PHE A 130 2.18 -37.67 -24.41
N GLU A 131 1.06 -38.30 -24.76
CA GLU A 131 0.62 -39.55 -24.13
C GLU A 131 1.67 -40.60 -24.50
N MET A 132 2.15 -40.50 -25.72
CA MET A 132 3.18 -41.39 -26.26
C MET A 132 4.40 -41.23 -25.37
N MET A 133 4.69 -40.00 -24.95
CA MET A 133 5.87 -39.71 -24.15
C MET A 133 5.83 -40.51 -22.85
N ARG A 134 4.63 -40.77 -22.32
CA ARG A 134 4.47 -41.46 -21.04
C ARG A 134 5.12 -42.81 -21.24
N LEU A 135 4.85 -43.37 -22.41
CA LEU A 135 5.29 -44.71 -22.74
C LEU A 135 6.82 -44.76 -22.85
N PHE A 136 7.48 -43.78 -23.48
CA PHE A 136 8.91 -44.01 -23.64
C PHE A 136 9.75 -43.61 -22.42
N ASN A 137 9.15 -42.84 -21.52
CA ASN A 137 9.71 -42.43 -20.23
C ASN A 137 10.98 -41.61 -20.47
N TRP A 138 10.95 -40.93 -21.60
CA TRP A 138 11.90 -39.92 -22.09
C TRP A 138 11.36 -38.49 -22.07
N ASN A 139 12.00 -37.56 -21.40
CA ASN A 139 11.52 -36.18 -21.45
C ASN A 139 12.15 -35.37 -22.59
N HIS A 140 13.28 -35.85 -23.12
CA HIS A 140 13.98 -35.15 -24.20
C HIS A 140 13.65 -35.71 -25.59
N VAL A 141 13.14 -34.82 -26.44
CA VAL A 141 12.71 -35.13 -27.82
C VAL A 141 13.05 -34.00 -28.77
N ILE A 142 12.71 -34.14 -30.04
CA ILE A 142 12.88 -33.03 -30.97
C ILE A 142 11.59 -32.86 -31.78
N LEU A 143 11.26 -31.61 -32.08
CA LEU A 143 10.04 -31.29 -32.79
C LEU A 143 10.36 -30.60 -34.09
N ILE A 144 9.79 -31.13 -35.17
CA ILE A 144 9.95 -30.52 -36.48
C ILE A 144 8.59 -30.11 -37.01
N VAL A 145 8.42 -28.81 -37.26
CA VAL A 145 7.14 -28.31 -37.71
C VAL A 145 7.29 -27.50 -38.99
N SER A 146 6.26 -27.56 -39.83
CA SER A 146 6.13 -26.65 -40.96
C SER A 146 5.76 -25.28 -40.42
N ASP A 147 5.95 -24.24 -41.23
CA ASP A 147 5.63 -22.90 -40.77
C ASP A 147 4.25 -22.50 -41.31
N ASP A 148 3.30 -22.46 -40.39
CA ASP A 148 1.91 -22.17 -40.67
C ASP A 148 1.14 -22.23 -39.36
N HIS A 149 -0.14 -21.91 -39.39
CA HIS A 149 -0.93 -21.97 -38.18
C HIS A 149 -0.95 -23.39 -37.62
N GLU A 150 -0.93 -24.38 -38.52
CA GLU A 150 -0.95 -25.80 -38.13
C GLU A 150 0.27 -26.19 -37.29
N GLY A 151 1.46 -26.00 -37.83
CA GLY A 151 2.67 -26.39 -37.15
C GLY A 151 2.91 -25.61 -35.87
N ARG A 152 2.78 -24.29 -35.95
CA ARG A 152 2.97 -23.44 -34.78
C ARG A 152 1.97 -23.75 -33.67
N ALA A 153 0.72 -24.04 -34.06
CA ALA A 153 -0.29 -24.46 -33.10
C ALA A 153 0.15 -25.76 -32.47
N ALA A 154 0.70 -26.65 -33.28
CA ALA A 154 1.16 -27.96 -32.80
C ALA A 154 2.26 -27.75 -31.75
N GLN A 155 3.17 -26.82 -32.03
CA GLN A 155 4.28 -26.49 -31.16
C GLN A 155 3.68 -26.02 -29.85
N LYS A 156 2.65 -25.19 -29.99
CA LYS A 156 1.93 -24.66 -28.85
C LYS A 156 1.36 -25.82 -28.07
N LYS A 157 0.84 -26.84 -28.76
CA LYS A 157 0.20 -27.94 -28.07
C LYS A 157 1.21 -28.73 -27.27
N LEU A 158 2.34 -29.10 -27.87
CA LEU A 158 3.30 -29.86 -27.10
C LEU A 158 3.76 -29.02 -25.95
N GLU A 159 4.06 -27.74 -26.19
CA GLU A 159 4.57 -26.86 -25.14
C GLU A 159 3.58 -26.57 -24.01
N THR A 160 2.32 -26.33 -24.34
CA THR A 160 1.25 -26.16 -23.36
C THR A 160 1.12 -27.42 -22.52
N LEU A 161 1.23 -28.56 -23.19
CA LEU A 161 1.22 -29.84 -22.52
C LEU A 161 2.42 -29.94 -21.57
N LEU A 162 3.57 -29.45 -22.03
CA LEU A 162 4.83 -29.50 -21.29
C LEU A 162 4.97 -28.49 -20.15
N GLU A 163 4.17 -27.43 -20.19
CA GLU A 163 4.34 -26.29 -19.28
C GLU A 163 3.89 -26.52 -17.85
N GLU A 164 2.76 -27.19 -17.69
CA GLU A 164 2.29 -27.64 -16.38
C GLU A 164 3.35 -28.45 -15.65
N LYS A 165 3.95 -29.39 -16.38
CA LYS A 165 5.12 -30.11 -15.91
C LYS A 165 6.34 -29.21 -16.03
N GLU A 166 7.49 -29.68 -15.59
CA GLU A 166 8.70 -28.90 -15.82
C GLU A 166 8.93 -28.72 -17.31
N SER A 167 9.29 -27.50 -17.70
CA SER A 167 9.36 -27.12 -19.11
C SER A 167 10.41 -27.96 -19.84
N LYS A 168 10.05 -28.51 -20.99
CA LYS A 168 11.01 -29.29 -21.74
C LYS A 168 11.29 -28.68 -23.11
N ALA A 169 12.45 -28.06 -23.30
CA ALA A 169 12.81 -27.75 -24.68
C ALA A 169 14.08 -28.47 -25.04
N ASP A 170 13.96 -29.70 -25.51
CA ASP A 170 15.14 -30.46 -25.85
C ASP A 170 15.72 -29.90 -27.15
N LYS A 171 14.85 -29.76 -28.15
CA LYS A 171 15.11 -28.96 -29.35
C LYS A 171 13.83 -28.59 -30.09
N VAL A 172 13.89 -27.56 -30.93
CA VAL A 172 12.79 -27.21 -31.81
C VAL A 172 13.31 -26.81 -33.20
N LEU A 173 12.62 -27.23 -34.25
CA LEU A 173 13.03 -26.99 -35.63
C LEU A 173 11.84 -26.57 -36.52
N GLN A 174 11.97 -25.41 -37.15
CA GLN A 174 10.91 -24.82 -37.97
C GLN A 174 11.33 -24.78 -39.43
N PHE A 175 10.45 -25.20 -40.35
CA PHE A 175 10.82 -25.01 -41.75
C PHE A 175 9.73 -24.35 -42.59
N GLU A 176 10.19 -23.81 -43.73
CA GLU A 176 9.44 -22.90 -44.59
C GLU A 176 9.02 -23.52 -45.92
N PRO A 177 7.87 -23.10 -46.48
CA PRO A 177 7.34 -23.81 -47.63
C PRO A 177 8.19 -23.72 -48.89
N GLY A 178 8.07 -24.78 -49.69
CA GLY A 178 8.63 -24.87 -51.02
C GLY A 178 10.07 -25.32 -51.14
N THR A 179 10.75 -25.61 -50.04
CA THR A 179 12.12 -26.05 -50.18
C THR A 179 12.13 -27.57 -50.28
N LYS A 180 12.39 -28.07 -51.48
CA LYS A 180 12.37 -29.51 -51.72
C LYS A 180 13.48 -30.15 -50.92
N ASN A 181 14.64 -29.50 -50.89
CA ASN A 181 15.77 -29.99 -50.12
C ASN A 181 16.07 -29.15 -48.87
N LEU A 182 15.91 -29.80 -47.72
CA LEU A 182 16.11 -29.27 -46.36
C LEU A 182 17.31 -29.76 -45.52
N THR A 183 18.30 -30.41 -46.14
CA THR A 183 19.30 -31.22 -45.42
C THR A 183 20.00 -30.52 -44.24
N ALA A 184 20.34 -29.25 -44.40
CA ALA A 184 21.14 -28.53 -43.41
C ALA A 184 20.47 -28.50 -42.03
N LEU A 185 19.16 -28.26 -42.00
CA LEU A 185 18.42 -28.18 -40.73
C LEU A 185 18.55 -29.49 -39.92
N LEU A 186 18.49 -30.62 -40.62
CA LEU A 186 18.69 -31.92 -39.98
C LEU A 186 20.16 -32.08 -39.56
N LEU A 187 21.08 -31.57 -40.37
CA LEU A 187 22.48 -31.52 -39.97
C LEU A 187 22.63 -30.82 -38.62
N GLU A 188 21.87 -29.75 -38.43
CA GLU A 188 21.78 -29.06 -37.14
C GLU A 188 21.15 -29.96 -36.09
N ALA A 189 20.17 -30.76 -36.50
CA ALA A 189 19.47 -31.65 -35.58
C ALA A 189 20.42 -32.70 -34.96
N LYS A 190 21.33 -33.22 -35.78
CA LYS A 190 22.24 -34.27 -35.32
C LYS A 190 23.11 -33.81 -34.14
N GLU A 191 23.54 -32.55 -34.18
CA GLU A 191 24.36 -31.97 -33.12
C GLU A 191 23.68 -32.07 -31.75
N LEU A 192 22.37 -31.95 -31.76
CA LEU A 192 21.56 -32.06 -30.55
C LEU A 192 21.61 -33.46 -29.92
N GLU A 193 21.72 -33.48 -28.59
CA GLU A 193 21.93 -34.70 -27.81
C GLU A 193 20.74 -35.68 -27.86
N ALA A 194 19.53 -35.13 -27.78
CA ALA A 194 18.29 -35.92 -27.68
C ALA A 194 18.14 -36.91 -28.83
N ARG A 195 17.82 -38.16 -28.51
CA ARG A 195 17.81 -39.23 -29.51
C ARG A 195 16.45 -39.61 -30.12
N VAL A 196 15.38 -38.91 -29.73
CA VAL A 196 14.03 -39.18 -30.25
C VAL A 196 13.55 -38.08 -31.20
N ILE A 197 12.88 -38.41 -32.30
CA ILE A 197 12.47 -37.35 -33.23
C ILE A 197 10.96 -37.40 -33.55
N ILE A 198 10.38 -36.22 -33.74
CA ILE A 198 8.94 -36.07 -34.06
C ILE A 198 8.63 -34.98 -35.10
N LEU A 199 7.66 -35.20 -35.98
CA LEU A 199 7.36 -34.22 -37.04
C LEU A 199 5.87 -34.05 -37.41
N SER A 200 5.52 -32.83 -37.84
CA SER A 200 4.22 -32.49 -38.42
C SER A 200 4.37 -31.76 -39.76
N ALA A 201 3.61 -32.16 -40.78
CA ALA A 201 3.73 -31.52 -42.10
C ALA A 201 2.57 -31.69 -43.08
N SER A 202 2.69 -30.97 -44.19
CA SER A 202 1.79 -31.08 -45.35
C SER A 202 2.09 -32.36 -46.11
N GLU A 203 1.17 -32.78 -46.97
CA GLU A 203 1.31 -34.05 -47.67
C GLU A 203 2.62 -34.16 -48.46
N ASP A 204 2.92 -33.17 -49.27
CA ASP A 204 4.15 -33.13 -50.06
C ASP A 204 5.41 -33.08 -49.19
N ASP A 205 5.30 -32.37 -48.08
CA ASP A 205 6.42 -32.08 -47.20
C ASP A 205 6.98 -33.29 -46.44
N ALA A 206 6.12 -34.16 -45.94
CA ALA A 206 6.60 -35.32 -45.18
C ALA A 206 7.53 -36.18 -46.04
N THR A 207 7.22 -36.26 -47.33
CA THR A 207 8.08 -36.95 -48.29
C THR A 207 9.50 -36.39 -48.31
N ALA A 208 9.59 -35.08 -48.45
CA ALA A 208 10.88 -34.39 -48.49
C ALA A 208 11.62 -34.57 -47.17
N VAL A 209 10.86 -34.55 -46.08
CA VAL A 209 11.45 -34.71 -44.75
C VAL A 209 12.09 -36.08 -44.59
N TYR A 210 11.34 -37.13 -44.91
CA TYR A 210 11.86 -38.49 -44.77
C TYR A 210 13.00 -38.73 -45.76
N LYS A 211 12.87 -38.15 -46.95
CA LYS A 211 13.87 -38.28 -48.00
C LYS A 211 15.20 -37.69 -47.56
N SER A 212 15.14 -36.50 -46.97
CA SER A 212 16.33 -35.84 -46.44
C SER A 212 16.87 -36.52 -45.18
N ALA A 213 15.96 -37.03 -44.35
CA ALA A 213 16.32 -37.65 -43.08
C ALA A 213 17.05 -38.98 -43.27
N ALA A 214 16.61 -39.75 -44.26
CA ALA A 214 17.21 -41.04 -44.56
C ALA A 214 18.65 -40.85 -45.04
N MET A 215 18.87 -39.73 -45.74
CA MET A 215 20.20 -39.37 -46.22
C MET A 215 21.20 -39.22 -45.08
N LEU A 216 20.76 -38.60 -43.99
CA LEU A 216 21.63 -38.43 -42.82
C LEU A 216 21.52 -39.62 -41.87
N ASP A 217 20.77 -40.64 -42.27
CA ASP A 217 20.63 -41.87 -41.49
C ASP A 217 20.12 -41.60 -40.09
N MET A 218 19.10 -40.74 -40.01
CA MET A 218 18.44 -40.45 -38.76
C MET A 218 17.34 -41.47 -38.51
N THR A 219 17.09 -42.33 -39.50
CA THR A 219 16.12 -43.41 -39.35
C THR A 219 16.68 -44.61 -38.57
N GLY A 220 17.98 -44.61 -38.31
CA GLY A 220 18.63 -45.72 -37.63
C GLY A 220 18.26 -45.88 -36.17
N ALA A 221 18.68 -46.98 -35.55
CA ALA A 221 18.37 -47.19 -34.15
C ALA A 221 19.09 -46.15 -33.31
N GLY A 222 18.51 -45.88 -32.13
CA GLY A 222 18.93 -44.77 -31.31
C GLY A 222 18.24 -43.50 -31.76
N TYR A 223 17.59 -43.58 -32.91
CA TYR A 223 16.78 -42.47 -33.41
C TYR A 223 15.39 -43.03 -33.54
N VAL A 224 14.36 -42.24 -33.24
CA VAL A 224 12.97 -42.67 -33.27
C VAL A 224 12.05 -41.74 -34.07
N TRP A 225 10.96 -42.26 -34.63
CA TRP A 225 10.08 -41.35 -35.35
C TRP A 225 8.64 -41.38 -34.84
N LEU A 226 8.13 -40.18 -34.57
CA LEU A 226 6.72 -39.99 -34.20
C LEU A 226 6.16 -38.96 -35.18
N VAL A 227 4.93 -39.16 -35.64
CA VAL A 227 4.44 -38.34 -36.75
C VAL A 227 2.93 -38.17 -36.77
N GLY A 228 2.44 -37.21 -37.55
CA GLY A 228 1.00 -37.02 -37.64
C GLY A 228 0.35 -37.94 -38.65
N GLU A 229 -0.97 -38.09 -38.54
CA GLU A 229 -1.74 -38.99 -39.40
C GLU A 229 -1.78 -38.63 -40.89
N ARG A 230 -2.00 -37.36 -41.17
CA ARG A 230 -2.14 -36.87 -42.55
C ARG A 230 -0.86 -37.10 -43.31
N GLU A 231 0.23 -36.90 -42.59
CA GLU A 231 1.59 -36.98 -43.12
C GLU A 231 1.93 -38.38 -43.59
N ILE A 232 1.48 -39.38 -42.84
CA ILE A 232 1.78 -40.78 -43.13
C ILE A 232 1.10 -41.30 -44.40
N SER A 233 -0.02 -40.71 -44.77
CA SER A 233 -0.84 -41.16 -45.91
C SER A 233 -0.29 -40.60 -47.23
N GLY A 234 -0.61 -41.25 -48.34
CA GLY A 234 -0.24 -40.74 -49.67
C GLY A 234 1.19 -41.03 -50.08
N SER A 235 1.79 -40.16 -50.90
CA SER A 235 3.15 -40.40 -51.37
C SER A 235 4.17 -40.53 -50.24
N ALA A 236 3.92 -39.82 -49.15
CA ALA A 236 4.78 -39.91 -47.98
C ALA A 236 4.85 -41.34 -47.44
N LEU A 237 3.73 -42.04 -47.56
CA LEU A 237 3.63 -43.43 -47.10
C LEU A 237 4.64 -44.26 -47.84
N ARG A 238 4.83 -43.96 -49.11
CA ARG A 238 5.75 -44.74 -49.93
C ARG A 238 7.17 -44.63 -49.38
N TYR A 239 7.54 -43.44 -48.92
CA TYR A 239 8.92 -43.17 -48.49
C TYR A 239 9.19 -43.27 -46.99
N ALA A 240 8.20 -43.67 -46.21
CA ALA A 240 8.32 -43.71 -44.75
C ALA A 240 9.37 -44.71 -44.24
N PRO A 241 10.08 -44.34 -43.16
CA PRO A 241 11.09 -45.17 -42.49
C PRO A 241 10.48 -46.27 -41.63
N ASP A 242 11.26 -47.32 -41.36
CA ASP A 242 10.77 -48.45 -40.58
C ASP A 242 10.68 -48.11 -39.10
N GLY A 243 9.77 -48.79 -38.42
CA GLY A 243 9.66 -48.68 -36.98
C GLY A 243 9.06 -47.40 -36.45
N ILE A 244 8.60 -46.56 -37.37
CA ILE A 244 8.03 -45.28 -37.00
C ILE A 244 6.77 -45.48 -36.18
N ILE A 245 6.48 -44.51 -35.33
CA ILE A 245 5.23 -44.49 -34.58
C ILE A 245 4.35 -43.50 -35.31
N GLY A 246 3.07 -43.86 -35.44
CA GLY A 246 2.16 -43.13 -36.31
C GLY A 246 0.79 -43.07 -35.70
N LEU A 247 -0.06 -42.17 -36.22
CA LEU A 247 -1.36 -41.93 -35.63
C LEU A 247 -2.51 -42.08 -36.61
N GLN A 248 -3.65 -42.57 -36.11
CA GLN A 248 -4.82 -42.77 -36.95
C GLN A 248 -6.10 -42.47 -36.17
N LEU A 249 -7.04 -41.80 -36.82
CA LEU A 249 -8.32 -41.46 -36.20
C LEU A 249 -9.37 -42.51 -36.49
N ILE A 250 -10.49 -42.43 -35.78
CA ILE A 250 -11.59 -43.38 -35.96
C ILE A 250 -12.88 -42.66 -36.34
N ASN A 251 -13.72 -43.35 -37.12
CA ASN A 251 -14.99 -42.78 -37.56
C ASN A 251 -14.83 -41.36 -38.09
N GLY A 252 -13.91 -41.18 -39.03
CA GLY A 252 -13.66 -39.88 -39.61
C GLY A 252 -14.18 -39.78 -41.04
N LYS A 253 -14.25 -40.91 -41.73
CA LYS A 253 -14.73 -40.96 -43.10
C LYS A 253 -16.18 -41.40 -43.17
N ASN A 254 -16.82 -41.51 -42.01
CA ASN A 254 -18.21 -41.94 -41.92
C ASN A 254 -19.13 -40.82 -41.45
N GLU A 255 -19.95 -40.32 -42.36
CA GLU A 255 -20.88 -39.25 -42.05
C GLU A 255 -22.07 -39.73 -41.25
N SER A 256 -22.66 -40.88 -41.63
CA SER A 256 -23.94 -41.32 -41.04
C SER A 256 -23.99 -41.49 -39.53
N ALA A 257 -22.98 -42.15 -38.96
CA ALA A 257 -22.89 -42.32 -37.52
C ALA A 257 -22.83 -40.97 -36.82
N HIS A 258 -21.91 -40.14 -37.33
CA HIS A 258 -21.77 -38.77 -36.84
C HIS A 258 -23.07 -37.98 -37.03
N ILE A 259 -23.84 -38.31 -38.06
CA ILE A 259 -25.13 -37.68 -38.29
C ILE A 259 -26.09 -38.03 -37.17
N SER A 260 -26.28 -39.33 -36.95
CA SER A 260 -27.21 -39.80 -35.93
C SER A 260 -26.86 -39.22 -34.57
N ASP A 261 -25.57 -39.29 -34.23
CA ASP A 261 -25.12 -38.78 -32.95
C ASP A 261 -25.21 -37.27 -32.84
N ALA A 262 -24.79 -36.56 -33.88
CA ALA A 262 -24.84 -35.10 -33.87
C ALA A 262 -26.27 -34.62 -33.70
N VAL A 263 -27.18 -35.19 -34.48
CA VAL A 263 -28.60 -34.86 -34.37
C VAL A 263 -29.13 -35.23 -32.98
N ALA A 264 -28.67 -36.34 -32.43
CA ALA A 264 -29.07 -36.73 -31.08
C ALA A 264 -28.68 -35.65 -30.07
N VAL A 265 -27.44 -35.20 -30.19
CA VAL A 265 -26.90 -34.12 -29.37
C VAL A 265 -27.69 -32.83 -29.56
N VAL A 266 -28.04 -32.54 -30.81
CA VAL A 266 -28.82 -31.37 -31.15
C VAL A 266 -30.16 -31.44 -30.44
N ALA A 267 -30.79 -32.61 -30.49
CA ALA A 267 -32.08 -32.82 -29.87
C ALA A 267 -31.99 -32.59 -28.37
N GLN A 268 -30.99 -33.22 -27.76
CA GLN A 268 -30.77 -33.08 -26.32
C GLN A 268 -30.53 -31.61 -25.94
N ALA A 269 -29.78 -30.92 -26.79
CA ALA A 269 -29.45 -29.51 -26.60
C ALA A 269 -30.68 -28.61 -26.68
N ILE A 270 -31.51 -28.84 -27.69
CA ILE A 270 -32.73 -28.07 -27.89
C ILE A 270 -33.69 -28.30 -26.72
N HIS A 271 -33.89 -29.57 -26.39
CA HIS A 271 -34.78 -29.93 -25.28
C HIS A 271 -34.29 -29.35 -23.96
N GLU A 272 -32.97 -29.28 -23.80
CA GLU A 272 -32.37 -28.60 -22.65
C GLU A 272 -32.53 -27.08 -22.71
N LEU A 273 -32.58 -26.54 -23.92
CA LEU A 273 -32.63 -25.09 -24.16
C LEU A 273 -33.97 -24.48 -23.79
N PHE A 274 -35.05 -25.11 -24.25
CA PHE A 274 -36.39 -24.60 -24.06
C PHE A 274 -36.83 -24.64 -22.60
N GLU A 275 -36.05 -25.28 -21.74
CA GLU A 275 -36.30 -25.18 -20.30
C GLU A 275 -36.13 -23.73 -19.84
N MET A 276 -35.26 -23.01 -20.53
CA MET A 276 -35.04 -21.59 -20.28
C MET A 276 -36.04 -20.76 -21.09
N GLU A 277 -36.29 -19.54 -20.60
CA GLU A 277 -37.24 -18.64 -21.23
C GLU A 277 -36.50 -17.52 -21.94
N GLN A 278 -37.27 -16.62 -22.54
CA GLN A 278 -36.74 -15.50 -23.33
C GLN A 278 -36.01 -15.99 -24.57
N ILE A 279 -36.51 -17.07 -25.16
CA ILE A 279 -36.00 -17.60 -26.41
C ILE A 279 -36.60 -16.78 -27.57
N THR A 280 -35.86 -16.67 -28.67
CA THR A 280 -36.39 -16.04 -29.87
C THR A 280 -36.09 -16.93 -31.06
N ASP A 281 -37.04 -17.05 -31.97
CA ASP A 281 -36.81 -17.82 -33.18
C ASP A 281 -35.71 -17.15 -33.98
N PRO A 282 -34.96 -17.94 -34.76
CA PRO A 282 -33.92 -17.39 -35.61
C PRO A 282 -34.55 -16.54 -36.71
N PRO A 283 -33.76 -15.65 -37.33
CA PRO A 283 -34.31 -14.72 -38.33
C PRO A 283 -34.92 -15.44 -39.52
N ARG A 284 -36.08 -14.95 -39.96
CA ARG A 284 -36.81 -15.56 -41.06
C ARG A 284 -36.21 -15.07 -42.36
N GLY A 285 -35.45 -15.93 -43.01
CA GLY A 285 -34.90 -15.60 -44.31
C GLY A 285 -33.63 -14.78 -44.16
N CYS A 286 -32.76 -14.85 -45.16
CA CYS A 286 -31.54 -14.02 -45.13
C CYS A 286 -31.99 -12.57 -45.31
N VAL A 287 -32.97 -12.39 -46.20
CA VAL A 287 -33.43 -11.08 -46.61
C VAL A 287 -34.06 -10.24 -45.48
N GLY A 288 -33.62 -8.99 -45.37
CA GLY A 288 -34.19 -8.03 -44.43
C GLY A 288 -33.70 -8.03 -43.00
N ASN A 289 -32.76 -8.91 -42.67
CA ASN A 289 -32.24 -8.95 -41.30
C ASN A 289 -30.74 -8.70 -41.22
N THR A 290 -30.38 -7.54 -40.66
CA THR A 290 -28.99 -7.16 -40.51
C THR A 290 -28.51 -7.51 -39.12
N ASN A 291 -29.42 -8.05 -38.31
CA ASN A 291 -29.17 -8.27 -36.91
C ASN A 291 -28.93 -9.73 -36.59
N ILE A 292 -28.10 -9.97 -35.57
CA ILE A 292 -27.81 -11.34 -35.14
C ILE A 292 -29.01 -11.96 -34.44
N TRP A 293 -28.86 -13.22 -34.06
CA TRP A 293 -29.91 -13.94 -33.36
C TRP A 293 -29.48 -14.22 -31.94
N LYS A 294 -30.10 -13.54 -30.99
CA LYS A 294 -29.61 -13.44 -29.62
C LYS A 294 -29.50 -14.80 -28.93
N THR A 295 -30.38 -15.72 -29.28
CA THR A 295 -30.39 -17.06 -28.70
C THR A 295 -29.15 -17.87 -29.07
N GLY A 296 -28.68 -17.68 -30.30
CA GLY A 296 -27.63 -18.50 -30.89
C GLY A 296 -26.40 -18.79 -30.03
N PRO A 297 -25.79 -17.75 -29.43
CA PRO A 297 -24.69 -18.00 -28.51
C PRO A 297 -25.06 -18.87 -27.31
N LEU A 298 -26.26 -18.69 -26.77
CA LEU A 298 -26.73 -19.52 -25.67
C LEU A 298 -26.87 -20.98 -26.12
N PHE A 299 -27.46 -21.16 -27.30
CA PHE A 299 -27.59 -22.48 -27.90
C PHE A 299 -26.23 -23.14 -28.05
N LYS A 300 -25.24 -22.33 -28.44
CA LYS A 300 -23.86 -22.80 -28.52
C LYS A 300 -23.34 -23.22 -27.15
N ARG A 301 -23.66 -22.44 -26.13
CA ARG A 301 -23.15 -22.70 -24.78
C ARG A 301 -23.69 -24.01 -24.24
N VAL A 302 -25.00 -24.23 -24.35
CA VAL A 302 -25.57 -25.50 -23.91
C VAL A 302 -25.03 -26.65 -24.77
N LEU A 303 -24.96 -26.44 -26.08
CA LEU A 303 -24.56 -27.50 -27.01
C LEU A 303 -23.13 -27.98 -26.75
N MET A 304 -22.25 -27.05 -26.36
CA MET A 304 -20.89 -27.40 -26.00
C MET A 304 -20.82 -28.18 -24.69
N SER A 305 -21.78 -27.94 -23.81
CA SER A 305 -21.87 -28.59 -22.50
C SER A 305 -22.80 -29.81 -22.46
N SER A 306 -23.19 -30.32 -23.63
CA SER A 306 -24.39 -31.16 -23.79
C SER A 306 -24.32 -32.66 -23.45
N LYS A 307 -23.19 -33.14 -22.92
CA LYS A 307 -23.03 -34.54 -22.47
C LYS A 307 -23.58 -35.59 -23.44
N TYR A 308 -24.52 -36.41 -22.95
CA TYR A 308 -25.05 -37.55 -23.70
C TYR A 308 -23.94 -38.54 -24.10
N PRO A 309 -23.20 -39.07 -23.10
CA PRO A 309 -22.00 -39.87 -23.34
C PRO A 309 -22.26 -41.10 -24.21
N ASP A 310 -23.45 -41.67 -24.14
CA ASP A 310 -23.75 -42.81 -25.00
C ASP A 310 -24.08 -42.33 -26.40
N GLY A 311 -23.27 -42.74 -27.38
CA GLY A 311 -23.48 -42.37 -28.76
C GLY A 311 -22.82 -43.38 -29.70
N VAL A 312 -23.25 -43.40 -30.96
CA VAL A 312 -22.71 -44.35 -31.92
C VAL A 312 -21.21 -44.08 -32.18
N THR A 313 -20.85 -42.81 -32.21
CA THR A 313 -19.45 -42.42 -32.42
C THR A 313 -18.64 -42.55 -31.14
N GLY A 314 -19.33 -42.60 -30.01
CA GLY A 314 -18.63 -42.57 -28.73
C GLY A 314 -19.19 -41.47 -27.84
N ARG A 315 -18.46 -41.19 -26.75
CA ARG A 315 -18.85 -40.19 -25.77
C ARG A 315 -18.86 -38.82 -26.42
N ILE A 316 -19.76 -37.95 -25.98
CA ILE A 316 -19.85 -36.64 -26.61
C ILE A 316 -19.67 -35.51 -25.59
N GLU A 317 -18.60 -34.76 -25.81
CA GLU A 317 -18.29 -33.53 -25.08
C GLU A 317 -17.42 -32.60 -25.94
N PHE A 318 -17.47 -31.31 -25.66
CA PHE A 318 -16.76 -30.32 -26.48
C PHE A 318 -15.73 -29.51 -25.71
N ASN A 319 -14.53 -29.38 -26.26
CA ASN A 319 -13.47 -28.57 -25.67
C ASN A 319 -13.80 -27.08 -25.79
N GLU A 320 -12.95 -26.22 -25.24
CA GLU A 320 -13.22 -24.77 -25.23
C GLU A 320 -13.38 -24.23 -26.64
N ASP A 321 -12.56 -24.73 -27.56
CA ASP A 321 -12.58 -24.26 -28.94
C ASP A 321 -13.79 -24.79 -29.70
N GLY A 322 -14.55 -25.67 -29.08
CA GLY A 322 -15.69 -26.29 -29.72
C GLY A 322 -15.29 -27.58 -30.40
N ASP A 323 -13.99 -27.86 -30.37
CA ASP A 323 -13.46 -29.11 -30.91
C ASP A 323 -13.87 -30.25 -29.98
N ARG A 324 -14.00 -31.45 -30.53
CA ARG A 324 -14.45 -32.60 -29.76
C ARG A 324 -13.37 -33.06 -28.78
N LYS A 325 -13.80 -33.64 -27.66
CA LYS A 325 -12.88 -33.99 -26.58
C LYS A 325 -12.80 -35.49 -26.31
N PHE A 326 -11.84 -35.86 -25.46
CA PHE A 326 -11.63 -37.25 -25.10
C PHE A 326 -11.72 -38.16 -26.31
N ALA A 327 -11.29 -37.65 -27.47
CA ALA A 327 -11.35 -38.43 -28.69
C ALA A 327 -10.38 -39.60 -28.62
N GLN A 328 -10.59 -40.60 -29.47
CA GLN A 328 -9.74 -41.78 -29.45
C GLN A 328 -8.95 -41.92 -30.75
N TYR A 329 -7.65 -42.17 -30.60
CA TYR A 329 -6.76 -42.42 -31.73
C TYR A 329 -6.23 -43.85 -31.68
N SER A 330 -5.83 -44.38 -32.82
CA SER A 330 -5.25 -45.72 -32.91
C SER A 330 -3.78 -45.59 -33.28
N ILE A 331 -2.92 -46.04 -32.36
CA ILE A 331 -1.48 -45.97 -32.60
C ILE A 331 -1.10 -46.96 -33.69
N MET A 332 -0.13 -46.58 -34.49
CA MET A 332 0.24 -47.33 -35.66
C MET A 332 1.75 -47.57 -35.76
N ASN A 333 2.14 -48.73 -36.28
CA ASN A 333 3.54 -49.07 -36.44
C ASN A 333 3.87 -49.46 -37.87
N LEU A 334 5.15 -49.35 -38.24
CA LEU A 334 5.57 -49.49 -39.62
C LEU A 334 6.05 -50.90 -39.99
N GLN A 335 5.78 -51.87 -39.13
CA GLN A 335 6.34 -53.23 -39.27
C GLN A 335 6.24 -53.84 -40.66
N ASN A 336 7.38 -54.38 -41.11
CA ASN A 336 7.49 -54.98 -42.45
C ASN A 336 7.00 -54.09 -43.57
N ARG A 337 7.28 -52.79 -43.46
CA ARG A 337 6.83 -51.80 -44.43
C ARG A 337 5.31 -51.90 -44.61
N LYS A 338 4.62 -52.16 -43.51
CA LYS A 338 3.17 -52.23 -43.51
C LYS A 338 2.63 -51.61 -42.24
N LEU A 339 1.42 -51.07 -42.31
CA LEU A 339 0.82 -50.41 -41.17
C LEU A 339 0.23 -51.44 -40.20
N VAL A 340 0.56 -51.33 -38.91
CA VAL A 340 0.03 -52.26 -37.90
C VAL A 340 -0.33 -51.53 -36.60
N GLN A 341 -1.31 -52.04 -35.88
CA GLN A 341 -1.71 -51.39 -34.63
C GLN A 341 -0.96 -52.03 -33.48
N VAL A 342 0.01 -51.29 -32.93
CA VAL A 342 0.79 -51.77 -31.80
C VAL A 342 -0.09 -51.58 -30.56
N GLY A 343 -0.94 -50.56 -30.64
CA GLY A 343 -1.82 -50.22 -29.55
C GLY A 343 -2.92 -49.27 -29.99
N ILE A 344 -3.84 -49.01 -29.07
CA ILE A 344 -4.90 -48.04 -29.31
C ILE A 344 -5.10 -47.14 -28.11
N PHE A 345 -5.34 -45.87 -28.39
CA PHE A 345 -5.47 -44.83 -27.38
C PHE A 345 -6.91 -44.33 -27.29
N ASP A 346 -7.50 -44.47 -26.11
CA ASP A 346 -8.86 -43.98 -25.88
C ASP A 346 -8.95 -43.29 -24.53
N GLY A 347 -9.66 -42.16 -24.49
CA GLY A 347 -9.75 -41.38 -23.25
C GLY A 347 -8.41 -40.73 -22.96
N SER A 348 -8.17 -40.42 -21.68
CA SER A 348 -6.91 -39.81 -21.28
C SER A 348 -5.77 -40.82 -21.14
N TYR A 349 -6.10 -42.11 -21.15
CA TYR A 349 -5.10 -43.15 -20.96
C TYR A 349 -4.86 -44.00 -22.21
N ILE A 350 -3.59 -44.22 -22.56
CA ILE A 350 -3.25 -45.11 -23.66
C ILE A 350 -3.56 -46.57 -23.33
N ILE A 351 -3.83 -47.37 -24.35
CA ILE A 351 -3.98 -48.81 -24.17
C ILE A 351 -3.04 -49.55 -25.12
N GLN A 352 -2.35 -50.55 -24.59
CA GLN A 352 -1.35 -51.28 -25.37
C GLN A 352 -1.93 -52.57 -25.94
N ASN A 353 -2.03 -52.66 -27.25
CA ASN A 353 -2.48 -53.90 -27.87
C ASN A 353 -1.40 -54.99 -27.83
N ASP A 354 -1.85 -56.24 -28.00
CA ASP A 354 -0.99 -57.41 -27.86
C ASP A 354 0.08 -57.46 -28.95
N ARG A 355 -0.12 -56.62 -29.97
CA ARG A 355 0.67 -56.65 -31.20
C ARG A 355 2.10 -56.18 -31.00
N LYS A 356 3.01 -56.74 -31.80
CA LYS A 356 4.40 -56.41 -31.66
C LYS A 356 4.66 -54.96 -32.01
N ILE A 357 5.56 -54.37 -31.24
CA ILE A 357 5.99 -52.99 -31.37
C ILE A 357 6.92 -52.81 -32.56
N ILE A 358 6.84 -51.68 -33.25
CA ILE A 358 7.89 -51.51 -34.23
C ILE A 358 8.71 -50.31 -33.83
N TRP A 359 10.01 -50.48 -33.93
CA TRP A 359 10.93 -49.42 -33.65
C TRP A 359 11.84 -49.30 -34.85
N PRO A 360 12.53 -48.17 -34.96
CA PRO A 360 13.40 -47.89 -36.10
C PRO A 360 14.70 -48.68 -36.02
N GLY A 361 15.27 -49.09 -37.15
CA GLY A 361 16.45 -49.92 -37.07
C GLY A 361 16.31 -51.41 -36.78
N GLY A 362 17.47 -51.95 -36.39
CA GLY A 362 17.69 -53.33 -36.01
C GLY A 362 17.22 -53.50 -34.58
N GLU A 363 16.02 -52.96 -34.33
CA GLU A 363 15.34 -53.16 -33.08
C GLU A 363 13.86 -53.47 -33.23
N THR A 364 13.49 -54.53 -32.53
CA THR A 364 12.14 -55.02 -32.32
C THR A 364 11.43 -54.03 -31.41
N GLU A 365 12.16 -53.63 -30.37
CA GLU A 365 11.78 -52.46 -29.59
C GLU A 365 12.98 -51.61 -29.19
N ARG A 366 12.90 -50.33 -29.52
CA ARG A 366 13.91 -49.33 -29.19
C ARG A 366 13.26 -48.00 -28.83
N TYR A 370 18.20 -41.45 -25.48
CA TYR A 370 19.00 -40.34 -24.94
C TYR A 370 20.32 -40.22 -25.70
N GLN A 371 21.04 -41.32 -25.81
CA GLN A 371 22.33 -41.34 -26.51
C GLN A 371 23.45 -40.84 -25.60
N MET A 372 24.55 -41.58 -25.58
CA MET A 372 25.70 -41.22 -24.76
C MET A 372 26.75 -40.47 -25.57
N SER A 373 26.93 -39.19 -25.24
CA SER A 373 27.90 -38.36 -25.95
C SER A 373 29.24 -38.34 -25.21
N THR A 374 30.19 -39.12 -25.71
CA THR A 374 31.51 -39.20 -25.11
C THR A 374 32.29 -37.90 -25.31
N ARG A 375 31.77 -37.04 -26.18
CA ARG A 375 32.41 -35.76 -26.47
C ARG A 375 31.82 -34.50 -25.84
N LEU A 376 32.65 -33.50 -25.58
CA LEU A 376 32.15 -32.25 -25.04
C LEU A 376 32.56 -31.18 -26.04
N LYS A 377 31.58 -30.44 -26.54
CA LYS A 377 31.88 -29.24 -27.30
C LYS A 377 31.97 -28.08 -26.33
N ILE A 378 33.12 -27.41 -26.32
CA ILE A 378 33.33 -26.33 -25.37
C ILE A 378 33.44 -25.01 -26.11
N VAL A 379 32.94 -23.96 -25.49
CA VAL A 379 32.93 -22.66 -26.12
C VAL A 379 33.59 -21.67 -25.18
N THR A 380 34.19 -20.63 -25.74
CA THR A 380 34.80 -19.59 -24.92
C THR A 380 34.71 -18.24 -25.62
N ILE A 381 35.27 -17.24 -24.96
CA ILE A 381 35.30 -15.88 -25.49
C ILE A 381 36.72 -15.37 -25.35
N HIS A 382 37.06 -14.29 -26.03
CA HIS A 382 38.42 -13.83 -25.94
C HIS A 382 38.49 -12.87 -24.77
N GLN A 383 39.01 -13.39 -23.66
CA GLN A 383 39.27 -12.62 -22.46
C GLN A 383 40.72 -12.85 -22.07
N GLU A 384 41.48 -11.77 -21.97
CA GLU A 384 42.94 -11.87 -21.90
C GLU A 384 43.52 -12.68 -20.73
N PRO A 385 43.05 -12.46 -19.49
CA PRO A 385 43.73 -13.19 -18.42
C PRO A 385 43.52 -14.71 -18.44
N PHE A 386 42.28 -15.15 -18.66
CA PHE A 386 41.97 -16.57 -18.56
C PHE A 386 42.02 -17.31 -19.91
N VAL A 387 42.14 -16.56 -20.99
CA VAL A 387 42.24 -17.14 -22.34
C VAL A 387 43.21 -16.35 -23.22
N TYR A 388 44.06 -17.06 -23.96
CA TYR A 388 44.90 -16.40 -24.97
C TYR A 388 44.77 -17.03 -26.34
N VAL A 389 44.81 -16.19 -27.37
CA VAL A 389 44.64 -16.60 -28.75
C VAL A 389 45.85 -16.29 -29.63
N ARG A 390 46.40 -17.32 -30.25
CA ARG A 390 47.42 -17.15 -31.28
C ARG A 390 47.13 -18.19 -32.35
N PRO A 391 47.35 -17.87 -33.63
CA PRO A 391 47.07 -18.94 -34.60
C PRO A 391 48.18 -19.99 -34.60
N THR A 392 47.84 -21.22 -34.97
CA THR A 392 48.85 -22.27 -35.08
C THR A 392 49.78 -21.88 -36.22
N THR A 393 51.08 -21.99 -36.02
CA THR A 393 52.00 -21.58 -37.06
C THR A 393 51.89 -22.55 -38.22
N SER A 394 51.49 -22.04 -39.38
CA SER A 394 51.19 -22.87 -40.54
C SER A 394 50.31 -24.05 -40.14
N ASP A 395 50.72 -25.26 -40.51
CA ASP A 395 50.09 -26.48 -40.02
C ASP A 395 50.53 -26.82 -38.60
N GLY A 396 51.80 -26.54 -38.28
CA GLY A 396 52.34 -26.83 -36.95
C GLY A 396 51.47 -26.24 -35.85
N THR A 397 51.39 -26.92 -34.71
CA THR A 397 50.34 -26.60 -33.75
C THR A 397 50.65 -25.50 -32.74
N CYS A 398 51.40 -25.82 -31.69
CA CYS A 398 51.50 -24.90 -30.55
C CYS A 398 52.93 -24.69 -30.04
N ARG A 399 53.17 -23.49 -29.53
CA ARG A 399 54.51 -23.11 -29.07
C ARG A 399 54.88 -23.75 -27.73
N GLU A 400 56.17 -23.98 -27.55
CA GLU A 400 56.72 -24.65 -26.37
C GLU A 400 56.96 -23.62 -25.27
N GLU A 401 56.41 -22.43 -25.47
CA GLU A 401 56.60 -21.29 -24.58
C GLU A 401 56.35 -21.69 -23.14
N TYR A 402 57.13 -21.12 -22.23
CA TYR A 402 57.18 -21.59 -20.86
C TYR A 402 56.73 -20.54 -19.86
N THR A 403 56.04 -21.01 -18.82
CA THR A 403 55.57 -20.14 -17.74
C THR A 403 56.76 -19.57 -16.97
N ILE A 404 56.52 -18.50 -16.21
CA ILE A 404 57.57 -17.86 -15.43
C ILE A 404 58.18 -18.85 -14.44
N ASN A 405 57.34 -19.63 -13.77
CA ASN A 405 57.82 -20.83 -13.09
C ASN A 405 58.13 -21.82 -14.18
N GLY A 406 59.29 -22.47 -14.15
CA GLY A 406 59.64 -23.27 -15.30
C GLY A 406 58.68 -24.43 -15.45
N ASP A 407 57.82 -24.28 -16.44
CA ASP A 407 56.94 -25.32 -16.92
C ASP A 407 56.65 -24.99 -18.37
N PRO A 408 56.46 -26.00 -19.23
CA PRO A 408 56.02 -25.65 -20.58
C PRO A 408 54.55 -25.26 -20.58
N ILE A 409 54.15 -24.30 -21.40
CA ILE A 409 52.74 -23.89 -21.43
C ILE A 409 51.94 -24.89 -22.23
N LYS A 410 50.83 -25.33 -21.65
CA LYS A 410 49.91 -26.22 -22.34
C LYS A 410 49.05 -25.41 -23.31
N LYS A 411 48.51 -26.07 -24.32
CA LYS A 411 47.70 -25.37 -25.32
C LYS A 411 46.72 -26.31 -26.02
N VAL A 412 45.64 -25.76 -26.58
CA VAL A 412 44.65 -26.57 -27.30
C VAL A 412 44.09 -25.81 -28.51
N ILE A 413 43.52 -26.53 -29.48
CA ILE A 413 42.99 -25.88 -30.68
C ILE A 413 41.53 -25.42 -30.50
N CYS A 414 41.23 -24.22 -30.99
CA CYS A 414 39.92 -23.59 -30.86
C CYS A 414 39.50 -22.88 -32.15
N ASN A 415 38.29 -23.16 -32.62
CA ASN A 415 37.76 -22.49 -33.81
C ASN A 415 36.91 -21.28 -33.42
N GLY A 416 37.30 -20.10 -33.87
CA GLY A 416 36.61 -18.90 -33.42
C GLY A 416 36.62 -17.75 -34.40
N PRO A 417 35.93 -16.65 -34.06
CA PRO A 417 35.79 -15.55 -35.01
C PRO A 417 37.13 -14.87 -35.27
N ASP A 418 37.41 -14.59 -36.52
CA ASP A 418 38.60 -13.83 -36.88
C ASP A 418 38.21 -12.53 -37.55
N GLU A 419 38.76 -11.43 -37.05
CA GLU A 419 38.55 -10.12 -37.65
C GLU A 419 39.71 -9.75 -38.59
N THR A 420 40.71 -10.62 -38.67
CA THR A 420 41.90 -10.35 -39.47
C THR A 420 41.57 -10.30 -40.96
N ILE A 421 40.83 -11.29 -41.43
CA ILE A 421 40.28 -11.24 -42.78
C ILE A 421 39.15 -10.21 -42.80
N PRO A 422 38.95 -9.54 -43.93
CA PRO A 422 37.87 -8.55 -44.05
C PRO A 422 36.50 -9.17 -43.78
N GLY A 423 36.20 -10.30 -44.42
CA GLY A 423 35.03 -11.08 -44.04
C GLY A 423 35.39 -11.82 -42.76
N ARG A 424 34.41 -12.30 -42.02
CA ARG A 424 34.73 -13.04 -40.80
C ARG A 424 34.45 -14.54 -40.94
N PRO A 425 35.51 -15.31 -41.17
CA PRO A 425 35.52 -16.79 -41.19
C PRO A 425 35.64 -17.38 -39.79
N THR A 426 35.01 -18.53 -39.54
CA THR A 426 35.30 -19.20 -38.29
C THR A 426 36.64 -19.88 -38.51
N VAL A 427 37.64 -19.39 -37.78
CA VAL A 427 39.04 -19.68 -38.05
C VAL A 427 39.64 -20.66 -37.06
N PRO A 428 40.37 -21.67 -37.58
CA PRO A 428 41.15 -22.53 -36.68
C PRO A 428 42.25 -21.74 -35.98
N GLN A 429 42.34 -21.89 -34.67
CA GLN A 429 43.26 -21.09 -33.86
C GLN A 429 43.83 -21.94 -32.74
N CYS A 430 44.91 -21.46 -32.13
CA CYS A 430 45.43 -22.06 -30.91
C CYS A 430 45.07 -21.16 -29.73
N CYS A 431 44.51 -21.77 -28.69
CA CYS A 431 44.15 -21.07 -27.47
C CYS A 431 44.72 -21.76 -26.24
N TYR A 432 45.34 -20.96 -25.38
CA TYR A 432 45.87 -21.50 -24.12
C TYR A 432 45.44 -20.66 -22.94
N GLY A 433 45.03 -21.30 -21.85
CA GLY A 433 44.51 -20.56 -20.71
C GLY A 433 44.44 -21.26 -19.37
N PHE A 434 44.20 -20.45 -18.33
CA PHE A 434 43.88 -20.91 -16.99
C PHE A 434 42.69 -21.85 -17.02
N CYS A 435 41.65 -21.42 -17.71
CA CYS A 435 40.45 -22.22 -17.88
C CYS A 435 40.74 -23.50 -18.67
N VAL A 436 41.70 -23.43 -19.58
CA VAL A 436 42.11 -24.62 -20.35
C VAL A 436 42.84 -25.63 -19.48
N ASP A 437 43.78 -25.15 -18.68
CA ASP A 437 44.49 -26.00 -17.73
C ASP A 437 43.50 -26.65 -16.77
N LEU A 438 42.52 -25.86 -16.34
CA LEU A 438 41.45 -26.35 -15.48
C LEU A 438 40.65 -27.43 -16.18
N LEU A 439 40.34 -27.18 -17.45
CA LEU A 439 39.53 -28.08 -18.25
C LEU A 439 40.20 -29.42 -18.45
N ILE A 440 41.49 -29.39 -18.78
CA ILE A 440 42.29 -30.60 -18.94
C ILE A 440 42.52 -31.30 -17.59
N LYS A 441 42.62 -30.51 -16.52
CA LYS A 441 42.72 -31.06 -15.17
C LYS A 441 41.49 -31.90 -14.89
N LEU A 442 40.35 -31.34 -15.26
CA LEU A 442 39.09 -32.05 -15.15
C LEU A 442 39.14 -33.28 -16.06
N ALA A 443 39.65 -33.11 -17.28
CA ALA A 443 39.66 -34.16 -18.30
C ALA A 443 40.49 -35.38 -17.88
N ARG A 444 41.54 -35.14 -17.12
CA ARG A 444 42.29 -36.22 -16.51
C ARG A 444 41.47 -36.80 -15.35
N GLU A 445 40.86 -35.91 -14.56
CA GLU A 445 39.95 -36.34 -13.49
C GLU A 445 38.64 -36.97 -14.01
N MET A 446 38.10 -36.42 -15.09
CA MET A 446 36.78 -36.80 -15.58
C MET A 446 36.90 -37.69 -16.82
N ASP A 447 35.92 -38.57 -17.00
CA ASP A 447 35.93 -39.53 -18.10
C ASP A 447 35.90 -38.86 -19.48
N PHE A 448 35.53 -37.58 -19.51
CA PHE A 448 35.25 -36.87 -20.77
C PHE A 448 36.47 -36.58 -21.64
N THR A 449 36.20 -36.31 -22.91
CA THR A 449 37.19 -35.78 -23.84
C THR A 449 36.66 -34.45 -24.39
N TYR A 450 37.57 -33.54 -24.75
CA TYR A 450 37.16 -32.17 -25.07
C TYR A 450 37.60 -31.68 -26.45
N GLU A 451 36.68 -31.00 -27.13
CA GLU A 451 37.00 -30.24 -28.33
C GLU A 451 36.40 -28.85 -28.16
N VAL A 452 37.22 -27.82 -28.36
CA VAL A 452 36.85 -26.46 -28.04
C VAL A 452 36.82 -25.56 -29.26
N HIS A 453 35.75 -24.78 -29.40
CA HIS A 453 35.74 -23.71 -30.38
C HIS A 453 35.15 -22.44 -29.78
N LEU A 454 35.80 -21.31 -30.02
CA LEU A 454 35.33 -20.04 -29.49
C LEU A 454 34.03 -19.62 -30.16
N VAL A 455 33.15 -18.98 -29.41
CA VAL A 455 31.87 -18.54 -29.95
C VAL A 455 32.07 -17.47 -31.02
N ALA A 456 31.20 -17.47 -32.02
CA ALA A 456 31.28 -16.54 -33.13
C ALA A 456 31.15 -15.10 -32.65
N ASP A 457 30.23 -14.86 -31.73
CA ASP A 457 30.03 -13.52 -31.20
C ASP A 457 31.05 -13.23 -30.11
N GLY A 458 31.62 -12.03 -30.10
CA GLY A 458 32.60 -11.66 -29.11
C GLY A 458 31.98 -11.57 -27.73
N LYS A 459 30.67 -11.37 -27.69
CA LYS A 459 29.95 -11.28 -26.43
C LYS A 459 29.68 -12.67 -25.87
N PHE A 460 29.73 -12.79 -24.53
CA PHE A 460 29.42 -14.05 -23.86
C PHE A 460 27.95 -14.40 -24.02
N GLY A 461 27.09 -13.51 -23.54
CA GLY A 461 25.70 -13.50 -23.93
C GLY A 461 24.81 -12.47 -23.27
N THR A 462 23.75 -12.07 -23.99
CA THR A 462 22.70 -11.17 -23.49
C THR A 462 21.38 -11.37 -24.21
N GLN A 463 20.26 -11.33 -23.47
CA GLN A 463 18.94 -11.46 -24.08
C GLN A 463 18.67 -10.32 -25.06
N GLU A 464 18.07 -10.64 -26.21
CA GLU A 464 17.81 -9.64 -27.24
C GLU A 464 16.78 -10.04 -28.29
N ARG A 465 16.70 -9.20 -29.33
CA ARG A 465 15.82 -9.31 -30.49
C ARG A 465 14.30 -9.18 -30.27
N VAL A 466 13.52 -10.04 -30.94
CA VAL A 466 12.16 -9.69 -31.33
C VAL A 466 11.09 -9.73 -30.23
N ASN A 467 10.04 -8.94 -30.44
CA ASN A 467 9.01 -8.65 -29.45
C ASN A 467 7.96 -9.74 -29.20
N ASN A 468 7.41 -10.30 -30.28
CA ASN A 468 6.32 -11.26 -30.18
C ASN A 468 6.66 -12.51 -29.37
N SER A 469 5.71 -12.95 -28.54
CA SER A 469 5.92 -14.02 -27.56
C SER A 469 7.18 -13.69 -26.75
N ASN A 470 8.07 -14.66 -26.64
CA ASN A 470 9.46 -14.33 -26.40
C ASN A 470 10.20 -14.86 -27.62
N ALA A 471 10.94 -13.98 -28.29
CA ALA A 471 11.51 -14.33 -29.57
C ALA A 471 13.04 -14.28 -29.56
N ALA A 472 13.61 -15.14 -30.40
CA ALA A 472 15.02 -15.47 -30.43
C ALA A 472 15.55 -15.86 -29.06
N ALA A 473 16.81 -15.54 -28.81
CA ALA A 473 17.48 -15.94 -27.58
C ALA A 473 18.72 -15.08 -27.39
N TRP A 474 19.21 -15.06 -26.17
CA TRP A 474 20.37 -14.23 -25.85
C TRP A 474 21.54 -14.53 -26.79
N ASN A 475 22.04 -13.47 -27.43
CA ASN A 475 23.15 -13.62 -28.36
C ASN A 475 24.41 -14.01 -27.61
N GLY A 476 25.23 -14.89 -28.19
CA GLY A 476 26.51 -15.26 -27.58
C GLY A 476 26.59 -16.64 -26.96
N MET A 477 27.81 -17.00 -26.53
CA MET A 477 28.18 -18.39 -26.20
C MET A 477 27.17 -19.12 -25.34
N MET A 478 26.58 -18.39 -24.41
CA MET A 478 25.44 -18.87 -23.64
C MET A 478 24.32 -19.38 -24.55
N GLY A 479 24.00 -18.58 -25.57
CA GLY A 479 23.02 -18.97 -26.57
C GLY A 479 23.43 -20.25 -27.26
N GLU A 480 24.72 -20.43 -27.47
CA GLU A 480 25.24 -21.68 -28.03
C GLU A 480 24.97 -22.83 -27.07
N LEU A 481 25.08 -22.55 -25.77
CA LEU A 481 24.86 -23.60 -24.77
C LEU A 481 23.42 -24.09 -24.78
N LEU A 482 22.47 -23.16 -24.80
CA LEU A 482 21.07 -23.59 -24.88
C LEU A 482 20.80 -24.27 -26.22
N SER A 483 21.37 -23.70 -27.27
CA SER A 483 21.22 -24.24 -28.62
C SER A 483 21.91 -25.60 -28.74
N GLY A 484 22.93 -25.82 -27.93
CA GLY A 484 23.65 -27.08 -27.95
C GLY A 484 24.86 -27.04 -28.86
N GLN A 485 25.17 -25.86 -29.41
CA GLN A 485 26.32 -25.70 -30.28
C GLN A 485 27.56 -26.11 -29.48
N ALA A 486 27.57 -25.69 -28.22
CA ALA A 486 28.50 -26.23 -27.25
C ALA A 486 27.70 -26.74 -26.05
N ASP A 487 28.02 -27.95 -25.60
CA ASP A 487 27.28 -28.56 -24.49
C ASP A 487 27.72 -27.99 -23.15
N MET A 488 28.95 -27.49 -23.09
CA MET A 488 29.48 -26.92 -21.86
C MET A 488 30.29 -25.65 -22.15
N ILE A 489 30.19 -24.66 -21.25
CA ILE A 489 30.86 -23.37 -21.46
C ILE A 489 32.02 -23.15 -20.49
N VAL A 490 33.23 -23.09 -21.01
CA VAL A 490 34.38 -22.75 -20.15
C VAL A 490 34.97 -21.40 -20.54
N ALA A 491 34.82 -20.45 -19.62
CA ALA A 491 35.21 -19.07 -19.84
C ALA A 491 35.20 -18.31 -18.51
N PRO A 492 35.59 -17.03 -18.50
CA PRO A 492 35.39 -16.26 -17.27
C PRO A 492 33.99 -15.66 -17.20
N LEU A 493 33.01 -16.43 -16.71
CA LEU A 493 31.63 -15.96 -16.70
C LEU A 493 31.16 -15.65 -15.27
N THR A 494 30.74 -14.42 -15.02
CA THR A 494 30.15 -14.07 -13.72
C THR A 494 28.82 -14.79 -13.51
N ILE A 495 28.49 -15.16 -12.28
CA ILE A 495 27.26 -15.92 -12.11
C ILE A 495 26.10 -15.12 -11.48
N ASN A 496 25.01 -15.01 -12.24
CA ASN A 496 23.83 -14.20 -11.87
C ASN A 496 22.47 -14.89 -12.05
N ASN A 497 21.47 -14.51 -11.23
CA ASN A 497 20.15 -15.16 -11.23
C ASN A 497 19.38 -15.11 -12.54
N GLU A 498 19.48 -13.99 -13.26
CA GLU A 498 18.75 -13.82 -14.51
C GLU A 498 19.13 -14.92 -15.48
N ARG A 499 20.43 -15.22 -15.55
CA ARG A 499 20.95 -16.33 -16.33
C ARG A 499 20.62 -17.66 -15.63
N ALA A 500 20.67 -17.64 -14.31
CA ALA A 500 20.67 -18.85 -13.47
C ALA A 500 19.43 -19.72 -13.65
N GLN A 501 18.28 -19.10 -13.83
CA GLN A 501 17.04 -19.84 -14.09
C GLN A 501 17.12 -20.69 -15.35
N TYR A 502 17.70 -20.12 -16.40
CA TYR A 502 17.87 -20.83 -17.67
C TYR A 502 18.80 -22.02 -17.60
N ILE A 503 19.91 -21.88 -16.87
CA ILE A 503 20.94 -22.91 -16.82
C ILE A 503 21.55 -23.21 -15.46
N GLU A 504 22.11 -24.41 -15.34
CA GLU A 504 22.86 -24.83 -14.17
C GLU A 504 24.22 -24.15 -14.17
N PHE A 505 24.73 -23.87 -12.99
CA PHE A 505 26.01 -23.19 -12.85
C PHE A 505 26.95 -23.97 -11.94
N SER A 506 28.18 -24.14 -12.41
CA SER A 506 29.19 -24.83 -11.62
C SER A 506 29.63 -23.95 -10.48
N LYS A 507 30.06 -24.58 -9.39
CA LYS A 507 30.56 -23.85 -8.24
C LYS A 507 31.73 -22.98 -8.69
N PRO A 508 31.85 -21.81 -8.09
CA PRO A 508 32.92 -20.87 -8.44
C PRO A 508 34.25 -21.26 -7.79
N PHE A 509 35.35 -20.92 -8.44
CA PHE A 509 36.68 -21.23 -7.92
C PHE A 509 37.51 -19.97 -7.72
N LYS A 510 36.90 -18.82 -7.99
CA LYS A 510 37.58 -17.53 -7.84
C LYS A 510 36.58 -16.39 -7.71
N TYR A 511 37.03 -15.29 -7.13
CA TYR A 511 36.18 -14.12 -6.94
C TYR A 511 36.77 -12.88 -7.60
N GLN A 512 35.95 -11.87 -7.81
CA GLN A 512 36.38 -10.62 -8.43
C GLN A 512 35.26 -9.60 -8.50
N GLY A 513 35.61 -8.33 -8.47
CA GLY A 513 34.64 -7.26 -8.53
C GLY A 513 35.10 -6.09 -9.37
N LEU A 514 34.25 -5.08 -9.51
CA LEU A 514 34.57 -3.90 -10.29
C LEU A 514 35.46 -2.96 -9.51
N THR A 515 36.21 -2.15 -10.24
CA THR A 515 37.12 -1.19 -9.63
C THR A 515 37.52 -0.14 -10.67
N ILE A 516 38.33 0.81 -10.23
CA ILE A 516 38.69 1.94 -11.05
C ILE A 516 40.20 2.05 -11.25
N LEU A 517 40.58 2.35 -12.48
CA LEU A 517 41.96 2.61 -12.84
C LEU A 517 42.19 4.10 -13.07
N VAL A 518 43.17 4.63 -12.35
CA VAL A 518 43.64 6.01 -12.48
C VAL A 518 45.17 6.02 -12.35
N LYS A 519 45.83 6.87 -13.14
CA LYS A 519 47.28 6.97 -13.10
C LYS A 519 47.78 7.41 -11.71
N LYS A 520 48.84 6.75 -11.25
CA LYS A 520 49.40 7.04 -9.93
C LYS A 520 50.11 8.37 -9.87
N ILE A 632 40.22 7.90 -6.01
CA ILE A 632 38.80 7.60 -5.88
C ILE A 632 38.51 6.88 -4.57
N THR A 633 37.93 7.61 -3.62
CA THR A 633 37.84 7.14 -2.23
C THR A 633 37.15 5.79 -2.12
N GLY A 634 36.02 5.65 -2.79
CA GLY A 634 35.22 4.45 -2.70
C GLY A 634 34.47 4.10 -3.96
N ILE A 635 33.75 2.99 -3.92
CA ILE A 635 32.83 2.61 -4.99
C ILE A 635 31.86 3.76 -5.05
N ASN A 636 31.50 4.25 -3.88
CA ASN A 636 30.80 5.51 -3.79
C ASN A 636 31.89 6.55 -3.55
N ASP A 637 32.16 7.31 -4.60
CA ASP A 637 33.14 8.38 -4.53
C ASP A 637 32.39 9.70 -4.63
N PRO A 638 32.60 10.58 -3.66
CA PRO A 638 31.96 11.89 -3.78
C PRO A 638 32.34 12.52 -5.12
N ARG A 639 33.57 12.26 -5.56
CA ARG A 639 34.07 12.73 -6.85
C ARG A 639 33.24 12.20 -8.02
N LEU A 640 32.73 10.97 -7.90
CA LEU A 640 31.75 10.44 -8.84
C LEU A 640 30.43 11.13 -8.58
N ARG A 641 30.08 11.20 -7.29
CA ARG A 641 28.85 11.83 -6.81
C ARG A 641 28.85 13.31 -7.18
N ASN A 642 30.07 13.88 -7.24
CA ASN A 642 30.27 15.23 -7.74
C ASN A 642 30.88 15.09 -9.11
N PRO A 643 30.04 14.77 -10.10
CA PRO A 643 30.61 14.56 -11.42
C PRO A 643 31.09 15.89 -11.97
N SER A 644 31.94 15.83 -12.98
CA SER A 644 32.36 17.05 -13.63
C SER A 644 32.57 16.74 -15.09
N ASP A 645 32.22 17.71 -15.92
CA ASP A 645 32.54 17.65 -17.33
C ASP A 645 34.06 17.67 -17.44
N LYS A 646 34.68 18.36 -16.49
CA LYS A 646 36.13 18.49 -16.43
C LYS A 646 36.79 17.18 -16.02
N PHE A 647 36.18 16.45 -15.07
CA PHE A 647 36.73 15.17 -14.66
C PHE A 647 35.88 14.03 -15.20
N ILE A 648 36.41 13.34 -16.21
CA ILE A 648 35.67 12.28 -16.89
C ILE A 648 35.66 10.98 -16.09
N TYR A 649 34.56 10.22 -16.16
CA TYR A 649 34.62 8.82 -15.74
C TYR A 649 33.98 7.92 -16.81
N ALA A 650 34.80 7.01 -17.33
CA ALA A 650 34.58 6.33 -18.61
C ALA A 650 34.28 4.84 -18.49
N THR A 651 33.44 4.35 -19.41
CA THR A 651 33.10 2.94 -19.46
C THR A 651 32.72 2.52 -20.87
N VAL A 652 32.42 1.23 -21.02
CA VAL A 652 31.98 0.71 -22.30
C VAL A 652 30.46 0.53 -22.30
N LYS A 653 29.79 1.13 -23.29
CA LYS A 653 28.36 0.90 -23.45
C LYS A 653 28.18 -0.56 -23.80
N GLN A 654 27.14 -1.18 -23.25
CA GLN A 654 26.80 -2.59 -23.47
C GLN A 654 27.72 -3.51 -22.67
N SER A 655 28.71 -2.94 -21.98
CA SER A 655 29.45 -3.73 -21.00
C SER A 655 28.48 -4.05 -19.86
N SER A 656 28.67 -5.19 -19.19
CA SER A 656 27.73 -5.62 -18.15
C SER A 656 27.57 -4.58 -17.05
N VAL A 657 28.63 -3.84 -16.77
CA VAL A 657 28.56 -2.69 -15.88
C VAL A 657 27.39 -1.76 -16.25
N ASP A 658 27.21 -1.54 -17.55
CA ASP A 658 26.09 -0.74 -18.03
C ASP A 658 24.76 -1.38 -17.65
N ILE A 659 24.70 -2.71 -17.71
CA ILE A 659 23.51 -3.44 -17.28
C ILE A 659 23.28 -3.24 -15.78
N TYR A 660 24.37 -3.18 -15.00
CA TYR A 660 24.27 -2.86 -13.58
C TYR A 660 23.66 -1.48 -13.39
N PHE A 661 24.07 -0.54 -14.22
CA PHE A 661 23.59 0.84 -14.13
C PHE A 661 22.12 0.97 -14.51
N ARG A 662 21.71 0.27 -15.57
CA ARG A 662 20.33 0.33 -16.05
C ARG A 662 19.36 -0.44 -15.15
N ARG A 663 19.72 -1.67 -14.78
CA ARG A 663 18.86 -2.53 -13.98
C ARG A 663 18.66 -2.00 -12.56
N GLN A 664 19.71 -1.43 -11.98
CA GLN A 664 19.64 -0.96 -10.60
C GLN A 664 18.97 0.39 -10.54
N VAL A 665 17.94 0.48 -9.70
CA VAL A 665 17.21 1.73 -9.49
C VAL A 665 17.94 2.69 -8.56
N GLU A 666 18.64 2.14 -7.56
CA GLU A 666 19.18 2.94 -6.47
C GLU A 666 20.23 3.94 -6.95
N LEU A 667 21.09 3.49 -7.86
CA LEU A 667 22.11 4.33 -8.47
C LEU A 667 21.68 4.88 -9.83
N SER A 668 20.43 4.63 -10.22
CA SER A 668 19.96 4.88 -11.59
C SER A 668 20.28 6.29 -12.09
N THR A 669 20.26 7.27 -11.18
CA THR A 669 20.70 8.62 -11.50
C THR A 669 22.16 8.66 -11.95
N MET A 670 23.02 7.95 -11.22
CA MET A 670 24.46 7.97 -11.48
C MET A 670 24.89 7.37 -12.83
N TYR A 671 24.05 6.50 -13.39
CA TYR A 671 24.34 5.84 -14.67
C TYR A 671 24.66 6.80 -15.83
N ARG A 672 23.84 7.82 -15.98
CA ARG A 672 23.90 8.74 -17.10
C ARG A 672 25.24 9.46 -17.28
N HIS A 673 25.83 9.88 -16.17
CA HIS A 673 27.13 10.55 -16.19
C HIS A 673 28.21 9.62 -16.77
N MET A 674 28.13 8.35 -16.43
CA MET A 674 29.01 7.30 -16.97
C MET A 674 28.72 7.07 -18.45
N GLU A 675 27.45 7.17 -18.83
CA GLU A 675 27.02 6.88 -20.18
C GLU A 675 27.73 7.81 -21.16
N LYS A 676 27.98 9.05 -20.73
CA LYS A 676 28.68 10.02 -21.57
C LYS A 676 30.11 9.55 -21.81
N HIS A 677 30.58 9.76 -23.05
CA HIS A 677 31.96 9.53 -23.45
C HIS A 677 32.40 8.07 -23.25
N ASN A 678 31.52 7.14 -23.62
CA ASN A 678 31.81 5.71 -23.55
C ASN A 678 32.79 5.23 -24.63
N TYR A 679 33.59 4.21 -24.31
CA TYR A 679 34.51 3.60 -25.28
C TYR A 679 34.04 2.21 -25.76
N GLU A 680 34.43 1.83 -26.96
CA GLU A 680 33.90 0.61 -27.59
C GLU A 680 34.54 -0.68 -27.05
N SER A 681 35.83 -0.65 -26.75
CA SER A 681 36.56 -1.86 -26.36
C SER A 681 37.54 -1.64 -25.21
N ALA A 682 38.05 -2.74 -24.66
CA ALA A 682 38.92 -2.68 -23.49
C ALA A 682 40.25 -1.96 -23.72
N ALA A 683 40.86 -2.21 -24.88
CA ALA A 683 42.15 -1.63 -25.17
C ALA A 683 42.06 -0.12 -25.24
N GLU A 684 41.05 0.37 -25.94
CA GLU A 684 40.82 1.80 -26.04
C GLU A 684 40.53 2.43 -24.68
N ALA A 685 39.76 1.71 -23.86
CA ALA A 685 39.45 2.21 -22.52
C ALA A 685 40.68 2.34 -21.62
N ILE A 686 41.57 1.36 -21.65
CA ILE A 686 42.83 1.48 -20.91
C ILE A 686 43.70 2.59 -21.47
N GLN A 687 43.72 2.65 -22.80
CA GLN A 687 44.52 3.64 -23.52
C GLN A 687 44.14 5.07 -23.17
N ALA A 688 42.85 5.33 -22.97
CA ALA A 688 42.42 6.70 -22.73
C ALA A 688 43.06 7.25 -21.47
N VAL A 689 43.11 6.41 -20.44
CA VAL A 689 43.72 6.74 -19.16
C VAL A 689 45.24 6.86 -19.34
N ARG A 690 45.79 5.93 -20.12
CA ARG A 690 47.22 5.95 -20.48
C ARG A 690 47.55 7.17 -21.34
N ASP A 691 46.66 7.49 -22.28
CA ASP A 691 46.82 8.64 -23.16
C ASP A 691 46.50 9.91 -22.36
N ASN A 692 45.86 9.68 -21.21
CA ASN A 692 45.35 10.71 -20.30
C ASN A 692 44.18 11.49 -20.86
N LYS A 693 43.52 10.91 -21.86
CA LYS A 693 42.33 11.48 -22.46
C LYS A 693 41.21 11.51 -21.44
N LEU A 694 41.12 10.41 -20.68
CA LEU A 694 40.13 10.24 -19.60
C LEU A 694 40.81 10.00 -18.25
N HIS A 695 40.43 10.79 -17.25
CA HIS A 695 41.05 10.72 -15.93
C HIS A 695 40.80 9.41 -15.19
N ALA A 696 39.66 8.76 -15.45
CA ALA A 696 39.34 7.53 -14.73
C ALA A 696 38.69 6.47 -15.63
N PHE A 697 38.89 5.21 -15.29
CA PHE A 697 38.30 4.09 -16.03
C PHE A 697 37.66 3.05 -15.10
N ILE A 698 36.44 2.61 -15.39
CA ILE A 698 35.78 1.63 -14.52
C ILE A 698 35.55 0.27 -15.17
N TRP A 699 36.13 -0.76 -14.57
CA TRP A 699 35.92 -2.12 -15.07
C TRP A 699 36.20 -3.17 -13.97
N ASP A 700 35.71 -4.39 -14.17
CA ASP A 700 35.91 -5.46 -13.21
C ASP A 700 37.39 -5.78 -13.04
N SER A 701 37.77 -6.18 -11.83
CA SER A 701 39.17 -6.27 -11.49
C SER A 701 39.96 -7.28 -12.31
N ALA A 702 39.38 -8.44 -12.60
CA ALA A 702 40.19 -9.53 -13.18
C ALA A 702 40.89 -9.11 -14.46
N VAL A 703 40.18 -8.39 -15.32
CA VAL A 703 40.77 -7.78 -16.51
C VAL A 703 41.72 -6.62 -16.16
N LEU A 704 41.38 -5.86 -15.13
CA LEU A 704 42.08 -4.61 -14.80
C LEU A 704 43.39 -4.74 -14.01
N GLU A 705 43.42 -5.60 -12.99
CA GLU A 705 44.58 -5.77 -12.11
C GLU A 705 45.79 -6.26 -12.88
N PHE A 706 45.57 -7.20 -13.81
CA PHE A 706 46.66 -7.69 -14.63
C PHE A 706 47.33 -6.54 -15.39
N GLU A 707 46.51 -5.65 -15.93
CA GLU A 707 46.98 -4.43 -16.59
C GLU A 707 47.70 -3.50 -15.61
N ALA A 708 47.19 -3.45 -14.38
CA ALA A 708 47.74 -2.63 -13.31
C ALA A 708 49.17 -3.06 -13.03
N SER A 709 49.39 -4.37 -13.04
CA SER A 709 50.72 -4.94 -13.00
C SER A 709 51.48 -4.62 -14.28
N GLN A 710 50.79 -4.67 -15.43
CA GLN A 710 51.45 -4.55 -16.71
C GLN A 710 52.11 -3.18 -16.91
N LYS A 711 51.50 -2.11 -16.40
CA LYS A 711 52.08 -0.79 -16.59
C LYS A 711 52.70 -0.22 -15.30
N CYS A 712 51.86 -0.09 -14.27
CA CYS A 712 52.17 0.47 -12.95
C CYS A 712 52.20 2.00 -13.02
N ASP A 713 52.11 2.51 -14.24
CA ASP A 713 51.87 3.93 -14.50
C ASP A 713 50.44 4.20 -14.06
N LEU A 714 49.63 3.15 -14.16
CA LEU A 714 48.22 3.22 -13.79
C LEU A 714 48.00 2.34 -12.58
N VAL A 715 46.99 2.68 -11.78
CA VAL A 715 46.71 1.99 -10.53
C VAL A 715 45.23 1.69 -10.36
N THR A 716 44.92 0.68 -9.57
CA THR A 716 43.55 0.31 -9.26
C THR A 716 43.31 0.87 -7.88
N THR A 717 42.09 1.32 -7.60
CA THR A 717 41.83 1.88 -6.27
C THR A 717 40.48 1.50 -5.68
N GLY A 718 40.43 1.52 -4.36
CA GLY A 718 39.22 1.19 -3.63
C GLY A 718 39.01 -0.30 -3.45
N GLU A 719 37.77 -0.65 -3.14
CA GLU A 719 37.40 -2.02 -2.80
C GLU A 719 36.52 -2.57 -3.90
N LEU A 720 36.82 -3.78 -4.36
CA LEU A 720 36.00 -4.42 -5.37
C LEU A 720 34.54 -4.40 -4.91
N PHE A 721 33.70 -3.81 -5.74
CA PHE A 721 32.28 -3.71 -5.48
C PHE A 721 31.60 -4.41 -6.64
N PHE A 722 30.33 -4.77 -6.47
CA PHE A 722 29.59 -5.44 -7.52
C PHE A 722 30.35 -6.67 -8.04
N ARG A 723 31.21 -7.21 -7.19
CA ARG A 723 32.01 -8.38 -7.56
C ARG A 723 31.12 -9.60 -7.78
N SER A 724 31.75 -10.75 -8.07
CA SER A 724 31.01 -11.99 -8.30
C SER A 724 31.96 -13.12 -8.65
N GLY A 725 31.46 -14.35 -8.57
CA GLY A 725 32.26 -15.52 -8.88
C GLY A 725 32.16 -15.91 -10.34
N PHE A 726 33.11 -16.72 -10.80
CA PHE A 726 33.14 -17.17 -12.18
C PHE A 726 32.95 -18.68 -12.21
N GLY A 727 32.09 -19.17 -13.09
CA GLY A 727 31.77 -20.59 -13.10
C GLY A 727 31.50 -21.15 -14.48
N ILE A 728 31.54 -22.47 -14.60
CA ILE A 728 31.36 -23.16 -15.88
C ILE A 728 29.90 -23.53 -16.16
N GLY A 729 29.36 -23.02 -17.25
CA GLY A 729 27.97 -23.23 -17.61
C GLY A 729 27.59 -24.59 -18.17
N MET A 730 26.45 -25.11 -17.71
CA MET A 730 25.87 -26.35 -18.21
C MET A 730 24.35 -26.28 -18.10
N ARG A 731 23.66 -27.06 -18.92
CA ARG A 731 22.20 -27.15 -18.84
C ARG A 731 21.83 -27.85 -17.55
N LYS A 732 20.69 -27.48 -16.97
CA LYS A 732 20.25 -28.09 -15.72
C LYS A 732 20.05 -29.59 -15.90
N ASP A 733 19.69 -29.99 -17.11
CA ASP A 733 19.36 -31.38 -17.41
C ASP A 733 20.60 -32.27 -17.39
N SER A 734 21.76 -31.70 -17.69
CA SER A 734 23.00 -32.48 -17.72
C SER A 734 23.57 -32.68 -16.31
N PRO A 735 23.71 -33.95 -15.91
CA PRO A 735 24.25 -34.38 -14.60
C PRO A 735 25.76 -34.27 -14.44
N TRP A 736 26.48 -34.06 -15.53
CA TRP A 736 27.93 -33.95 -15.47
C TRP A 736 28.39 -32.77 -14.61
N LYS A 737 27.62 -31.69 -14.66
CA LYS A 737 27.83 -30.54 -13.79
C LYS A 737 27.88 -30.92 -12.32
N GLN A 738 27.08 -31.92 -11.92
CA GLN A 738 27.12 -32.40 -10.54
C GLN A 738 28.53 -32.84 -10.17
N GLU A 739 29.20 -33.55 -11.06
CA GLU A 739 30.59 -33.90 -10.85
C GLU A 739 31.48 -32.67 -10.93
N VAL A 740 31.19 -31.77 -11.86
CA VAL A 740 32.04 -30.62 -12.10
C VAL A 740 32.23 -29.81 -10.83
N SER A 741 31.11 -29.38 -10.24
CA SER A 741 31.19 -28.68 -8.97
C SER A 741 31.93 -29.54 -7.96
N LEU A 742 31.56 -30.83 -7.91
CA LEU A 742 32.20 -31.76 -6.99
C LEU A 742 33.70 -31.76 -7.22
N ASN A 743 34.08 -31.68 -8.49
CA ASN A 743 35.48 -31.59 -8.86
C ASN A 743 36.07 -30.22 -8.52
N ILE A 744 35.31 -29.15 -8.83
CA ILE A 744 35.78 -27.78 -8.58
C ILE A 744 36.19 -27.61 -7.13
N LEU A 745 35.30 -28.01 -6.22
CA LEU A 745 35.60 -27.99 -4.79
C LEU A 745 36.87 -28.77 -4.47
N LYS A 746 37.02 -29.96 -5.06
CA LYS A 746 38.20 -30.79 -4.82
C LYS A 746 39.45 -30.08 -5.30
N SER A 747 39.29 -29.22 -6.31
CA SER A 747 40.43 -28.46 -6.84
C SER A 747 40.73 -27.27 -5.96
N HIS A 748 39.73 -26.81 -5.22
CA HIS A 748 39.91 -25.65 -4.35
C HIS A 748 40.68 -26.03 -3.09
N GLU A 749 40.30 -27.16 -2.49
CA GLU A 749 40.84 -27.59 -1.22
C GLU A 749 42.35 -27.80 -1.24
N ASN A 750 42.86 -28.37 -2.34
CA ASN A 750 44.28 -28.67 -2.44
C ASN A 750 45.14 -27.45 -2.77
N GLY A 751 44.50 -26.35 -3.15
CA GLY A 751 45.22 -25.13 -3.48
C GLY A 751 45.64 -25.09 -4.93
N PHE A 752 45.02 -25.95 -5.73
CA PHE A 752 45.30 -26.02 -7.16
C PHE A 752 45.02 -24.69 -7.83
N MET A 753 43.88 -24.11 -7.49
CA MET A 753 43.48 -22.80 -8.01
C MET A 753 44.47 -21.73 -7.57
N GLU A 754 44.83 -21.72 -6.29
CA GLU A 754 45.77 -20.74 -5.75
C GLU A 754 47.07 -20.73 -6.56
N GLU A 755 47.58 -21.91 -6.88
CA GLU A 755 48.80 -22.01 -7.66
C GLU A 755 48.56 -21.63 -9.12
N LEU A 756 47.36 -21.86 -9.64
CA LEU A 756 47.06 -21.48 -11.01
C LEU A 756 46.91 -19.97 -11.17
N ASP A 757 46.26 -19.32 -10.22
CA ASP A 757 46.19 -17.87 -10.18
C ASP A 757 47.58 -17.31 -9.97
N LYS A 758 48.38 -18.01 -9.17
CA LYS A 758 49.76 -17.59 -8.91
C LYS A 758 50.60 -17.65 -10.18
N THR A 759 50.36 -18.67 -11.01
CA THR A 759 51.03 -18.77 -12.30
C THR A 759 50.56 -17.69 -13.27
N TRP A 760 49.24 -17.59 -13.47
CA TRP A 760 48.69 -16.70 -14.48
C TRP A 760 48.51 -15.25 -14.04
N VAL A 761 48.55 -15.01 -12.74
CA VAL A 761 48.38 -13.66 -12.20
C VAL A 761 49.59 -13.25 -11.37
N ARG A 762 50.62 -12.75 -12.04
CA ARG A 762 51.84 -12.32 -11.36
C ARG A 762 52.57 -11.09 -10.83
N TYR A 763 52.21 -9.92 -11.34
CA TYR A 763 52.83 -8.67 -10.92
C TYR A 763 54.27 -8.17 -10.85
N GLN A 764 55.13 -8.73 -11.70
CA GLN A 764 56.54 -8.32 -11.74
C GLN A 764 56.15 -6.85 -11.79
N GLU A 765 56.96 -5.98 -11.22
CA GLU A 765 56.74 -4.53 -11.37
C GLU A 765 55.52 -3.65 -11.09
N CYS A 766 55.30 -3.37 -9.79
CA CYS A 766 54.37 -2.35 -9.31
C CYS A 766 54.31 -2.40 -7.78
N ASP A 767 53.78 -1.35 -7.17
CA ASP A 767 53.59 -1.33 -5.72
C ASP A 767 52.55 -0.29 -5.31
N MET B 30 -12.31 -2.07 -66.55
CA MET B 30 -12.57 -3.05 -65.52
C MET B 30 -14.05 -3.10 -65.15
N ASP B 31 -14.47 -4.21 -64.55
CA ASP B 31 -15.85 -4.36 -64.08
C ASP B 31 -15.89 -4.51 -62.54
N ILE B 32 -16.63 -3.61 -61.89
CA ILE B 32 -16.66 -3.49 -60.44
C ILE B 32 -18.10 -3.33 -59.91
N ALA B 33 -18.32 -3.82 -58.69
CA ALA B 33 -19.60 -3.70 -58.02
C ALA B 33 -19.47 -3.30 -56.54
N VAL B 34 -20.43 -2.51 -56.07
CA VAL B 34 -20.46 -2.08 -54.67
C VAL B 34 -21.90 -2.15 -54.16
N ILE B 35 -22.06 -2.49 -52.89
CA ILE B 35 -23.39 -2.68 -52.30
C ILE B 35 -23.51 -1.94 -50.97
N LEU B 36 -24.67 -1.37 -50.72
CA LEU B 36 -24.93 -0.77 -49.42
C LEU B 36 -26.18 -1.35 -48.77
N VAL B 37 -26.05 -1.68 -47.48
CA VAL B 37 -27.18 -2.27 -46.81
C VAL B 37 -27.70 -1.37 -45.69
N GLY B 38 -29.02 -1.27 -45.72
CA GLY B 38 -29.98 -0.58 -44.87
C GLY B 38 -29.99 0.94 -45.08
N THR B 39 -30.38 1.64 -44.02
CA THR B 39 -30.51 3.10 -43.89
C THR B 39 -31.85 3.45 -44.54
N THR B 40 -32.51 2.45 -45.13
CA THR B 40 -33.81 2.65 -45.75
C THR B 40 -33.65 3.61 -46.97
N GLU B 41 -32.47 3.71 -47.55
CA GLU B 41 -32.33 4.73 -48.61
C GLU B 41 -31.56 4.46 -49.89
N GLU B 42 -32.15 4.99 -50.96
CA GLU B 42 -31.40 5.28 -52.16
C GLU B 42 -30.79 6.64 -51.94
N VAL B 43 -29.52 6.77 -52.29
CA VAL B 43 -28.76 7.96 -51.97
C VAL B 43 -27.93 8.35 -53.17
N ALA B 44 -27.99 9.62 -53.54
CA ALA B 44 -27.22 10.15 -54.65
C ALA B 44 -25.73 10.05 -54.39
N ILE B 45 -25.37 10.23 -53.12
CA ILE B 45 -23.99 10.46 -52.71
C ILE B 45 -23.03 9.34 -53.05
N LYS B 46 -23.53 8.23 -53.58
CA LYS B 46 -22.63 7.11 -53.76
C LYS B 46 -21.98 7.37 -55.09
N ASP B 47 -22.74 7.89 -56.05
CA ASP B 47 -22.10 8.32 -57.27
C ASP B 47 -21.18 9.48 -56.86
N VAL B 48 -21.72 10.33 -55.98
CA VAL B 48 -21.04 11.53 -55.46
C VAL B 48 -19.77 11.07 -54.79
N HIS B 49 -19.84 9.90 -54.19
CA HIS B 49 -18.75 9.34 -53.46
C HIS B 49 -17.63 9.23 -54.38
N GLU B 50 -17.88 8.45 -55.44
CA GLU B 50 -16.79 8.18 -56.32
C GLU B 50 -16.73 9.38 -57.25
N LYS B 51 -17.80 10.15 -57.34
CA LYS B 51 -17.82 11.38 -58.16
C LYS B 51 -17.07 11.19 -59.48
N ASP B 52 -17.18 10.00 -60.05
CA ASP B 52 -16.40 9.61 -61.23
C ASP B 52 -14.90 9.75 -60.91
N ASP B 53 -14.53 9.39 -59.68
CA ASP B 53 -13.13 9.37 -59.20
C ASP B 53 -12.21 8.51 -60.02
N PHE B 54 -11.00 9.03 -60.13
CA PHE B 54 -9.85 8.42 -60.77
C PHE B 54 -10.10 8.16 -62.24
N HIS B 55 -10.89 9.03 -62.86
CA HIS B 55 -11.22 8.82 -64.25
C HIS B 55 -9.92 8.86 -65.05
N HIS B 56 -8.94 9.59 -64.50
CA HIS B 56 -7.63 9.79 -65.13
C HIS B 56 -6.90 8.50 -65.48
N LEU B 57 -7.05 7.52 -64.60
CA LEU B 57 -6.44 6.20 -64.74
C LEU B 57 -6.75 5.55 -66.08
N PRO B 58 -5.74 4.98 -66.75
CA PRO B 58 -5.90 4.51 -68.13
C PRO B 58 -7.07 3.52 -68.18
N VAL B 59 -7.15 2.66 -67.17
CA VAL B 59 -8.30 1.78 -67.09
C VAL B 59 -9.36 2.48 -66.26
N THR B 60 -10.57 2.46 -66.80
CA THR B 60 -11.74 3.04 -66.15
C THR B 60 -12.57 2.04 -65.38
N PRO B 61 -13.08 2.45 -64.21
CA PRO B 61 -13.94 1.52 -63.47
C PRO B 61 -15.32 1.50 -64.12
N ARG B 62 -15.93 0.33 -64.26
CA ARG B 62 -17.33 0.25 -64.64
C ARG B 62 -18.08 -0.23 -63.42
N VAL B 63 -19.05 0.54 -62.96
CA VAL B 63 -19.66 0.22 -61.68
C VAL B 63 -21.13 -0.13 -61.82
N GLU B 64 -21.54 -1.18 -61.12
CA GLU B 64 -22.97 -1.42 -60.98
C GLU B 64 -23.34 -1.39 -59.50
N LEU B 65 -24.28 -0.53 -59.14
CA LEU B 65 -24.65 -0.42 -57.74
C LEU B 65 -26.00 -1.07 -57.45
N VAL B 66 -26.05 -1.80 -56.35
CA VAL B 66 -27.28 -2.39 -55.85
C VAL B 66 -27.23 -2.19 -54.35
N THR B 67 -28.40 -1.98 -53.76
CA THR B 67 -28.55 -1.87 -52.32
C THR B 67 -29.56 -2.86 -51.81
N MET B 68 -29.43 -3.27 -50.55
CA MET B 68 -30.51 -4.10 -50.06
C MET B 68 -30.95 -3.66 -48.69
N GLN B 69 -32.28 -3.57 -48.56
CA GLN B 69 -32.92 -3.01 -47.37
C GLN B 69 -32.55 -4.03 -46.34
N GLU B 70 -32.64 -5.30 -46.69
CA GLU B 70 -32.31 -6.27 -45.69
C GLU B 70 -31.48 -7.43 -46.19
N SER B 71 -30.60 -7.79 -45.27
CA SER B 71 -29.51 -8.72 -45.43
C SER B 71 -29.77 -10.12 -44.90
N ASP B 72 -29.26 -11.13 -45.56
CA ASP B 72 -29.34 -12.47 -45.02
C ASP B 72 -28.12 -13.19 -45.50
N PRO B 73 -27.65 -14.19 -44.74
CA PRO B 73 -26.58 -14.95 -45.36
C PRO B 73 -27.15 -15.55 -46.62
N LYS B 74 -28.40 -15.99 -46.62
CA LYS B 74 -28.96 -16.52 -47.85
C LYS B 74 -29.14 -15.36 -48.83
N SER B 75 -29.67 -14.22 -48.35
CA SER B 75 -29.91 -13.06 -49.22
C SER B 75 -28.60 -12.48 -49.78
N ILE B 76 -27.64 -12.23 -48.89
CA ILE B 76 -26.36 -11.65 -49.26
C ILE B 76 -25.64 -12.60 -50.21
N ILE B 77 -25.60 -13.89 -49.86
CA ILE B 77 -24.93 -14.89 -50.70
C ILE B 77 -25.57 -14.87 -52.08
N THR B 78 -26.91 -14.88 -52.12
CA THR B 78 -27.66 -14.90 -53.38
C THR B 78 -27.43 -13.68 -54.29
N ARG B 79 -27.48 -12.49 -53.70
CA ARG B 79 -27.45 -11.26 -54.48
C ARG B 79 -26.15 -11.00 -55.21
N ILE B 80 -25.01 -11.21 -54.55
CA ILE B 80 -23.73 -10.91 -55.17
C ILE B 80 -23.44 -11.81 -56.39
N CYS B 81 -23.69 -13.10 -56.26
CA CYS B 81 -23.58 -14.04 -57.39
C CYS B 81 -24.58 -13.74 -58.52
N ASP B 82 -25.79 -13.34 -58.13
CA ASP B 82 -26.84 -12.99 -59.08
C ASP B 82 -26.31 -11.79 -59.90
N LEU B 83 -25.67 -10.89 -59.16
CA LEU B 83 -24.99 -9.74 -59.72
C LEU B 83 -23.80 -10.17 -60.56
N MET B 84 -23.22 -11.33 -60.24
CA MET B 84 -22.13 -11.88 -61.03
C MET B 84 -22.68 -12.18 -62.43
N SER B 85 -23.80 -12.89 -62.46
CA SER B 85 -24.56 -13.05 -63.71
C SER B 85 -24.95 -11.79 -64.51
N ASP B 86 -25.36 -10.69 -63.87
CA ASP B 86 -25.52 -9.46 -64.67
C ASP B 86 -24.34 -8.50 -64.91
N LYS B 87 -23.28 -8.58 -64.12
CA LYS B 87 -22.19 -7.60 -64.20
C LYS B 87 -20.86 -8.24 -64.58
N LYS B 88 -20.59 -9.40 -64.00
CA LYS B 88 -19.35 -10.16 -64.23
C LYS B 88 -18.14 -9.36 -63.77
N VAL B 89 -18.33 -8.68 -62.64
CA VAL B 89 -17.38 -7.80 -61.95
C VAL B 89 -16.15 -8.53 -61.42
N GLN B 90 -14.99 -7.87 -61.46
CA GLN B 90 -13.74 -8.45 -60.99
C GLN B 90 -13.42 -8.00 -59.55
N GLY B 91 -14.31 -7.21 -58.95
CA GLY B 91 -14.12 -6.77 -57.58
C GLY B 91 -15.43 -6.33 -56.95
N VAL B 92 -15.49 -6.42 -55.62
CA VAL B 92 -16.70 -6.07 -54.88
C VAL B 92 -16.39 -5.32 -53.59
N VAL B 93 -17.17 -4.30 -53.29
CA VAL B 93 -17.12 -3.64 -52.01
C VAL B 93 -18.47 -3.75 -51.33
N PHE B 94 -18.44 -4.14 -50.06
CA PHE B 94 -19.66 -4.35 -49.29
C PHE B 94 -19.73 -3.34 -48.17
N GLY B 95 -20.92 -2.82 -47.92
CA GLY B 95 -21.08 -1.89 -46.83
C GLY B 95 -22.46 -2.07 -46.23
N ASP B 96 -22.53 -1.74 -44.94
CA ASP B 96 -23.69 -2.09 -44.15
C ASP B 96 -23.97 -1.02 -43.11
N ASP B 97 -25.23 -0.94 -42.69
CA ASP B 97 -25.64 -0.11 -41.57
C ASP B 97 -25.55 -0.93 -40.29
N THR B 98 -25.25 -2.22 -40.45
CA THR B 98 -25.42 -3.20 -39.37
C THR B 98 -24.32 -3.23 -38.32
N ASP B 99 -24.71 -3.69 -37.14
CA ASP B 99 -23.79 -3.88 -36.02
C ASP B 99 -23.30 -5.33 -36.03
N GLN B 100 -23.78 -6.11 -37.00
CA GLN B 100 -23.57 -7.55 -37.03
C GLN B 100 -22.13 -7.98 -37.26
N GLU B 101 -21.64 -8.84 -36.37
CA GLU B 101 -20.29 -9.40 -36.48
C GLU B 101 -20.10 -10.34 -37.67
N ALA B 102 -21.09 -11.17 -37.95
CA ALA B 102 -20.91 -12.33 -38.82
C ALA B 102 -20.63 -11.98 -40.29
N ILE B 103 -21.16 -10.83 -40.73
CA ILE B 103 -21.20 -10.50 -42.15
C ILE B 103 -19.78 -10.54 -42.73
N ALA B 104 -18.81 -10.01 -42.00
CA ALA B 104 -17.44 -9.94 -42.50
C ALA B 104 -16.96 -11.35 -42.83
N GLN B 105 -17.16 -12.24 -41.87
CA GLN B 105 -16.71 -13.62 -41.99
C GLN B 105 -17.35 -14.28 -43.20
N ILE B 106 -18.65 -14.03 -43.38
CA ILE B 106 -19.38 -14.63 -44.50
C ILE B 106 -18.64 -14.15 -45.75
N LEU B 107 -18.30 -12.87 -45.81
CA LEU B 107 -17.65 -12.33 -46.99
C LEU B 107 -16.28 -12.99 -47.17
N ASP B 108 -15.59 -13.31 -46.08
CA ASP B 108 -14.29 -13.98 -46.22
C ASP B 108 -14.55 -15.31 -46.93
N PHE B 109 -15.62 -15.98 -46.52
CA PHE B 109 -15.97 -17.26 -47.14
C PHE B 109 -16.18 -17.05 -48.63
N ILE B 110 -16.89 -15.97 -48.97
CA ILE B 110 -17.15 -15.63 -50.36
C ILE B 110 -15.84 -15.40 -51.12
N SER B 111 -14.88 -14.72 -50.50
CA SER B 111 -13.60 -14.49 -51.15
C SER B 111 -13.01 -15.84 -51.48
N VAL B 112 -13.09 -16.75 -50.51
CA VAL B 112 -12.60 -18.11 -50.70
C VAL B 112 -13.33 -18.78 -51.86
N GLN B 113 -14.60 -18.44 -52.02
CA GLN B 113 -15.46 -19.07 -53.03
C GLN B 113 -15.29 -18.56 -54.47
N THR B 114 -15.29 -17.25 -54.64
CA THR B 114 -15.18 -16.62 -55.94
C THR B 114 -13.74 -16.55 -56.45
N LEU B 115 -12.84 -16.34 -55.49
CA LEU B 115 -11.46 -15.94 -55.71
C LEU B 115 -11.49 -14.56 -56.37
N THR B 116 -12.59 -13.85 -56.11
CA THR B 116 -12.83 -12.48 -56.55
C THR B 116 -12.69 -11.57 -55.33
N PRO B 117 -11.87 -10.53 -55.42
CA PRO B 117 -11.58 -9.68 -54.27
C PRO B 117 -12.82 -8.99 -53.72
N ILE B 118 -12.91 -8.93 -52.40
CA ILE B 118 -14.00 -8.22 -51.74
C ILE B 118 -13.42 -7.53 -50.52
N LEU B 119 -13.95 -6.35 -50.26
CA LEU B 119 -13.50 -5.54 -49.15
C LEU B 119 -14.68 -4.81 -48.57
N GLY B 120 -14.53 -4.25 -47.37
CA GLY B 120 -15.65 -3.47 -46.87
C GLY B 120 -15.27 -2.26 -46.04
N ILE B 121 -16.08 -1.22 -46.15
CA ILE B 121 -15.70 0.10 -45.65
C ILE B 121 -16.37 0.53 -44.34
N HIS B 122 -17.30 -0.27 -43.83
CA HIS B 122 -17.96 0.07 -42.59
C HIS B 122 -18.89 -1.01 -42.04
N GLY B 123 -19.13 -0.94 -40.73
CA GLY B 123 -20.03 -1.87 -40.08
C GLY B 123 -19.43 -3.22 -39.77
N GLY B 124 -20.15 -4.27 -40.15
CA GLY B 124 -19.76 -5.64 -39.89
C GLY B 124 -18.57 -6.09 -40.70
N SER B 125 -18.50 -5.68 -41.96
CA SER B 125 -17.39 -6.04 -42.82
C SER B 125 -16.10 -5.45 -42.25
N SER B 126 -16.21 -4.23 -41.72
CA SER B 126 -15.11 -3.59 -41.01
C SER B 126 -14.80 -4.26 -39.68
N MET B 127 -15.79 -4.95 -39.11
CA MET B 127 -15.58 -5.61 -37.83
C MET B 127 -14.63 -6.79 -38.00
N ILE B 128 -13.83 -7.05 -36.96
CA ILE B 128 -12.78 -8.04 -37.03
C ILE B 128 -13.32 -9.45 -37.24
N MET B 129 -12.45 -10.35 -37.69
CA MET B 129 -12.86 -11.69 -38.09
C MET B 129 -11.73 -12.67 -37.83
N ALA B 130 -12.00 -13.95 -38.10
CA ALA B 130 -11.01 -14.99 -37.85
C ALA B 130 -9.86 -14.80 -38.83
N ASP B 131 -8.71 -15.40 -38.54
CA ASP B 131 -7.57 -15.25 -39.44
C ASP B 131 -7.97 -15.73 -40.82
N LYS B 132 -7.69 -14.91 -41.82
CA LYS B 132 -8.18 -15.18 -43.17
C LYS B 132 -7.38 -16.30 -43.81
N GLU B 133 -8.05 -17.12 -44.61
CA GLU B 133 -7.37 -18.15 -45.36
C GLU B 133 -6.40 -17.50 -46.34
N GLU B 134 -5.19 -18.04 -46.42
CA GLU B 134 -4.12 -17.45 -47.22
C GLU B 134 -4.53 -17.39 -48.68
N ALA B 135 -5.17 -18.47 -49.14
CA ALA B 135 -5.65 -18.55 -50.52
C ALA B 135 -6.69 -17.47 -50.78
N SER B 136 -7.49 -17.17 -49.76
CA SER B 136 -8.55 -16.18 -49.89
C SER B 136 -8.01 -14.76 -50.06
N MET B 137 -8.77 -13.93 -50.76
CA MET B 137 -8.43 -12.52 -50.91
C MET B 137 -9.54 -11.72 -50.26
N PHE B 138 -9.22 -11.06 -49.15
CA PHE B 138 -10.22 -10.28 -48.45
C PHE B 138 -9.66 -9.05 -47.77
N PHE B 139 -10.40 -7.94 -47.81
CA PHE B 139 -9.95 -6.78 -47.09
C PHE B 139 -11.05 -6.15 -46.25
N GLN B 140 -10.62 -5.58 -45.12
CA GLN B 140 -11.52 -4.95 -44.18
C GLN B 140 -10.95 -3.60 -43.82
N PHE B 141 -11.82 -2.64 -43.50
CA PHE B 141 -11.37 -1.42 -42.84
C PHE B 141 -11.25 -1.68 -41.32
N GLY B 142 -10.30 -2.54 -40.93
CA GLY B 142 -10.15 -2.92 -39.53
C GLY B 142 -8.72 -3.08 -39.02
N PRO B 143 -8.55 -3.79 -37.90
CA PRO B 143 -7.23 -3.96 -37.27
C PRO B 143 -7.15 -5.22 -36.40
N SER B 144 -6.10 -5.33 -35.59
CA SER B 144 -5.87 -6.52 -34.75
C SER B 144 -5.87 -6.31 -33.24
N ILE B 145 -5.12 -7.15 -32.51
CA ILE B 145 -5.09 -7.07 -31.05
C ILE B 145 -3.79 -6.42 -30.57
N GLU B 146 -2.68 -6.86 -31.16
CA GLU B 146 -1.36 -6.34 -30.84
C GLU B 146 -1.28 -4.85 -31.10
N GLN B 147 -1.78 -4.44 -32.27
CA GLN B 147 -1.83 -3.03 -32.65
C GLN B 147 -2.61 -2.22 -31.63
N GLN B 148 -3.77 -2.73 -31.24
CA GLN B 148 -4.63 -2.04 -30.27
C GLN B 148 -3.90 -1.88 -28.96
N ALA B 149 -3.21 -2.94 -28.53
CA ALA B 149 -2.45 -2.92 -27.28
C ALA B 149 -1.37 -1.85 -27.38
N SER B 150 -0.76 -1.75 -28.55
CA SER B 150 0.25 -0.74 -28.81
C SER B 150 -0.36 0.64 -28.64
N VAL B 151 -1.54 0.86 -29.21
CA VAL B 151 -2.21 2.15 -29.12
C VAL B 151 -2.54 2.47 -27.67
N MET B 152 -2.90 1.45 -26.91
CA MET B 152 -3.21 1.62 -25.50
C MET B 152 -1.96 2.09 -24.77
N LEU B 153 -0.83 1.49 -25.14
CA LEU B 153 0.45 1.89 -24.58
C LEU B 153 0.83 3.32 -24.95
N ASN B 154 0.66 3.67 -26.23
CA ASN B 154 0.91 5.02 -26.69
C ASN B 154 0.05 6.05 -25.99
N ILE B 155 -1.21 5.71 -25.76
CA ILE B 155 -2.15 6.57 -25.06
C ILE B 155 -1.66 6.78 -23.62
N MET B 156 -1.29 5.68 -22.98
CA MET B 156 -0.78 5.74 -21.61
C MET B 156 0.50 6.56 -21.53
N GLU B 157 1.37 6.38 -22.51
CA GLU B 157 2.63 7.10 -22.60
C GLU B 157 2.40 8.60 -22.79
N GLU B 158 1.39 8.92 -23.60
CA GLU B 158 1.05 10.31 -23.91
C GLU B 158 0.64 11.05 -22.64
N TYR B 159 -0.18 10.41 -21.82
CA TYR B 159 -0.56 11.00 -20.54
C TYR B 159 0.45 10.66 -19.47
N ASP B 160 1.49 9.95 -19.87
CA ASP B 160 2.56 9.53 -18.96
C ASP B 160 2.00 8.78 -17.76
N TRP B 161 1.07 7.88 -18.01
CA TRP B 161 0.61 7.02 -16.93
C TRP B 161 1.49 5.79 -16.99
N TYR B 162 2.44 5.75 -16.07
CA TYR B 162 3.49 4.74 -16.10
C TYR B 162 3.00 3.46 -15.46
N ILE B 163 2.19 3.59 -14.42
CA ILE B 163 1.84 2.43 -13.61
C ILE B 163 0.45 1.96 -13.98
N PHE B 164 0.35 0.68 -14.30
CA PHE B 164 -0.90 0.12 -14.77
C PHE B 164 -1.02 -1.37 -14.48
N SER B 165 -2.25 -1.87 -14.55
CA SER B 165 -2.54 -3.29 -14.41
C SER B 165 -3.42 -3.76 -15.56
N ILE B 166 -3.47 -5.06 -15.76
CA ILE B 166 -4.33 -5.59 -16.79
C ILE B 166 -5.33 -6.57 -16.19
N VAL B 167 -6.60 -6.30 -16.44
CA VAL B 167 -7.65 -7.22 -16.10
C VAL B 167 -8.11 -7.78 -17.43
N THR B 168 -8.14 -9.10 -17.51
CA THR B 168 -8.41 -9.74 -18.78
C THR B 168 -9.40 -10.83 -18.47
N THR B 169 -9.90 -11.50 -19.49
CA THR B 169 -10.73 -12.68 -19.27
C THR B 169 -10.23 -13.76 -20.22
N TYR B 170 -10.81 -14.94 -20.11
CA TYR B 170 -10.30 -16.10 -20.84
C TYR B 170 -10.64 -15.96 -22.32
N PHE B 171 -11.33 -14.87 -22.66
CA PHE B 171 -11.77 -14.56 -24.02
C PHE B 171 -10.55 -14.55 -24.93
N PRO B 172 -10.73 -14.78 -26.25
CA PRO B 172 -9.57 -15.08 -27.09
C PRO B 172 -8.52 -13.97 -27.20
N GLY B 173 -7.26 -14.35 -27.38
CA GLY B 173 -6.23 -13.34 -27.48
C GLY B 173 -5.47 -13.05 -26.20
N TYR B 174 -5.89 -13.63 -25.07
CA TYR B 174 -5.17 -13.38 -23.82
C TYR B 174 -3.79 -13.99 -23.82
N GLN B 175 -2.92 -13.39 -23.00
CA GLN B 175 -1.54 -13.82 -22.77
C GLN B 175 -0.76 -13.83 -24.07
N ASP B 176 -1.41 -13.35 -25.14
CA ASP B 176 -0.82 -12.99 -26.41
C ASP B 176 -0.90 -11.48 -26.31
N PHE B 177 -1.95 -11.05 -25.63
CA PHE B 177 -2.12 -9.65 -25.25
C PHE B 177 -1.04 -9.39 -24.22
N GLU B 178 -0.94 -10.30 -23.24
CA GLU B 178 0.10 -10.23 -22.23
C GLU B 178 1.47 -10.29 -22.85
N ASN B 179 1.64 -11.20 -23.80
CA ASN B 179 2.91 -11.35 -24.50
C ASN B 179 3.31 -10.11 -25.28
N LYS B 180 2.37 -9.55 -26.05
CA LYS B 180 2.63 -8.36 -26.84
C LYS B 180 2.99 -7.20 -25.94
N VAL B 181 2.25 -7.07 -24.85
CA VAL B 181 2.54 -6.06 -23.83
C VAL B 181 3.88 -6.33 -23.21
N ARG B 182 4.20 -7.59 -22.95
CA ARG B 182 5.44 -7.91 -22.29
C ARG B 182 6.58 -7.42 -23.16
N SER B 183 6.52 -7.67 -24.45
CA SER B 183 7.57 -7.16 -25.34
C SER B 183 7.59 -5.63 -25.44
N THR B 184 6.41 -5.04 -25.62
CA THR B 184 6.30 -3.58 -25.81
C THR B 184 6.72 -2.81 -24.57
N ILE B 185 6.25 -3.25 -23.41
CA ILE B 185 6.63 -2.65 -22.14
C ILE B 185 8.09 -2.93 -21.81
N GLU B 186 8.54 -4.15 -22.06
CA GLU B 186 9.90 -4.59 -21.71
C GLU B 186 11.01 -3.88 -22.46
N ASN B 187 10.80 -3.66 -23.76
CA ASN B 187 11.86 -3.13 -24.60
C ASN B 187 12.30 -1.75 -24.15
N SER B 188 11.33 -0.95 -23.74
CA SER B 188 11.57 0.45 -23.39
C SER B 188 12.44 0.55 -22.14
N PHE B 189 13.29 1.57 -22.12
CA PHE B 189 14.18 1.84 -21.01
C PHE B 189 13.37 2.15 -19.75
N VAL B 190 12.25 2.84 -19.93
CA VAL B 190 11.50 3.37 -18.79
C VAL B 190 11.05 2.30 -17.80
N GLY B 191 11.02 2.69 -16.53
CA GLY B 191 10.65 1.80 -15.44
C GLY B 191 9.18 1.71 -15.13
N TRP B 192 8.30 1.71 -16.13
CA TRP B 192 6.88 1.57 -15.81
C TRP B 192 6.61 0.24 -15.14
N GLU B 193 5.52 0.18 -14.38
CA GLU B 193 5.17 -1.01 -13.62
C GLU B 193 3.85 -1.66 -14.01
N LEU B 194 3.95 -2.96 -14.27
CA LEU B 194 2.80 -3.83 -14.39
C LEU B 194 2.55 -4.38 -12.98
N GLU B 195 1.34 -4.14 -12.49
CA GLU B 195 0.99 -4.48 -11.11
C GLU B 195 0.36 -5.86 -11.04
N GLU B 196 -0.73 -6.06 -11.76
CA GLU B 196 -1.37 -7.36 -11.78
C GLU B 196 -1.91 -7.72 -13.15
N VAL B 197 -1.96 -9.02 -13.41
CA VAL B 197 -2.65 -9.53 -14.58
C VAL B 197 -3.67 -10.50 -14.05
N ILE B 198 -4.92 -10.34 -14.44
CA ILE B 198 -5.96 -11.20 -13.89
C ILE B 198 -6.71 -11.92 -15.00
N HIS B 199 -6.81 -13.23 -14.83
CA HIS B 199 -7.54 -14.05 -15.78
C HIS B 199 -8.74 -14.68 -15.06
N LEU B 200 -9.95 -14.31 -15.48
CA LEU B 200 -11.16 -14.85 -14.87
C LEU B 200 -12.11 -15.41 -15.93
N ASP B 201 -12.59 -16.64 -15.71
CA ASP B 201 -13.50 -17.27 -16.66
C ASP B 201 -14.93 -16.75 -16.48
N MET B 202 -15.49 -16.18 -17.54
CA MET B 202 -16.89 -15.79 -17.52
C MET B 202 -17.78 -17.01 -17.35
N SER B 203 -17.36 -18.12 -17.94
CA SER B 203 -18.01 -19.41 -17.69
C SER B 203 -17.77 -19.83 -16.26
N LEU B 204 -18.59 -20.75 -15.75
CA LEU B 204 -18.64 -21.04 -14.32
C LEU B 204 -19.01 -19.76 -13.56
N ASP B 205 -20.10 -19.14 -14.00
CA ASP B 205 -20.56 -17.87 -13.46
C ASP B 205 -20.76 -17.97 -11.94
N ASP B 206 -20.49 -16.85 -11.27
CA ASP B 206 -20.16 -16.86 -9.85
C ASP B 206 -21.28 -16.50 -8.88
N ILE B 207 -21.45 -17.32 -7.84
CA ILE B 207 -22.15 -16.88 -6.64
C ILE B 207 -21.16 -16.17 -5.73
N ASP B 208 -19.90 -16.58 -5.83
CA ASP B 208 -18.81 -16.15 -4.96
C ASP B 208 -18.38 -14.70 -5.19
N SER B 209 -18.78 -14.14 -6.33
CA SER B 209 -18.26 -12.85 -6.79
C SER B 209 -16.75 -12.89 -6.82
N LYS B 210 -16.22 -13.99 -7.34
CA LYS B 210 -14.79 -14.22 -7.42
C LYS B 210 -14.13 -13.08 -8.18
N ILE B 211 -14.84 -12.55 -9.17
CA ILE B 211 -14.36 -11.39 -9.90
C ILE B 211 -14.27 -10.18 -8.96
N GLN B 212 -15.25 -10.04 -8.06
CA GLN B 212 -15.19 -8.98 -7.06
C GLN B 212 -14.01 -9.20 -6.14
N ASN B 213 -13.79 -10.47 -5.79
CA ASN B 213 -12.73 -10.87 -4.86
C ASN B 213 -11.35 -10.59 -5.42
N GLN B 214 -11.16 -10.81 -6.71
CA GLN B 214 -9.90 -10.46 -7.33
C GLN B 214 -9.82 -8.94 -7.51
N LEU B 215 -10.76 -8.39 -8.27
CA LEU B 215 -10.74 -6.98 -8.65
C LEU B 215 -10.56 -5.99 -7.50
N LYS B 216 -11.16 -6.29 -6.35
CA LYS B 216 -11.08 -5.42 -5.18
C LYS B 216 -9.64 -5.19 -4.72
N LYS B 217 -8.81 -6.21 -4.92
CA LYS B 217 -7.42 -6.20 -4.48
C LYS B 217 -6.55 -5.12 -5.12
N LEU B 218 -6.68 -4.96 -6.43
CA LEU B 218 -5.75 -4.13 -7.20
C LEU B 218 -5.82 -2.65 -6.82
N GLN B 219 -4.65 -2.06 -6.56
CA GLN B 219 -4.55 -0.65 -6.18
C GLN B 219 -4.13 0.31 -7.30
N SER B 220 -3.93 -0.19 -8.51
CA SER B 220 -3.32 0.60 -9.58
C SER B 220 -4.24 1.64 -10.23
N PRO B 221 -3.67 2.79 -10.61
CA PRO B 221 -4.41 3.94 -11.16
C PRO B 221 -4.92 3.71 -12.57
N VAL B 222 -4.23 2.89 -13.35
CA VAL B 222 -4.54 2.76 -14.77
C VAL B 222 -4.79 1.31 -15.16
N ILE B 223 -5.99 1.02 -15.64
CA ILE B 223 -6.36 -0.36 -15.86
C ILE B 223 -6.64 -0.62 -17.34
N LEU B 224 -6.05 -1.68 -17.87
CA LEU B 224 -6.34 -2.10 -19.22
C LEU B 224 -7.30 -3.27 -19.04
N LEU B 225 -8.42 -3.25 -19.74
CA LEU B 225 -9.36 -4.36 -19.61
C LEU B 225 -9.50 -5.07 -20.93
N TYR B 226 -9.66 -6.38 -20.91
CA TYR B 226 -9.93 -7.08 -22.15
C TYR B 226 -10.96 -8.20 -21.96
N CYS B 227 -12.06 -8.12 -22.70
CA CYS B 227 -13.15 -9.10 -22.62
C CYS B 227 -14.24 -8.91 -23.69
N THR B 228 -15.26 -9.75 -23.67
CA THR B 228 -16.43 -9.59 -24.54
C THR B 228 -17.20 -8.36 -24.04
N LYS B 229 -18.01 -7.73 -24.88
CA LYS B 229 -18.73 -6.51 -24.46
C LYS B 229 -19.63 -6.72 -23.23
N GLU B 230 -20.38 -7.83 -23.26
CA GLU B 230 -21.32 -8.14 -22.19
C GLU B 230 -20.53 -8.38 -20.91
N GLU B 231 -19.45 -9.14 -21.04
CA GLU B 231 -18.62 -9.43 -19.88
C GLU B 231 -18.17 -8.11 -19.30
N ALA B 232 -17.85 -7.16 -20.18
CA ALA B 232 -17.45 -5.82 -19.74
C ALA B 232 -18.55 -5.22 -18.88
N THR B 233 -19.81 -5.48 -19.25
CA THR B 233 -20.91 -4.96 -18.45
C THR B 233 -20.82 -5.56 -17.05
N TYR B 234 -20.65 -6.87 -16.97
CA TYR B 234 -20.63 -7.53 -15.65
C TYR B 234 -19.43 -7.08 -14.80
N ILE B 235 -18.25 -7.05 -15.43
CA ILE B 235 -17.02 -6.61 -14.79
C ILE B 235 -17.13 -5.19 -14.28
N PHE B 236 -17.82 -4.34 -15.04
CA PHE B 236 -18.02 -2.96 -14.63
C PHE B 236 -18.99 -2.82 -13.46
N GLU B 237 -20.07 -3.62 -13.46
CA GLU B 237 -20.97 -3.63 -12.32
C GLU B 237 -20.19 -4.02 -11.07
N VAL B 238 -19.37 -5.06 -11.24
CA VAL B 238 -18.52 -5.55 -10.16
C VAL B 238 -17.49 -4.50 -9.71
N ALA B 239 -16.94 -3.76 -10.67
CA ALA B 239 -15.98 -2.71 -10.36
C ALA B 239 -16.66 -1.56 -9.61
N HIS B 240 -17.90 -1.28 -9.98
CA HIS B 240 -18.69 -0.24 -9.33
C HIS B 240 -18.96 -0.63 -7.89
N SER B 241 -19.18 -1.92 -7.66
CA SER B 241 -19.29 -2.43 -6.31
C SER B 241 -17.95 -2.34 -5.57
N VAL B 242 -16.88 -2.69 -6.27
CA VAL B 242 -15.55 -2.71 -5.68
C VAL B 242 -15.04 -1.30 -5.41
N GLY B 243 -15.52 -0.34 -6.19
CA GLY B 243 -15.07 1.04 -6.06
C GLY B 243 -13.91 1.36 -6.98
N LEU B 244 -13.68 0.49 -7.96
CA LEU B 244 -12.54 0.64 -8.86
C LEU B 244 -12.78 1.67 -9.95
N THR B 245 -14.04 2.00 -10.17
CA THR B 245 -14.44 2.92 -11.24
C THR B 245 -14.21 4.36 -10.84
N GLY B 246 -14.06 4.60 -9.53
CA GLY B 246 -14.03 5.95 -9.03
C GLY B 246 -12.75 6.72 -9.27
N TYR B 247 -12.82 8.01 -9.01
CA TYR B 247 -11.83 9.00 -9.44
C TYR B 247 -10.39 8.66 -9.11
N GLY B 248 -9.54 8.92 -10.10
CA GLY B 248 -8.09 8.78 -10.03
C GLY B 248 -7.69 7.45 -10.63
N PHE B 249 -8.54 6.42 -10.50
CA PHE B 249 -8.35 5.22 -11.28
C PHE B 249 -8.95 5.49 -12.65
N THR B 250 -8.37 4.95 -13.70
CA THR B 250 -8.90 5.18 -15.04
C THR B 250 -8.82 3.89 -15.84
N TRP B 251 -9.73 3.70 -16.77
CA TRP B 251 -9.79 2.44 -17.46
C TRP B 251 -9.56 2.64 -18.94
N ILE B 252 -8.89 1.68 -19.55
CA ILE B 252 -8.55 1.77 -20.96
C ILE B 252 -8.89 0.45 -21.61
N VAL B 253 -9.42 0.52 -22.82
CA VAL B 253 -10.09 -0.61 -23.42
C VAL B 253 -9.64 -0.77 -24.88
N PRO B 254 -9.60 -2.02 -25.37
CA PRO B 254 -9.36 -2.22 -26.80
C PRO B 254 -10.67 -2.05 -27.56
N SER B 255 -10.68 -2.32 -28.86
CA SER B 255 -11.85 -2.01 -29.69
C SER B 255 -13.14 -2.71 -29.29
N LEU B 256 -13.04 -3.97 -28.87
CA LEU B 256 -14.19 -4.87 -28.77
C LEU B 256 -15.31 -4.40 -27.84
N VAL B 257 -14.96 -3.86 -26.68
CA VAL B 257 -15.96 -3.47 -25.69
C VAL B 257 -16.85 -2.32 -26.19
N ALA B 258 -16.26 -1.36 -26.90
CA ALA B 258 -17.04 -0.22 -27.36
C ALA B 258 -17.89 -0.62 -28.56
N GLY B 259 -17.36 -1.53 -29.38
CA GLY B 259 -18.10 -2.09 -30.50
C GLY B 259 -18.63 -1.09 -31.51
N ASP B 260 -19.95 -1.10 -31.70
CA ASP B 260 -20.60 -0.14 -32.57
C ASP B 260 -20.46 1.27 -32.01
N THR B 261 -20.62 1.37 -30.69
CA THR B 261 -20.64 2.63 -29.91
C THR B 261 -22.00 3.30 -30.00
N ASP B 262 -22.89 2.75 -30.81
CA ASP B 262 -24.24 3.26 -30.92
C ASP B 262 -25.01 3.04 -29.63
N THR B 263 -24.78 1.88 -29.00
CA THR B 263 -25.48 1.55 -27.77
C THR B 263 -24.50 1.36 -26.63
N VAL B 264 -24.72 2.12 -25.57
CA VAL B 264 -23.79 2.19 -24.45
C VAL B 264 -24.51 2.06 -23.12
N PRO B 265 -24.58 0.83 -22.59
CA PRO B 265 -25.09 0.71 -21.23
C PRO B 265 -24.27 1.60 -20.31
N ASP B 266 -24.92 2.34 -19.42
CA ASP B 266 -24.22 3.34 -18.63
C ASP B 266 -23.57 2.63 -17.45
N GLU B 267 -23.69 1.31 -17.45
CA GLU B 267 -22.92 0.46 -16.55
C GLU B 267 -21.43 0.74 -16.72
N PHE B 268 -21.01 1.05 -17.95
CA PHE B 268 -19.64 1.51 -18.18
C PHE B 268 -19.43 2.79 -17.41
N PRO B 269 -18.27 2.92 -16.75
CA PRO B 269 -18.04 4.18 -16.05
C PRO B 269 -17.74 5.30 -17.04
N THR B 270 -17.98 6.54 -16.64
CA THR B 270 -17.63 7.67 -17.48
C THR B 270 -16.13 7.89 -17.37
N GLY B 271 -15.54 8.50 -18.40
CA GLY B 271 -14.11 8.69 -18.41
C GLY B 271 -13.41 7.44 -18.91
N LEU B 272 -14.20 6.46 -19.32
CA LEU B 272 -13.66 5.24 -19.89
C LEU B 272 -13.00 5.57 -21.22
N ILE B 273 -11.77 5.10 -21.38
CA ILE B 273 -10.97 5.48 -22.53
C ILE B 273 -10.83 4.26 -23.40
N SER B 274 -11.17 4.42 -24.67
CA SER B 274 -11.06 3.30 -25.57
C SER B 274 -10.85 3.72 -27.01
N VAL B 275 -10.29 2.79 -27.74
CA VAL B 275 -9.94 2.97 -29.12
C VAL B 275 -11.04 2.46 -30.05
N SER B 276 -11.25 3.14 -31.17
CA SER B 276 -12.18 2.67 -32.20
C SER B 276 -11.93 3.23 -33.59
N TYR B 277 -12.54 2.59 -34.58
CA TYR B 277 -12.39 3.01 -35.98
C TYR B 277 -12.81 4.46 -36.15
N ASP B 278 -12.23 5.12 -37.16
CA ASP B 278 -12.54 6.52 -37.44
C ASP B 278 -13.96 6.68 -37.97
N GLU B 279 -14.43 7.92 -38.02
CA GLU B 279 -15.78 8.21 -38.51
C GLU B 279 -15.81 9.52 -39.29
N TRP B 280 -15.42 10.60 -38.64
CA TRP B 280 -15.40 11.91 -39.28
C TRP B 280 -14.22 12.04 -40.23
N ASP B 281 -13.37 11.02 -40.27
CA ASP B 281 -12.20 11.02 -41.14
C ASP B 281 -12.58 10.60 -42.56
N TYR B 282 -13.51 9.66 -42.66
CA TYR B 282 -13.96 9.17 -43.95
C TYR B 282 -15.46 9.07 -43.99
N ASP B 283 -16.06 9.64 -45.02
CA ASP B 283 -17.50 9.57 -45.14
C ASP B 283 -17.82 8.20 -45.68
N LEU B 284 -19.07 7.75 -45.55
CA LEU B 284 -19.40 6.44 -46.08
C LEU B 284 -19.03 6.52 -47.58
N PRO B 285 -19.41 7.64 -48.23
CA PRO B 285 -19.01 7.77 -49.63
C PRO B 285 -17.49 7.89 -49.88
N ALA B 286 -16.78 8.60 -49.01
CA ALA B 286 -15.33 8.72 -49.11
C ALA B 286 -14.65 7.37 -48.99
N ARG B 287 -15.10 6.59 -48.01
CA ARG B 287 -14.58 5.25 -47.79
C ARG B 287 -14.82 4.36 -49.00
N VAL B 288 -16.02 4.45 -49.59
CA VAL B 288 -16.28 3.68 -50.80
C VAL B 288 -15.35 4.11 -51.93
N ARG B 289 -15.10 5.42 -52.03
CA ARG B 289 -14.19 5.93 -53.03
C ARG B 289 -12.80 5.35 -52.83
N ASP B 290 -12.39 5.23 -51.57
CA ASP B 290 -11.10 4.63 -51.25
C ASP B 290 -11.09 3.19 -51.71
N GLY B 291 -12.18 2.45 -51.47
CA GLY B 291 -12.24 1.05 -51.86
C GLY B 291 -12.14 0.85 -53.36
N ILE B 292 -12.90 1.65 -54.10
CA ILE B 292 -12.89 1.60 -55.56
C ILE B 292 -11.48 1.92 -56.03
N ALA B 293 -10.89 2.93 -55.40
CA ALA B 293 -9.55 3.35 -55.72
C ALA B 293 -8.54 2.25 -55.47
N ILE B 294 -8.74 1.46 -54.41
CA ILE B 294 -7.84 0.36 -54.10
C ILE B 294 -7.93 -0.72 -55.15
N ILE B 295 -9.17 -1.05 -55.53
CA ILE B 295 -9.38 -2.10 -56.51
C ILE B 295 -8.78 -1.71 -57.86
N THR B 296 -9.01 -0.47 -58.27
CA THR B 296 -8.56 0.01 -59.57
C THR B 296 -7.06 0.35 -59.58
N THR B 297 -6.51 0.68 -58.42
CA THR B 297 -5.09 0.95 -58.30
C THR B 297 -4.35 -0.37 -58.38
N ALA B 298 -4.93 -1.38 -57.73
CA ALA B 298 -4.39 -2.73 -57.78
C ALA B 298 -4.43 -3.27 -59.20
N ALA B 299 -5.53 -2.98 -59.88
CA ALA B 299 -5.69 -3.34 -61.28
C ALA B 299 -4.64 -2.66 -62.13
N SER B 300 -4.38 -1.39 -61.82
CA SER B 300 -3.40 -0.59 -62.56
C SER B 300 -1.96 -1.07 -62.34
N THR B 301 -1.62 -1.40 -61.10
CA THR B 301 -0.29 -1.91 -60.79
C THR B 301 -0.06 -3.28 -61.43
N MET B 302 -1.07 -4.15 -61.35
CA MET B 302 -0.96 -5.47 -61.97
C MET B 302 -0.86 -5.35 -63.48
N LEU B 303 -1.59 -4.39 -64.03
CA LEU B 303 -1.51 -4.07 -65.45
C LEU B 303 -0.10 -3.65 -65.80
N SER B 304 0.41 -2.63 -65.11
CA SER B 304 1.75 -2.12 -65.35
C SER B 304 2.76 -3.24 -65.32
N GLU B 305 2.61 -4.18 -64.38
CA GLU B 305 3.52 -5.31 -64.30
C GLU B 305 3.39 -6.28 -65.48
N HIS B 306 2.20 -6.85 -65.69
CA HIS B 306 1.99 -7.82 -66.77
C HIS B 306 1.21 -7.37 -68.02
N ASN B 307 0.75 -6.12 -68.08
CA ASN B 307 -0.06 -5.63 -69.20
C ASN B 307 -1.28 -6.53 -69.50
N SER B 308 -1.86 -7.09 -68.46
CA SER B 308 -2.92 -8.09 -68.58
C SER B 308 -4.23 -7.66 -67.91
N ILE B 309 -5.35 -7.87 -68.60
CA ILE B 309 -6.67 -7.59 -68.03
C ILE B 309 -6.98 -8.50 -66.84
N PRO B 310 -7.33 -7.90 -65.70
CA PRO B 310 -7.75 -8.59 -64.48
C PRO B 310 -9.13 -9.24 -64.59
N GLN B 311 -9.93 -8.83 -65.57
CA GLN B 311 -11.33 -9.25 -65.66
C GLN B 311 -11.47 -10.77 -65.75
N SER B 312 -12.42 -11.31 -64.99
CA SER B 312 -12.61 -12.75 -64.89
C SER B 312 -14.08 -13.11 -64.78
N LYS B 313 -14.45 -14.34 -65.14
CA LYS B 313 -15.84 -14.77 -65.04
C LYS B 313 -16.22 -14.86 -63.57
N SER B 314 -17.35 -14.26 -63.23
CA SER B 314 -17.74 -14.07 -61.84
C SER B 314 -18.62 -15.18 -61.26
N SER B 315 -19.12 -16.09 -62.09
CA SER B 315 -20.22 -16.96 -61.68
C SER B 315 -19.76 -18.02 -60.68
N CYS B 316 -20.36 -17.96 -59.49
CA CYS B 316 -20.02 -18.87 -58.40
C CYS B 316 -20.48 -20.30 -58.65
N ASN B 317 -21.71 -20.43 -59.16
CA ASN B 317 -22.35 -21.74 -59.34
C ASN B 317 -21.52 -22.76 -60.11
N ASN B 318 -20.92 -22.32 -61.21
CA ASN B 318 -20.02 -23.17 -61.97
C ASN B 318 -18.64 -23.20 -61.34
N ILE B 319 -17.74 -23.98 -61.92
CA ILE B 319 -16.37 -24.03 -61.42
C ILE B 319 -15.74 -22.65 -61.59
N GLN B 320 -14.78 -22.32 -60.73
CA GLN B 320 -14.10 -21.03 -60.81
C GLN B 320 -13.41 -20.91 -62.16
N GLU B 321 -13.49 -19.72 -62.75
CA GLU B 321 -12.99 -19.51 -64.11
C GLU B 321 -11.49 -19.80 -64.20
N SER B 322 -11.06 -20.27 -65.36
CA SER B 322 -9.65 -20.55 -65.59
C SER B 322 -8.90 -19.22 -65.54
N ARG B 323 -7.63 -19.24 -65.16
CA ARG B 323 -6.81 -18.02 -65.10
C ARG B 323 -7.17 -17.16 -63.88
N VAL B 324 -8.16 -17.60 -63.12
CA VAL B 324 -8.42 -16.98 -61.81
C VAL B 324 -7.23 -17.22 -60.89
N TYR B 325 -6.54 -18.34 -61.07
CA TYR B 325 -5.35 -18.62 -60.29
C TYR B 325 -4.28 -17.55 -60.45
N GLU B 326 -4.21 -16.90 -61.60
CA GLU B 326 -3.23 -15.84 -61.74
C GLU B 326 -3.51 -14.70 -60.78
N ALA B 327 -4.78 -14.56 -60.37
CA ALA B 327 -5.12 -13.42 -59.54
C ALA B 327 -4.28 -13.48 -58.29
N HIS B 328 -3.78 -14.68 -57.96
CA HIS B 328 -3.08 -14.86 -56.71
C HIS B 328 -1.94 -13.86 -56.61
N MET B 329 -1.19 -13.76 -57.72
CA MET B 329 0.00 -12.92 -57.68
C MET B 329 -0.38 -11.49 -57.37
N LEU B 330 -1.53 -11.11 -57.90
CA LEU B 330 -2.04 -9.76 -57.69
C LEU B 330 -2.16 -9.45 -56.23
N LYS B 331 -2.78 -10.36 -55.47
CA LYS B 331 -2.97 -10.12 -54.04
C LYS B 331 -1.63 -9.89 -53.35
N ARG B 332 -0.63 -10.71 -53.70
CA ARG B 332 0.67 -10.59 -53.07
C ARG B 332 1.24 -9.21 -53.37
N TYR B 333 1.06 -8.79 -54.61
CA TYR B 333 1.38 -7.45 -55.09
C TYR B 333 0.40 -6.40 -54.52
N LEU B 334 -0.87 -6.79 -54.36
CA LEU B 334 -2.02 -5.89 -54.07
C LEU B 334 -2.12 -5.40 -52.63
N ILE B 335 -1.33 -5.99 -51.75
CA ILE B 335 -1.45 -5.80 -50.31
C ILE B 335 -1.32 -4.34 -49.93
N ASN B 336 -0.35 -3.66 -50.50
CA ASN B 336 -0.28 -2.22 -50.30
C ASN B 336 -0.72 -1.48 -51.55
N VAL B 337 -1.77 -0.68 -51.36
CA VAL B 337 -2.36 0.14 -52.39
C VAL B 337 -2.49 1.52 -51.79
N THR B 338 -2.12 2.50 -52.59
CA THR B 338 -2.08 3.89 -52.18
C THR B 338 -2.81 4.83 -53.12
N PHE B 339 -3.59 5.74 -52.54
CA PHE B 339 -4.22 6.78 -53.33
C PHE B 339 -4.26 8.01 -52.44
N GLU B 340 -4.24 9.16 -53.10
CA GLU B 340 -4.29 10.47 -52.46
C GLU B 340 -3.06 10.65 -51.56
N GLY B 341 -1.97 9.95 -51.89
CA GLY B 341 -0.78 9.99 -51.06
C GLY B 341 -1.03 9.39 -49.69
N ARG B 342 -2.05 8.53 -49.63
CA ARG B 342 -2.52 7.91 -48.38
C ARG B 342 -2.50 6.40 -48.50
N ASP B 343 -2.06 5.72 -47.45
CA ASP B 343 -1.95 4.28 -47.54
C ASP B 343 -3.20 3.52 -47.14
N LEU B 344 -3.60 2.63 -48.04
CA LEU B 344 -4.65 1.68 -47.77
C LEU B 344 -3.97 0.36 -47.46
N SER B 345 -2.64 0.41 -47.32
CA SER B 345 -1.81 -0.80 -47.32
C SER B 345 -2.37 -1.82 -46.35
N PHE B 346 -2.54 -3.04 -46.83
CA PHE B 346 -3.10 -4.05 -45.95
C PHE B 346 -2.00 -4.78 -45.21
N SER B 347 -2.43 -5.67 -44.32
CA SER B 347 -1.55 -6.57 -43.60
C SER B 347 -2.01 -8.00 -43.83
N GLU B 348 -1.14 -8.95 -43.49
CA GLU B 348 -1.34 -10.35 -43.82
C GLU B 348 -2.71 -10.87 -43.37
N ASP B 349 -3.24 -10.32 -42.29
CA ASP B 349 -4.56 -10.71 -41.81
C ASP B 349 -5.64 -10.19 -42.76
N GLY B 350 -5.32 -9.15 -43.52
CA GLY B 350 -6.27 -8.55 -44.44
C GLY B 350 -6.87 -7.24 -43.94
N TYR B 351 -6.52 -6.85 -42.72
CA TYR B 351 -6.81 -5.52 -42.23
C TYR B 351 -5.85 -4.49 -42.81
N GLN B 352 -6.33 -3.26 -42.97
CA GLN B 352 -5.53 -2.19 -43.56
C GLN B 352 -4.16 -2.37 -42.92
N MET B 353 -3.13 -2.45 -43.76
CA MET B 353 -1.76 -2.58 -43.26
C MET B 353 -1.45 -1.19 -42.70
N HIS B 354 -2.23 -0.20 -43.13
CA HIS B 354 -2.09 1.16 -42.66
C HIS B 354 -3.44 1.72 -42.25
N PRO B 355 -4.33 0.85 -41.80
CA PRO B 355 -5.67 1.26 -41.36
C PRO B 355 -5.59 2.51 -40.49
N LYS B 356 -6.70 3.23 -40.36
CA LYS B 356 -6.68 4.48 -39.60
C LYS B 356 -7.53 4.31 -38.34
N LEU B 357 -7.12 4.98 -37.27
CA LEU B 357 -7.80 4.75 -36.01
C LEU B 357 -8.02 6.02 -35.16
N VAL B 358 -9.06 6.00 -34.33
CA VAL B 358 -9.36 7.14 -33.45
C VAL B 358 -9.44 6.77 -31.95
N ILE B 359 -8.78 7.59 -31.15
CA ILE B 359 -8.82 7.57 -29.70
C ILE B 359 -10.12 8.22 -29.29
N ILE B 360 -10.92 7.46 -28.53
CA ILE B 360 -12.24 7.91 -28.17
C ILE B 360 -12.41 7.77 -26.66
N LEU B 361 -13.27 8.60 -26.10
CA LEU B 361 -13.52 8.60 -24.67
C LEU B 361 -15.03 8.65 -24.47
N LEU B 362 -15.50 8.29 -23.29
CA LEU B 362 -16.92 8.48 -23.02
C LEU B 362 -17.11 9.85 -22.42
N ASN B 363 -17.67 10.75 -23.21
CA ASN B 363 -17.99 12.09 -22.75
C ASN B 363 -19.10 11.99 -21.74
N GLN B 364 -19.27 13.03 -20.93
CA GLN B 364 -20.29 13.01 -19.90
C GLN B 364 -21.65 12.74 -20.55
N GLU B 365 -22.56 12.15 -19.79
CA GLU B 365 -23.75 11.47 -20.30
C GLU B 365 -23.37 10.29 -21.21
N ARG B 366 -24.13 10.11 -22.29
CA ARG B 366 -23.99 8.91 -23.13
C ARG B 366 -23.08 9.12 -24.33
N LYS B 367 -22.48 10.30 -24.42
CA LYS B 367 -21.73 10.68 -25.62
C LYS B 367 -20.43 9.88 -25.80
N TRP B 368 -20.19 9.47 -27.04
CA TRP B 368 -18.88 9.01 -27.50
C TRP B 368 -18.26 10.14 -28.32
N GLU B 369 -17.21 10.77 -27.78
CA GLU B 369 -16.61 11.89 -28.49
C GLU B 369 -15.15 11.62 -28.84
N ARG B 370 -14.77 11.94 -30.08
CA ARG B 370 -13.43 11.66 -30.54
C ARG B 370 -12.42 12.45 -29.73
N VAL B 371 -11.25 11.88 -29.48
CA VAL B 371 -10.23 12.71 -28.90
C VAL B 371 -8.96 12.74 -29.73
N GLY B 372 -8.38 11.58 -29.98
CA GLY B 372 -7.11 11.59 -30.67
C GLY B 372 -7.23 10.86 -31.96
N LYS B 373 -6.35 11.15 -32.90
CA LYS B 373 -6.26 10.34 -34.08
C LYS B 373 -4.93 9.62 -34.10
N TYR B 374 -4.91 8.39 -34.61
CA TYR B 374 -3.68 7.61 -34.68
C TYR B 374 -3.61 6.78 -35.94
N LYS B 375 -2.44 6.82 -36.59
CA LYS B 375 -2.26 6.14 -37.86
C LYS B 375 -0.82 5.62 -38.03
N ASP B 376 -0.72 4.45 -38.65
CA ASP B 376 0.56 3.81 -38.94
C ASP B 376 1.43 3.70 -37.69
N ARG B 377 2.61 4.29 -37.75
CA ARG B 377 3.52 4.28 -36.62
C ARG B 377 3.10 5.30 -35.55
N SER B 378 2.56 6.44 -35.95
CA SER B 378 2.47 7.57 -35.03
C SER B 378 1.05 7.97 -34.64
N LEU B 379 0.93 8.58 -33.47
CA LEU B 379 -0.36 8.98 -32.92
C LEU B 379 -0.32 10.45 -32.52
N LYS B 380 -1.43 11.15 -32.70
CA LYS B 380 -1.51 12.52 -32.22
C LYS B 380 -2.86 12.74 -31.54
N MET B 381 -2.84 13.30 -30.33
CA MET B 381 -4.09 13.52 -29.63
C MET B 381 -4.11 14.94 -29.06
N TRP B 382 -5.28 15.55 -29.00
CA TRP B 382 -5.39 16.94 -28.57
C TRP B 382 -5.36 17.03 -27.04
N GLU B 397 -6.06 25.53 -3.97
CA GLU B 397 -4.66 25.17 -3.75
C GLU B 397 -3.92 25.03 -5.07
N HIS B 398 -3.33 26.12 -5.54
CA HIS B 398 -2.59 26.14 -6.78
C HIS B 398 -1.19 26.51 -6.38
N LEU B 399 -1.11 27.69 -5.76
CA LEU B 399 0.11 28.34 -5.29
C LEU B 399 1.41 28.41 -6.04
N SER B 400 1.34 29.03 -7.19
CA SER B 400 2.49 29.34 -7.99
C SER B 400 3.73 29.78 -7.26
N ILE B 401 4.88 29.23 -7.64
CA ILE B 401 6.09 29.47 -6.88
C ILE B 401 7.11 30.07 -7.82
N VAL B 402 7.89 31.03 -7.32
CA VAL B 402 8.95 31.62 -8.12
C VAL B 402 10.28 31.36 -7.43
N THR B 403 11.32 31.16 -8.24
CA THR B 403 12.65 30.95 -7.70
C THR B 403 13.72 31.63 -8.55
N LEU B 404 14.97 31.41 -8.16
CA LEU B 404 16.11 31.93 -8.91
C LEU B 404 17.22 30.90 -8.86
N GLU B 405 18.11 30.92 -9.85
CA GLU B 405 19.14 29.91 -9.95
C GLU B 405 20.38 30.27 -9.12
N GLU B 406 20.78 29.35 -8.25
CA GLU B 406 21.93 29.55 -7.39
C GLU B 406 23.02 28.52 -7.68
N ALA B 407 24.04 28.48 -6.82
CA ALA B 407 25.14 27.54 -6.99
C ALA B 407 24.79 26.07 -7.18
N PRO B 408 24.31 25.42 -6.12
CA PRO B 408 23.94 24.01 -6.17
C PRO B 408 22.50 23.89 -5.68
N PHE B 409 22.10 24.80 -4.79
CA PHE B 409 20.75 24.80 -4.25
C PHE B 409 19.71 24.70 -5.36
N VAL B 410 19.66 25.73 -6.21
CA VAL B 410 18.70 25.77 -7.31
C VAL B 410 19.46 25.92 -8.62
N ILE B 411 19.48 24.87 -9.41
CA ILE B 411 20.27 24.86 -10.63
C ILE B 411 19.36 24.84 -11.86
N VAL B 412 19.54 25.82 -12.73
CA VAL B 412 18.85 25.78 -14.00
C VAL B 412 19.71 25.04 -15.00
N GLU B 413 19.08 24.10 -15.69
CA GLU B 413 19.73 23.35 -16.73
C GLU B 413 18.87 23.44 -17.97
N ASP B 414 19.51 23.33 -19.13
CA ASP B 414 18.82 23.31 -20.40
C ASP B 414 18.46 21.88 -20.77
N VAL B 415 17.17 21.64 -20.97
CA VAL B 415 16.65 20.31 -21.26
C VAL B 415 17.11 19.82 -22.63
N ASP B 416 17.22 18.50 -22.78
CA ASP B 416 17.57 17.89 -24.06
C ASP B 416 16.47 18.23 -25.07
N PRO B 417 16.86 18.88 -26.18
CA PRO B 417 15.91 19.30 -27.21
C PRO B 417 15.23 18.11 -27.88
N LEU B 418 15.97 17.02 -28.07
CA LEU B 418 15.44 15.80 -28.65
C LEU B 418 14.33 15.23 -27.79
N SER B 419 14.55 15.26 -26.47
CA SER B 419 13.55 14.81 -25.51
C SER B 419 12.32 15.73 -25.50
N GLY B 420 12.56 17.03 -25.60
CA GLY B 420 11.48 18.01 -25.67
C GLY B 420 10.89 18.38 -24.32
N THR B 421 11.24 17.63 -23.27
CA THR B 421 10.73 17.90 -21.93
C THR B 421 11.69 17.42 -20.85
N CYS B 422 11.51 17.90 -19.62
CA CYS B 422 12.49 17.72 -18.55
C CYS B 422 12.70 16.27 -18.15
N MET B 423 13.89 15.97 -17.64
CA MET B 423 14.25 14.60 -17.30
C MET B 423 14.55 14.43 -15.81
N ARG B 424 14.15 13.27 -15.27
CA ARG B 424 14.47 12.87 -13.91
C ARG B 424 13.99 13.85 -12.84
N ASN B 425 14.91 14.24 -11.97
CA ASN B 425 14.61 15.08 -10.81
C ASN B 425 14.23 16.50 -11.20
N THR B 426 14.64 16.89 -12.41
CA THR B 426 14.39 18.24 -12.89
C THR B 426 12.89 18.51 -13.01
N VAL B 427 12.48 19.66 -12.51
CA VAL B 427 11.10 20.09 -12.52
C VAL B 427 11.06 21.37 -13.35
N PRO B 428 10.01 21.53 -14.17
CA PRO B 428 9.97 22.69 -15.07
C PRO B 428 9.81 24.04 -14.37
N CYS B 429 10.50 25.04 -14.91
CA CYS B 429 10.34 26.43 -14.47
C CYS B 429 10.45 27.35 -15.68
N ARG B 430 9.54 28.31 -15.78
CA ARG B 430 9.51 29.20 -16.94
C ARG B 430 9.99 30.60 -16.61
N LYS B 431 10.71 31.21 -17.54
CA LYS B 431 11.19 32.57 -17.37
C LYS B 431 10.74 33.46 -18.52
N GLN B 432 9.95 34.50 -18.20
CA GLN B 432 9.50 35.44 -19.19
C GLN B 432 10.65 36.32 -19.63
N ILE B 433 10.84 36.46 -20.95
CA ILE B 433 11.95 37.23 -21.48
C ILE B 433 11.49 38.15 -22.61
N ILE B 446 10.20 30.78 -22.79
CA ILE B 446 11.29 29.81 -22.78
C ILE B 446 11.23 28.93 -21.52
N LYS B 447 11.24 27.62 -21.73
CA LYS B 447 11.18 26.68 -20.62
C LYS B 447 12.58 26.25 -20.15
N ARG B 448 12.84 26.47 -18.87
CA ARG B 448 14.12 26.10 -18.25
C ARG B 448 13.87 24.99 -17.23
N CYS B 449 14.85 24.12 -17.02
CA CYS B 449 14.64 23.00 -16.10
C CYS B 449 15.37 23.17 -14.77
N CYS B 450 14.61 23.37 -13.70
CA CYS B 450 15.23 23.63 -12.41
C CYS B 450 15.37 22.32 -11.64
N LYS B 451 16.53 22.11 -11.02
CA LYS B 451 16.77 20.94 -10.20
C LYS B 451 17.84 21.19 -9.15
N GLY B 452 17.79 20.42 -8.07
CA GLY B 452 18.75 20.57 -6.99
C GLY B 452 18.21 20.30 -5.60
N PHE B 453 18.95 20.79 -4.61
CA PHE B 453 18.64 20.57 -3.20
C PHE B 453 17.28 21.16 -2.79
N CYS B 454 17.09 22.43 -3.10
CA CYS B 454 15.85 23.15 -2.80
C CYS B 454 14.65 22.54 -3.54
N ILE B 455 14.89 22.11 -4.77
CA ILE B 455 13.85 21.53 -5.61
C ILE B 455 13.34 20.23 -4.97
N ASP B 456 14.28 19.43 -4.48
CA ASP B 456 13.95 18.15 -3.86
C ASP B 456 13.21 18.41 -2.55
N ILE B 457 13.68 19.39 -1.78
CA ILE B 457 13.02 19.73 -0.53
C ILE B 457 11.57 20.19 -0.78
N LEU B 458 11.40 21.02 -1.80
CA LEU B 458 10.07 21.50 -2.18
C LEU B 458 9.19 20.32 -2.58
N LYS B 459 9.76 19.39 -3.33
CA LYS B 459 9.04 18.23 -3.82
C LYS B 459 8.57 17.37 -2.65
N LYS B 460 9.45 17.16 -1.68
CA LYS B 460 9.10 16.39 -0.50
C LYS B 460 8.04 17.07 0.36
N ILE B 461 8.19 18.38 0.57
CA ILE B 461 7.22 19.13 1.37
C ILE B 461 5.84 19.06 0.74
N ALA B 462 5.81 19.27 -0.57
CA ALA B 462 4.57 19.18 -1.34
C ALA B 462 3.96 17.79 -1.30
N LYS B 463 4.83 16.78 -1.36
CA LYS B 463 4.41 15.38 -1.30
C LYS B 463 3.75 15.07 0.04
N THR B 464 4.33 15.61 1.10
CA THR B 464 3.84 15.35 2.45
C THR B 464 2.53 16.09 2.70
N VAL B 465 2.46 17.36 2.30
CA VAL B 465 1.26 18.16 2.52
C VAL B 465 0.23 17.90 1.41
N LYS B 466 0.67 17.25 0.33
CA LYS B 466 -0.21 16.84 -0.76
C LYS B 466 -0.96 18.02 -1.41
N PHE B 467 -0.21 18.86 -2.12
CA PHE B 467 -0.81 19.90 -2.95
C PHE B 467 -0.06 20.01 -4.28
N THR B 468 -0.67 20.68 -5.25
CA THR B 468 -0.02 20.85 -6.55
C THR B 468 0.35 22.30 -6.76
N TYR B 469 1.39 22.53 -7.56
CA TYR B 469 2.02 23.84 -7.64
C TYR B 469 2.65 24.14 -9.01
N ASP B 470 2.72 25.42 -9.35
CA ASP B 470 3.37 25.86 -10.60
C ASP B 470 4.67 26.60 -10.31
N LEU B 471 5.76 26.25 -10.98
CA LEU B 471 7.05 26.87 -10.69
C LEU B 471 7.57 27.71 -11.86
N TYR B 472 8.01 28.94 -11.58
CA TYR B 472 8.61 29.79 -12.60
C TYR B 472 9.84 30.54 -12.05
N LEU B 473 10.51 31.27 -12.94
CA LEU B 473 11.70 32.02 -12.59
C LEU B 473 11.44 33.51 -12.52
N VAL B 474 12.13 34.18 -11.60
CA VAL B 474 11.97 35.61 -11.44
C VAL B 474 12.73 36.34 -12.54
N THR B 475 12.26 37.54 -12.88
CA THR B 475 12.88 38.37 -13.90
C THR B 475 13.54 39.57 -13.23
N ASN B 476 12.72 40.37 -12.58
CA ASN B 476 13.15 41.62 -11.95
C ASN B 476 13.81 41.46 -10.58
N GLY B 477 15.07 41.91 -10.49
CA GLY B 477 15.79 42.04 -9.24
C GLY B 477 16.26 40.87 -8.41
N LYS B 478 16.20 39.66 -8.96
CA LYS B 478 16.74 38.46 -8.31
C LYS B 478 16.24 38.26 -6.87
N HIS B 479 17.16 38.29 -5.90
CA HIS B 479 16.79 38.25 -4.48
C HIS B 479 16.20 39.57 -4.02
N GLY B 480 15.25 39.50 -3.08
CA GLY B 480 14.50 40.68 -2.71
C GLY B 480 15.34 41.83 -2.20
N LYS B 481 15.08 43.02 -2.73
CA LYS B 481 15.90 44.19 -2.33
C LYS B 481 15.07 45.44 -2.08
N LYS B 482 15.36 46.20 -1.04
CA LYS B 482 14.59 47.42 -0.87
C LYS B 482 15.43 48.54 -1.46
N ILE B 483 14.89 49.14 -2.52
CA ILE B 483 15.47 50.32 -3.16
C ILE B 483 14.54 51.52 -3.02
N ASN B 484 15.04 52.54 -2.33
CA ASN B 484 14.26 53.73 -2.04
C ASN B 484 12.98 53.28 -1.33
N GLY B 485 11.84 53.60 -1.92
CA GLY B 485 10.57 53.21 -1.33
C GLY B 485 10.13 51.78 -1.59
N VAL B 486 10.64 51.18 -2.67
CA VAL B 486 10.06 49.94 -3.19
C VAL B 486 10.94 48.68 -3.13
N TRP B 487 10.29 47.54 -2.88
CA TRP B 487 10.91 46.21 -2.91
C TRP B 487 11.12 45.66 -4.33
N ASN B 488 12.03 44.69 -4.46
CA ASN B 488 12.24 44.03 -5.74
C ASN B 488 12.43 42.54 -5.53
N GLY B 489 12.49 41.80 -6.63
CA GLY B 489 12.74 40.37 -6.65
C GLY B 489 11.50 39.51 -6.46
N MET B 490 11.72 38.26 -6.05
CA MET B 490 10.65 37.29 -5.84
C MET B 490 9.62 37.79 -4.84
N ILE B 491 10.10 38.58 -3.89
CA ILE B 491 9.25 39.15 -2.85
C ILE B 491 8.18 40.03 -3.47
N GLY B 492 8.51 40.69 -4.57
CA GLY B 492 7.53 41.49 -5.29
C GLY B 492 6.39 40.63 -5.79
N GLU B 493 6.71 39.45 -6.33
CA GLU B 493 5.70 38.55 -6.85
C GLU B 493 4.94 37.90 -5.69
N VAL B 494 5.55 37.91 -4.51
CA VAL B 494 4.86 37.45 -3.31
C VAL B 494 3.89 38.50 -2.79
N VAL B 495 4.27 39.76 -2.98
CA VAL B 495 3.47 40.90 -2.57
C VAL B 495 2.39 41.20 -3.59
N THR B 496 2.73 41.07 -4.87
CA THR B 496 1.80 41.27 -5.96
C THR B 496 0.82 40.11 -6.04
N LYS B 497 1.06 39.10 -5.20
CA LYS B 497 0.29 37.87 -5.18
C LYS B 497 0.44 37.12 -6.50
N ARG B 498 1.55 37.40 -7.19
CA ARG B 498 1.91 36.67 -8.39
C ARG B 498 2.68 35.41 -7.98
N ALA B 499 3.12 35.39 -6.73
CA ALA B 499 3.67 34.19 -6.13
C ALA B 499 3.08 34.08 -4.73
N TYR B 500 2.64 32.89 -4.36
CA TYR B 500 2.18 32.68 -3.00
C TYR B 500 3.37 32.47 -2.08
N MET B 501 4.24 31.55 -2.47
CA MET B 501 5.44 31.24 -1.73
C MET B 501 6.67 31.30 -2.63
N ALA B 502 7.75 31.89 -2.13
CA ALA B 502 9.00 31.99 -2.88
C ALA B 502 10.06 31.07 -2.30
N VAL B 503 10.70 30.28 -3.16
CA VAL B 503 11.68 29.28 -2.72
C VAL B 503 13.04 29.57 -3.35
N GLY B 504 14.12 29.21 -2.66
CA GLY B 504 15.46 29.43 -3.17
C GLY B 504 16.54 29.42 -2.09
N SER B 505 17.64 30.11 -2.39
CA SER B 505 18.76 30.27 -1.47
C SER B 505 18.55 31.50 -0.60
N LEU B 506 17.34 32.06 -0.69
CA LEU B 506 16.98 33.30 -0.01
C LEU B 506 17.32 33.29 1.48
N THR B 507 18.03 34.33 1.92
CA THR B 507 18.40 34.48 3.33
C THR B 507 17.22 35.11 4.09
N ILE B 508 17.32 35.19 5.41
CA ILE B 508 16.26 35.76 6.23
C ILE B 508 16.70 37.06 6.90
N ASN B 509 15.78 38.01 7.02
CA ASN B 509 16.05 39.28 7.70
C ASN B 509 14.77 39.86 8.31
N GLU B 510 14.94 40.82 9.21
CA GLU B 510 13.81 41.39 9.98
C GLU B 510 12.74 42.03 9.09
N GLU B 511 13.17 42.76 8.07
CA GLU B 511 12.25 43.43 7.16
C GLU B 511 11.31 42.47 6.41
N ARG B 512 11.89 41.39 5.89
CA ARG B 512 11.13 40.43 5.10
C ARG B 512 10.25 39.58 6.01
N SER B 513 10.74 39.29 7.21
CA SER B 513 9.93 38.57 8.20
C SER B 513 8.76 39.44 8.60
N GLU B 514 8.99 40.75 8.61
CA GLU B 514 7.93 41.72 8.87
C GLU B 514 6.88 41.69 7.78
N VAL B 515 7.30 41.69 6.52
CA VAL B 515 6.34 41.74 5.42
C VAL B 515 5.70 40.38 5.11
N VAL B 516 6.46 39.30 5.23
CA VAL B 516 5.96 37.97 4.91
C VAL B 516 6.43 36.92 5.92
N ASP B 517 5.54 35.99 6.27
CA ASP B 517 5.91 34.90 7.17
C ASP B 517 6.92 33.96 6.52
N PHE B 518 7.92 33.55 7.30
CA PHE B 518 8.97 32.68 6.78
C PHE B 518 8.97 31.29 7.40
N SER B 519 9.36 30.30 6.60
CA SER B 519 9.55 28.94 7.09
C SER B 519 10.79 28.86 7.99
N VAL B 520 10.81 27.86 8.87
CA VAL B 520 11.96 27.65 9.75
C VAL B 520 13.20 27.27 8.95
N PRO B 521 14.39 27.66 9.44
CA PRO B 521 15.60 27.42 8.64
C PRO B 521 15.96 25.94 8.55
N PHE B 522 16.16 25.44 7.33
CA PHE B 522 16.54 24.04 7.16
C PHE B 522 18.04 23.80 7.26
N ILE B 523 18.84 24.84 7.04
CA ILE B 523 20.28 24.67 6.96
C ILE B 523 21.02 25.76 7.71
N GLU B 524 22.18 25.42 8.28
CA GLU B 524 23.00 26.39 8.98
C GLU B 524 23.83 27.16 7.95
N THR B 525 23.65 28.48 7.92
CA THR B 525 24.32 29.33 6.94
C THR B 525 24.45 30.76 7.46
N GLY B 526 24.83 31.67 6.59
CA GLY B 526 25.00 33.07 6.96
C GLY B 526 26.08 33.77 6.15
N ILE B 527 26.48 34.95 6.61
CA ILE B 527 27.58 35.66 5.98
C ILE B 527 28.88 34.93 6.33
N SER B 528 29.84 34.93 5.42
CA SER B 528 31.13 34.30 5.67
C SER B 528 32.18 34.73 4.66
N VAL B 529 33.40 34.28 4.90
CA VAL B 529 34.53 34.65 4.07
C VAL B 529 35.19 33.42 3.45
N MET B 530 35.73 33.62 2.25
CA MET B 530 36.42 32.61 1.48
C MET B 530 37.69 33.26 0.97
N VAL B 531 38.82 32.65 1.34
CA VAL B 531 40.15 33.20 1.08
C VAL B 531 41.17 32.09 0.84
N SER B 532 42.26 32.48 0.19
CA SER B 532 43.42 31.62 -0.05
C SER B 532 44.30 31.55 1.21
N ARG B 533 45.14 30.53 1.25
CA ARG B 533 45.93 30.13 2.42
C ARG B 533 46.94 31.29 2.29
N SER B 534 46.91 32.26 3.18
CA SER B 534 48.02 33.20 3.26
C SER B 534 47.89 33.06 4.78
N GLN B 645 43.88 34.96 8.30
CA GLN B 645 44.03 36.41 8.27
C GLN B 645 43.32 37.20 9.38
N VAL B 646 42.02 37.01 9.57
CA VAL B 646 41.37 37.72 10.67
C VAL B 646 40.91 36.73 11.74
N SER B 647 41.66 36.67 12.83
CA SER B 647 41.38 35.72 13.90
C SER B 647 40.25 36.27 14.76
N GLY B 648 40.34 37.56 15.06
CA GLY B 648 39.24 38.23 15.73
C GLY B 648 38.05 38.25 14.81
N LEU B 649 38.33 38.45 13.52
CA LEU B 649 37.35 38.48 12.41
C LEU B 649 36.44 39.71 12.50
N SER B 650 36.60 40.46 13.58
CA SER B 650 36.05 41.80 13.74
C SER B 650 37.20 42.79 13.90
N ASP B 651 38.41 42.37 13.59
CA ASP B 651 39.63 43.07 14.01
C ASP B 651 39.75 44.52 13.54
N LYS B 652 38.86 44.90 12.62
CA LYS B 652 38.79 46.25 12.06
C LYS B 652 39.82 46.42 10.94
N LYS B 653 40.59 45.36 10.69
CA LYS B 653 41.47 45.35 9.53
C LYS B 653 40.55 45.46 8.33
N PHE B 654 39.41 44.78 8.41
CA PHE B 654 38.32 44.96 7.47
C PHE B 654 37.72 46.36 7.58
N GLN B 655 37.60 46.88 8.81
CA GLN B 655 36.93 48.17 9.05
C GLN B 655 37.68 49.25 8.31
N ARG B 656 39.00 49.24 8.37
CA ARG B 656 39.71 50.13 7.49
C ARG B 656 40.84 49.38 6.78
N PRO B 657 40.86 49.51 5.45
CA PRO B 657 41.95 49.13 4.56
C PRO B 657 43.11 50.08 4.70
N ASN B 658 42.76 51.35 4.88
CA ASN B 658 43.72 52.44 4.91
C ASN B 658 44.70 52.37 6.07
N ASP B 659 44.31 51.73 7.17
CA ASP B 659 45.21 51.55 8.30
C ASP B 659 46.41 50.73 7.85
N PHE B 660 46.15 49.73 7.02
CA PHE B 660 47.21 48.95 6.40
C PHE B 660 47.70 49.64 5.13
N SER B 661 49.01 49.91 5.07
CA SER B 661 49.59 50.70 3.98
C SER B 661 49.35 50.11 2.59
N PRO B 662 49.57 48.79 2.42
CA PRO B 662 49.10 48.31 1.11
C PRO B 662 47.58 48.27 1.10
N ALA B 663 46.97 48.47 -0.06
CA ALA B 663 45.53 48.50 -0.13
C ALA B 663 45.01 47.08 0.05
N PHE B 664 44.02 46.89 0.91
CA PHE B 664 43.46 45.56 1.05
C PHE B 664 42.23 45.47 0.16
N ARG B 665 41.69 44.28 -0.01
CA ARG B 665 40.56 44.12 -0.91
C ARG B 665 39.59 43.04 -0.45
N PHE B 666 38.31 43.40 -0.40
CA PHE B 666 37.26 42.43 -0.17
C PHE B 666 35.96 42.97 -0.78
N GLY B 667 35.14 42.07 -1.29
CA GLY B 667 33.92 42.47 -1.96
C GLY B 667 32.82 41.44 -1.86
N THR B 668 31.60 41.85 -2.17
CA THR B 668 30.46 40.95 -2.16
C THR B 668 29.47 41.31 -3.26
N VAL B 669 28.55 40.40 -3.55
CA VAL B 669 27.54 40.64 -4.56
C VAL B 669 26.50 41.64 -4.06
N PRO B 670 26.20 42.65 -4.88
CA PRO B 670 25.22 43.71 -4.59
C PRO B 670 23.78 43.25 -4.67
N ASN B 671 22.89 44.07 -4.13
CA ASN B 671 21.46 43.79 -4.09
C ASN B 671 21.17 42.55 -3.23
N GLY B 672 22.13 42.21 -2.36
CA GLY B 672 22.05 41.06 -1.47
C GLY B 672 21.55 41.44 -0.09
N SER B 673 21.07 40.45 0.67
CA SER B 673 20.71 40.66 2.06
C SER B 673 21.96 41.03 2.84
N THR B 674 23.08 40.48 2.39
CA THR B 674 24.38 40.77 2.97
C THR B 674 24.75 42.25 2.81
N GLU B 675 24.59 42.77 1.59
CA GLU B 675 24.92 44.17 1.32
C GLU B 675 24.01 45.14 2.07
N ARG B 676 22.71 44.83 2.10
CA ARG B 676 21.74 45.65 2.82
C ARG B 676 22.03 45.66 4.32
N ASN B 677 22.33 44.48 4.86
CA ASN B 677 22.72 44.35 6.25
C ASN B 677 23.97 45.16 6.56
N ILE B 678 24.96 45.03 5.69
CA ILE B 678 26.21 45.79 5.78
C ILE B 678 25.92 47.28 5.85
N ARG B 679 25.16 47.79 4.88
CA ARG B 679 24.81 49.19 4.85
C ARG B 679 24.08 49.62 6.11
N ASN B 680 23.24 48.73 6.64
CA ASN B 680 22.52 49.03 7.87
C ASN B 680 23.46 49.19 9.07
N ASN B 681 24.24 48.16 9.35
CA ASN B 681 25.20 48.22 10.46
C ASN B 681 26.50 48.96 10.18
N TYR B 682 27.22 48.59 9.12
CA TYR B 682 28.54 49.15 8.88
C TYR B 682 28.57 49.93 7.57
N LEU B 683 28.58 51.25 7.66
CA LEU B 683 28.51 52.10 6.48
C LEU B 683 29.81 52.13 5.68
N GLU B 684 30.91 52.44 6.37
CA GLU B 684 32.22 52.56 5.76
C GLU B 684 32.60 51.34 4.92
N MET B 685 32.27 50.17 5.43
CA MET B 685 32.54 48.93 4.71
C MET B 685 31.78 48.87 3.40
N HIS B 686 30.52 49.30 3.41
CA HIS B 686 29.69 49.34 2.20
C HIS B 686 30.25 50.33 1.18
N SER B 687 30.46 51.55 1.66
CA SER B 687 30.95 52.65 0.82
C SER B 687 32.31 52.35 0.22
N TYR B 688 33.13 51.58 0.93
CA TYR B 688 34.43 51.16 0.40
C TYR B 688 34.32 49.98 -0.55
N MET B 689 33.47 49.02 -0.20
CA MET B 689 33.37 47.77 -0.95
C MET B 689 32.61 47.90 -2.26
N VAL B 690 31.90 49.02 -2.45
CA VAL B 690 31.18 49.21 -3.71
C VAL B 690 32.11 49.09 -4.93
N LYS B 691 33.37 49.48 -4.77
CA LYS B 691 34.37 49.35 -5.82
C LYS B 691 34.73 47.89 -6.08
N PHE B 692 34.66 47.08 -5.03
CA PHE B 692 35.06 45.67 -5.11
C PHE B 692 33.87 44.73 -5.36
N ASN B 693 32.69 45.31 -5.53
CA ASN B 693 31.50 44.53 -5.85
C ASN B 693 31.66 43.80 -7.18
N GLN B 694 31.11 42.58 -7.26
CA GLN B 694 31.30 41.74 -8.45
C GLN B 694 29.99 41.30 -9.09
N ARG B 695 30.03 41.09 -10.40
CA ARG B 695 28.84 40.76 -11.19
C ARG B 695 28.13 39.48 -10.75
N SER B 696 28.88 38.40 -10.63
CA SER B 696 28.29 37.09 -10.32
C SER B 696 29.25 36.23 -9.51
N VAL B 697 28.70 35.21 -8.85
CA VAL B 697 29.48 34.35 -7.96
C VAL B 697 30.62 33.64 -8.70
N GLN B 698 30.37 33.25 -9.94
CA GLN B 698 31.42 32.68 -10.78
C GLN B 698 32.48 33.75 -11.07
N ASP B 699 32.01 34.96 -11.35
CA ASP B 699 32.89 36.09 -11.61
C ASP B 699 33.56 36.65 -10.34
N ALA B 700 32.81 36.75 -9.25
CA ALA B 700 33.40 37.06 -7.94
C ALA B 700 34.54 36.07 -7.67
N LEU B 701 34.27 34.82 -8.01
CA LEU B 701 35.24 33.76 -7.90
C LEU B 701 36.40 34.06 -8.85
N LEU B 702 36.11 34.65 -10.00
CA LEU B 702 37.18 35.01 -10.92
C LEU B 702 38.10 36.07 -10.31
N SER B 703 37.53 36.99 -9.54
CA SER B 703 38.33 38.01 -8.87
C SER B 703 39.18 37.41 -7.78
N LEU B 704 38.66 36.42 -7.07
CA LEU B 704 39.47 35.77 -6.04
C LEU B 704 40.56 34.86 -6.65
N LYS B 705 40.14 33.99 -7.56
CA LYS B 705 40.95 32.89 -8.11
C LYS B 705 42.17 33.30 -8.92
N SER B 706 42.00 34.29 -9.80
CA SER B 706 43.07 34.67 -10.71
C SER B 706 43.97 35.74 -10.09
N GLY B 707 43.68 36.11 -8.86
CA GLY B 707 44.36 37.21 -8.22
C GLY B 707 43.59 38.48 -8.49
N LYS B 708 44.14 39.61 -8.04
CA LYS B 708 43.55 40.96 -8.18
C LYS B 708 42.48 41.19 -7.12
N LEU B 709 42.22 40.16 -6.31
CA LEU B 709 41.40 40.31 -5.11
C LEU B 709 41.88 39.33 -4.04
N ASP B 710 41.91 39.77 -2.80
CA ASP B 710 42.39 38.94 -1.70
C ASP B 710 41.28 38.06 -1.14
N ALA B 711 40.28 38.69 -0.55
CA ALA B 711 39.23 37.96 0.15
C ALA B 711 37.88 38.12 -0.53
N PHE B 712 37.04 37.09 -0.42
CA PHE B 712 35.67 37.20 -0.92
C PHE B 712 34.69 36.92 0.20
N ILE B 713 33.55 37.60 0.17
CA ILE B 713 32.55 37.41 1.22
C ILE B 713 31.20 37.08 0.59
N TYR B 714 30.54 36.07 1.14
CA TYR B 714 29.28 35.61 0.58
C TYR B 714 28.55 34.71 1.56
N ASP B 715 27.45 34.14 1.11
CA ASP B 715 26.64 33.26 1.93
C ASP B 715 27.47 32.05 2.38
N ALA B 716 27.23 31.59 3.61
CA ALA B 716 28.10 30.61 4.25
C ALA B 716 27.91 29.22 3.68
N ALA B 717 26.68 28.87 3.32
CA ALA B 717 26.40 27.56 2.74
C ALA B 717 27.07 27.45 1.37
N VAL B 718 26.93 28.50 0.57
CA VAL B 718 27.52 28.55 -0.76
C VAL B 718 29.04 28.55 -0.67
N LEU B 719 29.56 29.29 0.30
CA LEU B 719 31.01 29.39 0.49
C LEU B 719 31.61 28.09 1.02
N ASN B 720 30.82 27.34 1.79
CA ASN B 720 31.24 26.05 2.31
C ASN B 720 31.20 24.97 1.24
N TYR B 721 30.14 24.98 0.43
CA TYR B 721 30.04 24.06 -0.69
C TYR B 721 31.15 24.34 -1.71
N MET B 722 31.42 25.61 -1.95
CA MET B 722 32.51 26.03 -2.83
C MET B 722 33.86 25.71 -2.21
N ALA B 723 33.90 25.67 -0.88
CA ALA B 723 35.12 25.29 -0.18
C ALA B 723 35.37 23.83 -0.51
N GLY B 724 34.33 23.02 -0.37
CA GLY B 724 34.37 21.61 -0.73
C GLY B 724 34.55 21.37 -2.22
N ARG B 725 33.94 22.21 -3.04
CA ARG B 725 34.05 22.03 -4.48
C ARG B 725 34.89 23.12 -5.15
N ASP B 726 36.09 22.75 -5.57
CA ASP B 726 36.97 23.65 -6.29
C ASP B 726 37.87 22.83 -7.22
N GLU B 727 38.26 23.41 -8.36
CA GLU B 727 39.03 22.70 -9.37
C GLU B 727 40.37 22.23 -8.78
N GLY B 728 40.81 22.97 -7.77
CA GLY B 728 41.94 22.60 -6.94
C GLY B 728 41.51 23.13 -5.59
N CYS B 729 42.09 22.60 -4.52
CA CYS B 729 41.67 22.94 -3.16
C CYS B 729 42.28 24.26 -2.69
N LYS B 730 42.41 25.19 -3.64
CA LYS B 730 43.02 26.49 -3.42
C LYS B 730 42.20 27.43 -2.53
N LEU B 731 40.94 27.08 -2.27
CA LEU B 731 40.08 27.98 -1.51
C LEU B 731 39.53 27.32 -0.25
N VAL B 732 39.45 28.10 0.83
CA VAL B 732 38.99 27.63 2.12
C VAL B 732 38.12 28.67 2.82
N THR B 733 37.44 28.25 3.89
CA THR B 733 36.59 29.14 4.66
C THR B 733 37.40 29.94 5.66
N ILE B 734 36.72 30.83 6.39
CA ILE B 734 37.40 31.64 7.38
C ILE B 734 37.23 30.99 8.75
N GLY B 735 38.35 30.83 9.46
CA GLY B 735 38.36 30.14 10.73
C GLY B 735 37.74 28.74 10.61
N SER B 736 36.78 28.46 11.48
CA SER B 736 36.04 27.20 11.42
C SER B 736 34.85 27.35 10.48
N GLY B 737 34.81 28.48 9.77
CA GLY B 737 33.66 28.83 8.97
C GLY B 737 32.48 29.16 9.86
N LYS B 738 32.77 29.42 11.13
CA LYS B 738 31.72 29.79 12.06
C LYS B 738 31.31 31.20 11.71
N VAL B 739 30.04 31.37 11.35
CA VAL B 739 29.58 32.60 10.73
C VAL B 739 28.88 33.52 11.71
N PHE B 740 29.12 34.82 11.56
CA PHE B 740 28.34 35.80 12.30
C PHE B 740 27.03 35.92 11.56
N ALA B 741 26.08 36.67 12.11
CA ALA B 741 24.75 36.80 11.52
C ALA B 741 24.19 35.40 11.26
N THR B 742 24.27 34.54 12.27
CA THR B 742 23.86 33.15 12.11
C THR B 742 22.42 33.08 11.63
N THR B 743 22.23 32.48 10.45
CA THR B 743 20.92 32.40 9.84
C THR B 743 20.73 31.09 9.09
N GLY B 744 19.56 30.95 8.49
CA GLY B 744 19.24 29.78 7.69
C GLY B 744 18.32 30.18 6.56
N TYR B 745 18.20 29.33 5.56
CA TYR B 745 17.33 29.61 4.42
C TYR B 745 15.86 29.39 4.78
N GLY B 746 15.03 30.41 4.57
CA GLY B 746 13.61 30.29 4.81
C GLY B 746 12.81 30.23 3.51
N ILE B 747 11.49 30.30 3.64
CA ILE B 747 10.60 30.28 2.48
C ILE B 747 9.44 31.25 2.68
N ALA B 748 9.13 32.02 1.65
CA ALA B 748 8.09 33.05 1.73
C ALA B 748 6.68 32.47 1.79
N ILE B 749 5.78 33.27 2.37
CA ILE B 749 4.34 33.00 2.42
C ILE B 749 3.77 34.41 2.35
N GLN B 750 2.46 34.59 2.32
CA GLN B 750 1.90 35.93 2.13
C GLN B 750 1.92 36.72 3.43
N LYS B 751 1.14 36.25 4.38
CA LYS B 751 0.94 36.93 5.65
C LYS B 751 0.33 35.94 6.64
N ASP B 752 -0.18 36.45 7.75
CA ASP B 752 -0.73 35.62 8.83
C ASP B 752 -1.70 34.55 8.33
N SER B 753 -2.34 34.82 7.21
CA SER B 753 -3.18 33.81 6.57
C SER B 753 -2.33 33.03 5.58
N GLY B 754 -2.15 31.75 5.86
CA GLY B 754 -1.39 30.88 4.99
C GLY B 754 -1.45 29.45 5.47
N TRP B 755 -1.01 28.51 4.62
CA TRP B 755 -0.92 27.12 5.04
C TRP B 755 -0.03 27.08 6.28
N LYS B 756 0.99 27.92 6.28
CA LYS B 756 1.73 28.29 7.47
C LYS B 756 2.31 27.08 8.21
N ARG B 757 1.81 26.86 9.41
CA ARG B 757 2.30 25.83 10.32
C ARG B 757 2.42 24.45 9.68
N GLN B 758 1.46 24.14 8.81
CA GLN B 758 1.44 22.85 8.11
C GLN B 758 2.75 22.62 7.37
N VAL B 759 3.24 23.68 6.72
CA VAL B 759 4.55 23.65 6.08
C VAL B 759 5.64 23.30 7.08
N ASP B 760 5.65 24.03 8.20
CA ASP B 760 6.72 23.93 9.18
C ASP B 760 6.90 22.50 9.68
N LEU B 761 5.78 21.89 10.07
CA LEU B 761 5.78 20.51 10.52
C LEU B 761 6.48 19.65 9.49
N ALA B 762 6.03 19.76 8.24
CA ALA B 762 6.58 18.95 7.15
C ALA B 762 8.09 19.05 7.16
N ILE B 763 8.59 20.28 7.32
CA ILE B 763 10.02 20.54 7.29
C ILE B 763 10.74 19.68 8.32
N LEU B 764 10.25 19.68 9.55
CA LEU B 764 11.00 18.97 10.57
C LEU B 764 10.73 17.47 10.49
N GLN B 765 9.80 17.06 9.63
CA GLN B 765 9.63 15.64 9.39
C GLN B 765 10.76 15.19 8.49
N LEU B 766 11.23 16.13 7.66
CA LEU B 766 12.26 15.83 6.67
C LEU B 766 13.57 15.46 7.34
N PHE B 767 13.95 16.23 8.35
CA PHE B 767 15.11 15.91 9.16
C PHE B 767 14.73 14.81 10.12
N GLY B 768 13.43 14.73 10.42
CA GLY B 768 12.93 13.80 11.40
C GLY B 768 13.15 12.37 10.97
N ASP B 769 13.16 12.15 9.67
CA ASP B 769 13.45 10.83 9.13
C ASP B 769 14.92 10.73 8.72
N GLY B 770 15.64 11.83 8.83
CA GLY B 770 17.07 11.84 8.54
C GLY B 770 17.43 11.98 7.08
N GLU B 771 16.45 12.39 6.27
CA GLU B 771 16.66 12.56 4.83
C GLU B 771 17.67 13.65 4.52
N MET B 772 17.62 14.73 5.29
CA MET B 772 18.50 15.87 5.08
C MET B 772 19.98 15.55 5.10
N GLU B 773 20.37 14.56 5.90
CA GLU B 773 21.77 14.16 5.95
C GLU B 773 22.20 13.52 4.63
N GLU B 774 21.33 12.67 4.10
CA GLU B 774 21.55 12.04 2.80
C GLU B 774 21.63 13.09 1.69
N LEU B 775 20.63 13.97 1.66
CA LEU B 775 20.59 15.05 0.69
C LEU B 775 21.79 15.98 0.82
N GLU B 776 22.32 16.09 2.03
CA GLU B 776 23.50 16.89 2.29
C GLU B 776 24.71 16.22 1.67
N ALA B 777 24.83 14.92 1.87
CA ALA B 777 25.94 14.16 1.29
C ALA B 777 25.90 14.21 -0.24
N LEU B 778 24.69 14.11 -0.80
CA LEU B 778 24.58 14.14 -2.25
C LEU B 778 24.78 15.53 -2.86
N TRP B 779 23.99 16.51 -2.43
CA TRP B 779 24.04 17.84 -3.03
C TRP B 779 25.07 18.80 -2.43
N LEU B 780 25.13 18.85 -1.10
CA LEU B 780 25.94 19.86 -0.42
C LEU B 780 27.41 19.49 -0.22
N THR B 781 27.67 18.20 -0.01
CA THR B 781 29.01 17.76 0.33
C THR B 781 29.99 17.98 -0.82
N GLY B 782 31.08 18.66 -0.53
CA GLY B 782 32.14 18.85 -1.50
C GLY B 782 33.28 17.89 -1.22
N ILE B 783 34.12 17.63 -2.21
CA ILE B 783 35.19 16.69 -2.04
C ILE B 783 36.31 17.34 -1.25
N CYS B 784 36.48 18.64 -1.42
CA CYS B 784 37.54 19.31 -0.69
C CYS B 784 37.24 19.38 0.79
N HIS B 785 38.19 19.98 1.47
CA HIS B 785 38.26 20.16 2.91
C HIS B 785 38.29 18.83 3.63
N ASN B 786 38.64 17.74 2.94
CA ASN B 786 38.73 16.49 3.67
C ASN B 786 40.07 16.56 4.37
N GLU B 787 40.98 17.19 3.63
CA GLU B 787 42.38 17.42 3.98
C GLU B 787 42.61 18.68 4.80
N LYS B 788 43.03 18.52 6.06
CA LYS B 788 43.33 19.63 6.96
C LYS B 788 43.49 19.11 8.38
N ASP C 1 -64.03 2.18 2.56
CA ASP C 1 -64.18 1.90 3.99
C ASP C 1 -63.17 2.70 4.81
N PRO C 2 -63.58 3.13 6.02
CA PRO C 2 -62.76 3.86 7.00
C PRO C 2 -61.83 3.04 7.89
N LYS C 3 -60.77 3.67 8.40
CA LYS C 3 -59.88 3.07 9.39
C LYS C 3 -59.69 4.03 10.59
N ILE C 4 -59.92 3.55 11.80
CA ILE C 4 -59.83 4.41 12.98
C ILE C 4 -58.45 4.39 13.64
N VAL C 5 -57.74 5.53 13.59
CA VAL C 5 -56.41 5.64 14.19
C VAL C 5 -56.36 6.43 15.49
N ASN C 6 -56.08 5.77 16.62
CA ASN C 6 -56.10 6.45 17.90
C ASN C 6 -54.84 7.29 18.17
N ILE C 7 -55.01 8.31 19.01
CA ILE C 7 -53.95 9.15 19.51
C ILE C 7 -54.17 9.29 21.01
N GLY C 8 -53.14 9.62 21.76
CA GLY C 8 -53.37 9.76 23.19
C GLY C 8 -52.54 10.90 23.73
N ALA C 9 -52.93 11.40 24.88
CA ALA C 9 -52.26 12.54 25.45
C ALA C 9 -52.51 12.64 26.94
N VAL C 10 -51.62 13.35 27.59
CA VAL C 10 -51.79 13.73 28.98
C VAL C 10 -51.60 15.22 29.13
N LEU C 11 -52.61 15.87 29.68
CA LEU C 11 -52.64 17.31 29.74
C LEU C 11 -53.05 17.81 31.12
N SER C 12 -52.86 19.10 31.35
CA SER C 12 -53.08 19.69 32.65
C SER C 12 -54.55 19.65 33.07
N THR C 13 -55.44 20.03 32.16
CA THR C 13 -56.86 20.14 32.51
C THR C 13 -57.79 19.67 31.39
N LYS C 14 -59.02 19.33 31.76
CA LYS C 14 -60.05 18.85 30.84
C LYS C 14 -60.36 19.83 29.71
N LYS C 15 -60.28 21.13 30.01
CA LYS C 15 -60.46 22.16 28.99
C LYS C 15 -59.45 21.99 27.87
N HIS C 16 -58.21 21.72 28.25
CA HIS C 16 -57.16 21.49 27.29
C HIS C 16 -57.39 20.17 26.55
N GLU C 17 -58.06 19.23 27.21
CA GLU C 17 -58.47 18.00 26.55
C GLU C 17 -59.46 18.31 25.43
N GLN C 18 -60.45 19.16 25.72
CA GLN C 18 -61.40 19.59 24.70
C GLN C 18 -60.70 20.33 23.56
N ILE C 19 -59.72 21.16 23.90
CA ILE C 19 -58.92 21.84 22.88
C ILE C 19 -58.21 20.81 22.00
N PHE C 20 -57.67 19.77 22.64
CA PHE C 20 -57.00 18.69 21.95
C PHE C 20 -57.94 18.00 20.95
N ARG C 21 -59.07 17.52 21.46
CA ARG C 21 -60.07 16.85 20.62
C ARG C 21 -60.54 17.75 19.47
N GLU C 22 -60.73 19.03 19.76
CA GLU C 22 -61.13 20.00 18.75
C GLU C 22 -60.08 20.10 17.65
N ALA C 23 -58.81 20.19 18.05
CA ALA C 23 -57.71 20.25 17.10
C ALA C 23 -57.63 18.97 16.25
N VAL C 24 -57.84 17.83 16.90
CA VAL C 24 -57.87 16.54 16.22
C VAL C 24 -58.95 16.52 15.16
N ASN C 25 -60.15 16.98 15.53
CA ASN C 25 -61.26 17.06 14.59
C ASN C 25 -60.94 18.01 13.44
N GLN C 26 -60.24 19.09 13.73
CA GLN C 26 -59.74 20.00 12.69
C GLN C 26 -58.80 19.27 11.73
N ALA C 27 -57.97 18.39 12.27
CA ALA C 27 -57.07 17.60 11.45
C ALA C 27 -57.83 16.63 10.55
N ASN C 28 -58.83 15.98 11.12
CA ASN C 28 -59.70 15.08 10.36
C ASN C 28 -60.44 15.77 9.23
N PHE C 29 -61.01 16.94 9.53
CA PHE C 29 -61.82 17.69 8.58
C PHE C 29 -61.02 18.15 7.36
N PHE C 30 -59.77 18.56 7.58
CA PHE C 30 -58.97 19.20 6.53
C PHE C 30 -58.12 18.21 5.75
N HIS C 31 -58.26 16.93 6.06
CA HIS C 31 -57.54 15.88 5.36
C HIS C 31 -58.52 14.74 5.09
N PHE C 32 -58.16 13.84 4.17
CA PHE C 32 -59.12 12.84 3.69
C PHE C 32 -59.69 11.98 4.82
N THR C 33 -61.02 11.99 4.95
CA THR C 33 -61.70 11.18 5.96
C THR C 33 -62.13 9.85 5.34
N ARG C 34 -62.05 9.77 4.02
CA ARG C 34 -62.43 8.56 3.31
C ARG C 34 -61.41 7.46 3.52
N LYS C 35 -60.14 7.80 3.33
CA LYS C 35 -59.06 6.85 3.53
C LYS C 35 -58.85 6.52 5.01
N ILE C 36 -58.72 7.56 5.84
CA ILE C 36 -58.41 7.38 7.25
C ILE C 36 -59.10 8.42 8.14
N GLN C 37 -59.28 8.06 9.41
CA GLN C 37 -59.81 8.97 10.42
C GLN C 37 -59.00 8.90 11.71
N LEU C 38 -58.96 10.00 12.45
CA LEU C 38 -58.24 10.01 13.73
C LEU C 38 -59.18 10.08 14.93
N ASN C 39 -58.82 9.35 15.99
CA ASN C 39 -59.63 9.22 17.21
C ASN C 39 -58.77 9.58 18.40
N ALA C 40 -59.37 10.19 19.41
CA ALA C 40 -58.60 10.67 20.56
C ALA C 40 -59.00 9.96 21.84
N THR C 41 -58.02 9.53 22.62
CA THR C 41 -58.29 8.98 23.95
C THR C 41 -57.32 9.64 24.92
N SER C 42 -57.77 9.97 26.12
CA SER C 42 -56.92 10.69 27.07
C SER C 42 -57.31 10.51 28.53
N VAL C 43 -56.39 10.90 29.42
CA VAL C 43 -56.57 10.81 30.88
C VAL C 43 -55.84 11.95 31.58
N THR C 44 -56.37 12.33 32.75
CA THR C 44 -55.80 13.38 33.56
C THR C 44 -54.49 12.92 34.19
N HIS C 45 -53.67 13.88 34.59
CA HIS C 45 -52.44 13.56 35.29
C HIS C 45 -52.77 12.85 36.58
N ARG C 46 -51.97 11.85 36.91
CA ARG C 46 -52.13 11.17 38.17
C ARG C 46 -51.14 11.81 39.11
N PRO C 47 -51.39 11.72 40.43
CA PRO C 47 -50.55 12.44 41.39
C PRO C 47 -49.09 11.99 41.35
N ASN C 48 -48.90 10.68 41.23
CA ASN C 48 -47.56 10.11 41.11
C ASN C 48 -47.23 9.65 39.69
N ALA C 49 -46.02 9.16 39.51
CA ALA C 49 -45.61 8.57 38.24
C ALA C 49 -46.32 7.25 37.95
N ILE C 50 -46.46 6.40 38.96
CA ILE C 50 -46.93 5.03 38.75
C ILE C 50 -48.37 4.93 38.25
N GLN C 51 -49.27 5.69 38.86
CA GLN C 51 -50.66 5.72 38.44
C GLN C 51 -50.75 6.16 36.99
N MET C 52 -49.93 7.14 36.63
CA MET C 52 -49.87 7.67 35.28
C MET C 52 -49.32 6.66 34.25
N ALA C 53 -48.21 6.00 34.59
CA ALA C 53 -47.64 4.97 33.71
C ALA C 53 -48.66 3.85 33.51
N LEU C 54 -49.31 3.48 34.61
CA LEU C 54 -50.38 2.50 34.59
C LEU C 54 -51.53 2.98 33.72
N SER C 55 -51.76 4.29 33.72
CA SER C 55 -52.80 4.91 32.90
C SER C 55 -52.45 4.77 31.43
N VAL C 56 -51.18 4.96 31.12
CA VAL C 56 -50.70 4.83 29.75
C VAL C 56 -50.86 3.40 29.26
N CYS C 57 -50.40 2.44 30.07
CA CYS C 57 -50.49 1.04 29.68
C CYS C 57 -51.93 0.56 29.58
N GLU C 58 -52.77 1.04 30.49
CA GLU C 58 -54.17 0.63 30.54
C GLU C 58 -55.11 1.54 29.76
N ASP C 59 -55.20 2.80 30.18
CA ASP C 59 -56.21 3.70 29.63
C ASP C 59 -55.90 4.15 28.19
N LEU C 60 -54.62 4.32 27.86
CA LEU C 60 -54.21 4.82 26.55
C LEU C 60 -53.85 3.70 25.57
N ILE C 61 -52.83 2.92 25.90
CA ILE C 61 -52.33 1.87 24.99
C ILE C 61 -53.39 0.82 24.65
N SER C 62 -54.40 0.65 25.51
CA SER C 62 -55.51 -0.24 25.20
C SER C 62 -56.32 0.28 24.01
N SER C 63 -56.11 1.55 23.68
CA SER C 63 -56.80 2.17 22.55
C SER C 63 -55.90 2.10 21.32
N GLN C 64 -54.75 1.46 21.50
CA GLN C 64 -53.77 1.28 20.41
C GLN C 64 -53.21 2.60 19.90
N VAL C 65 -52.85 3.50 20.81
CA VAL C 65 -52.34 4.80 20.41
C VAL C 65 -51.09 4.67 19.52
N TYR C 66 -51.01 5.51 18.49
CA TYR C 66 -49.87 5.50 17.61
C TYR C 66 -48.83 6.50 18.11
N ALA C 67 -49.24 7.29 19.09
CA ALA C 67 -48.42 8.34 19.66
C ALA C 67 -49.08 9.03 20.85
N ILE C 68 -48.25 9.70 21.63
CA ILE C 68 -48.69 10.34 22.86
C ILE C 68 -48.18 11.77 22.95
N LEU C 69 -49.00 12.64 23.51
CA LEU C 69 -48.60 14.01 23.81
C LEU C 69 -48.55 14.15 25.31
N VAL C 70 -47.66 15.00 25.82
CA VAL C 70 -47.56 15.21 27.26
C VAL C 70 -47.30 16.69 27.57
N SER C 71 -47.82 17.17 28.68
CA SER C 71 -47.59 18.54 29.10
C SER C 71 -47.22 18.57 30.59
N HIS C 72 -46.49 19.60 30.99
CA HIS C 72 -46.19 19.79 32.40
C HIS C 72 -47.45 20.08 33.18
N PRO C 73 -47.58 19.50 34.38
CA PRO C 73 -48.75 19.65 35.25
C PRO C 73 -48.89 21.05 35.82
N PRO C 74 -50.08 21.39 36.34
CA PRO C 74 -50.32 22.73 36.90
C PRO C 74 -49.36 23.05 38.05
N ALA C 75 -49.18 22.08 38.95
CA ALA C 75 -48.18 22.20 40.01
C ALA C 75 -47.06 21.21 39.76
N PRO C 76 -45.88 21.71 39.36
CA PRO C 76 -44.75 20.82 39.06
C PRO C 76 -44.31 20.01 40.27
N THR C 77 -44.21 18.70 40.10
CA THR C 77 -43.74 17.81 41.16
C THR C 77 -42.33 17.34 40.85
N ASP C 78 -41.38 17.69 41.72
CA ASP C 78 -39.97 17.47 41.44
C ASP C 78 -39.69 18.13 40.11
N HIS C 79 -39.07 17.39 39.20
CA HIS C 79 -39.02 17.86 37.83
C HIS C 79 -39.19 16.68 36.90
N LEU C 80 -39.61 16.97 35.69
CA LEU C 80 -39.79 15.98 34.65
C LEU C 80 -40.78 14.87 34.99
N THR C 81 -41.91 15.20 35.62
CA THR C 81 -42.97 14.19 35.82
C THR C 81 -43.35 13.62 34.45
N PRO C 82 -43.19 14.41 33.37
CA PRO C 82 -43.22 13.49 32.23
C PRO C 82 -41.90 12.75 31.97
N THR C 83 -41.24 12.20 32.99
CA THR C 83 -40.22 11.17 32.77
C THR C 83 -40.79 9.76 32.50
N PRO C 84 -41.81 9.30 33.26
CA PRO C 84 -42.16 7.87 33.17
C PRO C 84 -42.74 7.41 31.84
N ILE C 85 -43.60 8.22 31.25
CA ILE C 85 -44.38 7.82 30.08
C ILE C 85 -43.51 7.51 28.92
N SER C 86 -42.52 8.38 28.75
CA SER C 86 -41.56 8.29 27.70
C SER C 86 -40.87 6.96 27.88
N TYR C 87 -40.68 6.59 29.13
CA TYR C 87 -40.10 5.30 29.42
C TYR C 87 -41.13 4.23 29.05
N THR C 88 -42.37 4.36 29.50
CA THR C 88 -43.37 3.31 29.26
C THR C 88 -43.62 3.20 27.75
N ALA C 89 -43.82 4.35 27.11
CA ALA C 89 -43.98 4.37 25.66
C ALA C 89 -42.70 3.89 25.01
N GLY C 90 -41.57 4.22 25.63
CA GLY C 90 -40.26 3.92 25.11
C GLY C 90 -40.18 2.42 24.91
N PHE C 91 -40.92 1.69 25.74
CA PHE C 91 -40.89 0.24 25.68
C PHE C 91 -41.35 -0.31 24.32
N TYR C 92 -42.42 0.25 23.78
CA TYR C 92 -42.94 -0.20 22.48
C TYR C 92 -42.48 0.68 21.32
N ARG C 93 -41.63 1.66 21.63
CA ARG C 93 -41.13 2.63 20.66
C ARG C 93 -42.26 3.49 20.11
N ILE C 94 -43.32 3.62 20.90
CA ILE C 94 -44.40 4.54 20.60
C ILE C 94 -43.89 5.96 20.82
N PRO C 95 -43.96 6.80 19.78
CA PRO C 95 -43.44 8.17 19.82
C PRO C 95 -44.13 9.05 20.85
N VAL C 96 -43.35 9.86 21.57
CA VAL C 96 -43.88 10.77 22.57
C VAL C 96 -43.57 12.20 22.19
N ILE C 97 -44.54 13.10 22.37
CA ILE C 97 -44.34 14.51 22.04
C ILE C 97 -44.68 15.43 23.20
N GLY C 98 -43.70 16.19 23.69
CA GLY C 98 -43.99 17.17 24.71
C GLY C 98 -44.36 18.52 24.12
N LEU C 99 -45.34 19.17 24.74
CA LEU C 99 -45.66 20.57 24.45
C LEU C 99 -44.71 21.40 25.28
N THR C 100 -44.66 21.03 26.55
CA THR C 100 -43.90 21.72 27.58
C THR C 100 -42.64 20.90 27.79
N THR C 101 -41.99 21.09 28.93
CA THR C 101 -40.71 20.49 29.29
C THR C 101 -39.35 20.74 28.68
N ARG C 102 -38.94 21.97 28.87
CA ARG C 102 -37.64 22.51 28.50
C ARG C 102 -36.44 21.72 28.96
N MET C 103 -36.70 20.69 29.75
CA MET C 103 -35.62 19.90 30.35
C MET C 103 -34.64 19.36 29.32
N SER C 104 -33.36 19.44 29.66
CA SER C 104 -32.30 19.06 28.74
C SER C 104 -32.08 17.55 28.72
N ILE C 105 -32.41 16.89 29.83
CA ILE C 105 -32.07 15.47 30.00
C ILE C 105 -32.77 14.58 28.98
N TYR C 106 -33.75 15.13 28.28
CA TYR C 106 -34.46 14.42 27.23
C TYR C 106 -33.73 14.51 25.89
N SER C 107 -32.67 15.29 25.85
CA SER C 107 -31.93 15.50 24.61
C SER C 107 -31.11 14.27 24.24
N ASP C 108 -30.76 13.48 25.24
CA ASP C 108 -29.98 12.27 24.98
C ASP C 108 -30.95 11.22 24.44
N LYS C 109 -30.70 10.79 23.21
CA LYS C 109 -31.54 9.80 22.55
C LYS C 109 -31.58 8.48 23.31
N SER C 110 -30.44 8.14 23.92
CA SER C 110 -30.26 6.90 24.66
C SER C 110 -31.27 6.56 25.71
N ILE C 111 -31.45 7.49 26.63
CA ILE C 111 -32.30 7.24 27.78
C ILE C 111 -33.76 7.39 27.35
N HIS C 112 -34.07 8.45 26.62
CA HIS C 112 -35.41 8.58 26.07
C HIS C 112 -35.35 8.51 24.54
N LEU C 113 -35.76 7.39 23.94
CA LEU C 113 -35.59 7.22 22.50
C LEU C 113 -36.88 7.49 21.74
N SER C 114 -37.98 7.65 22.48
CA SER C 114 -39.25 7.95 21.85
C SER C 114 -39.61 9.43 22.00
N PHE C 115 -38.71 10.21 22.60
CA PHE C 115 -39.07 11.57 23.00
C PHE C 115 -38.75 12.64 21.96
N LEU C 116 -39.79 13.37 21.58
CA LEU C 116 -39.72 14.52 20.70
C LEU C 116 -40.41 15.66 21.44
N ARG C 117 -40.07 16.91 21.10
CA ARG C 117 -40.72 18.03 21.78
C ARG C 117 -40.90 19.25 20.88
N THR C 118 -41.94 20.02 21.19
CA THR C 118 -42.27 21.22 20.43
C THR C 118 -41.51 22.43 20.96
N VAL C 119 -40.66 22.19 21.95
CA VAL C 119 -39.88 23.28 22.55
C VAL C 119 -38.38 23.00 22.40
N PRO C 120 -37.56 23.96 22.84
CA PRO C 120 -36.10 23.83 22.76
C PRO C 120 -35.49 23.50 24.11
N PRO C 121 -34.17 23.35 24.14
CA PRO C 121 -33.45 23.02 25.38
C PRO C 121 -32.56 24.17 25.83
N TYR C 122 -31.72 23.92 26.83
CA TYR C 122 -30.81 24.94 27.35
C TYR C 122 -29.49 24.92 26.60
N SER C 123 -28.77 23.80 26.68
CA SER C 123 -27.51 23.66 26.01
C SER C 123 -27.54 24.39 24.67
N HIS C 124 -28.65 24.21 23.94
CA HIS C 124 -28.77 24.83 22.62
C HIS C 124 -28.84 26.35 22.74
N GLN C 125 -29.12 26.83 23.95
CA GLN C 125 -29.16 28.26 24.21
C GLN C 125 -27.82 28.90 23.92
N ALA C 126 -26.75 28.11 24.04
CA ALA C 126 -25.42 28.62 23.77
C ALA C 126 -25.33 29.15 22.34
N LEU C 127 -26.17 28.61 21.46
CA LEU C 127 -26.18 29.09 20.07
C LEU C 127 -26.46 30.58 20.08
N VAL C 128 -27.42 30.97 20.93
CA VAL C 128 -27.79 32.36 21.12
C VAL C 128 -26.57 33.06 21.67
N TRP C 129 -25.96 32.47 22.68
CA TRP C 129 -24.80 33.08 23.30
C TRP C 129 -23.76 33.20 22.20
N PHE C 130 -23.62 32.13 21.40
CA PHE C 130 -22.71 32.12 20.26
C PHE C 130 -23.15 33.18 19.25
N GLU C 131 -24.45 33.28 19.05
CA GLU C 131 -25.04 34.27 18.15
C GLU C 131 -24.76 35.63 18.76
N MET C 132 -24.83 35.68 20.09
CA MET C 132 -24.55 36.89 20.87
C MET C 132 -23.12 37.29 20.55
N MET C 133 -22.23 36.30 20.44
CA MET C 133 -20.81 36.58 20.23
C MET C 133 -20.63 37.35 18.91
N ARG C 134 -21.50 37.12 17.93
CA ARG C 134 -21.38 37.76 16.62
C ARG C 134 -21.46 39.24 16.90
N LEU C 135 -22.39 39.58 17.78
CA LEU C 135 -22.68 40.96 18.09
C LEU C 135 -21.49 41.63 18.78
N PHE C 136 -20.83 40.97 19.73
CA PHE C 136 -19.80 41.76 20.41
C PHE C 136 -18.46 41.81 19.69
N ASN C 137 -18.27 40.90 18.74
CA ASN C 137 -17.13 40.84 17.82
C ASN C 137 -15.86 40.61 18.64
N TRP C 138 -16.07 39.91 19.75
CA TRP C 138 -15.09 39.36 20.70
C TRP C 138 -14.97 37.84 20.65
N ASN C 139 -13.79 37.28 20.40
CA ASN C 139 -13.66 35.83 20.43
C ASN C 139 -13.30 35.29 21.83
N HIS C 140 -12.78 36.16 22.69
CA HIS C 140 -12.37 35.76 24.04
C HIS C 140 -13.43 36.06 25.10
N VAL C 141 -13.86 34.99 25.78
CA VAL C 141 -14.88 35.03 26.83
C VAL C 141 -14.55 34.07 27.98
N ILE C 142 -15.41 34.01 28.97
CA ILE C 142 -15.22 33.01 30.03
C ILE C 142 -16.53 32.28 30.28
N LEU C 143 -16.44 30.99 30.57
CA LEU C 143 -17.61 30.15 30.77
C LEU C 143 -17.61 29.59 32.18
N ILE C 144 -18.72 29.79 32.87
CA ILE C 144 -18.89 29.22 34.20
C ILE C 144 -20.07 28.26 34.19
N VAL C 145 -19.79 27.00 34.52
CA VAL C 145 -20.83 25.99 34.48
C VAL C 145 -20.91 25.25 35.81
N SER C 146 -22.13 24.84 36.16
CA SER C 146 -22.33 23.90 37.25
C SER C 146 -21.88 22.53 36.78
N ASP C 147 -21.65 21.62 37.72
CA ASP C 147 -21.19 20.28 37.35
C ASP C 147 -22.37 19.33 37.34
N ASP C 148 -22.78 18.95 36.14
CA ASP C 148 -23.93 18.10 35.88
C ASP C 148 -24.03 17.90 34.38
N HIS C 149 -24.97 17.08 33.94
CA HIS C 149 -25.15 16.89 32.51
C HIS C 149 -25.49 18.21 31.83
N GLU C 150 -26.24 19.06 32.52
CA GLU C 150 -26.65 20.36 31.98
C GLU C 150 -25.47 21.27 31.64
N GLY C 151 -24.64 21.56 32.65
CA GLY C 151 -23.51 22.44 32.46
C GLY C 151 -22.49 21.90 31.48
N ARG C 152 -22.10 20.65 31.66
CA ARG C 152 -21.12 20.01 30.78
C ARG C 152 -21.62 19.94 29.34
N ALA C 153 -22.92 19.67 29.17
CA ALA C 153 -23.52 19.69 27.84
C ALA C 153 -23.42 21.08 27.27
N ALA C 154 -23.64 22.08 28.12
CA ALA C 154 -23.58 23.48 27.69
C ALA C 154 -22.17 23.80 27.20
N GLN C 155 -21.18 23.31 27.94
CA GLN C 155 -19.77 23.52 27.62
C GLN C 155 -19.55 22.90 26.26
N LYS C 156 -20.12 21.72 26.08
CA LYS C 156 -20.03 21.00 24.82
C LYS C 156 -20.64 21.87 23.74
N LYS C 157 -21.75 22.54 24.03
CA LYS C 157 -22.42 23.33 23.02
C LYS C 157 -21.58 24.51 22.59
N LEU C 158 -21.04 25.26 23.54
CA LEU C 158 -20.24 26.40 23.13
C LEU C 158 -19.06 25.87 22.36
N GLU C 159 -18.41 24.83 22.86
CA GLU C 159 -17.21 24.29 22.21
C GLU C 159 -17.43 23.67 20.83
N THR C 160 -18.53 22.93 20.66
CA THR C 160 -18.92 22.38 19.37
C THR C 160 -19.19 23.52 18.39
N LEU C 161 -19.82 24.56 18.91
CA LEU C 161 -20.06 25.77 18.13
C LEU C 161 -18.72 26.41 17.73
N LEU C 162 -17.78 26.40 18.66
CA LEU C 162 -16.45 27.00 18.48
C LEU C 162 -15.47 26.20 17.62
N GLU C 163 -15.73 24.90 17.49
CA GLU C 163 -14.78 23.99 16.86
C GLU C 163 -14.63 24.09 15.35
N GLU C 164 -15.76 24.25 14.67
CA GLU C 164 -15.79 24.53 13.24
C GLU C 164 -14.95 25.75 12.90
N LYS C 165 -15.12 26.80 13.68
CA LYS C 165 -14.25 27.97 13.63
C LYS C 165 -12.94 27.63 14.31
N GLU C 166 -11.99 28.56 14.31
CA GLU C 166 -10.78 28.35 15.10
C GLU C 166 -11.15 28.19 16.57
N SER C 167 -10.53 27.20 17.22
CA SER C 167 -10.89 26.83 18.58
C SER C 167 -10.67 27.97 19.56
N LYS C 168 -11.65 28.26 20.38
CA LYS C 168 -11.47 29.33 21.35
C LYS C 168 -11.57 28.81 22.79
N ALA C 169 -10.45 28.72 23.50
CA ALA C 169 -10.60 28.51 24.93
C ALA C 169 -9.98 29.68 25.67
N ASP C 170 -10.77 30.72 25.89
CA ASP C 170 -10.24 31.88 26.59
C ASP C 170 -10.07 31.54 28.06
N LYS C 171 -11.14 31.00 28.64
CA LYS C 171 -11.10 30.31 29.93
C LYS C 171 -12.32 29.41 30.15
N VAL C 172 -12.19 28.45 31.08
CA VAL C 172 -13.34 27.62 31.49
C VAL C 172 -13.31 27.40 33.00
N LEU C 173 -14.49 27.45 33.62
CA LEU C 173 -14.62 27.32 35.08
C LEU C 173 -15.79 26.41 35.47
N GLN C 174 -15.49 25.37 36.24
CA GLN C 174 -16.46 24.36 36.64
C GLN C 174 -16.70 24.40 38.14
N PHE C 175 -17.95 24.39 38.58
CA PHE C 175 -18.16 24.29 40.02
C PHE C 175 -19.14 23.19 40.45
N GLU C 176 -19.02 22.83 41.72
CA GLU C 176 -19.63 21.65 42.33
C GLU C 176 -20.76 21.97 43.31
N PRO C 177 -21.76 21.08 43.40
CA PRO C 177 -22.96 21.45 44.16
C PRO C 177 -22.74 21.66 45.65
N GLY C 178 -23.58 22.53 46.19
CA GLY C 178 -23.71 22.77 47.62
C GLY C 178 -22.75 23.76 48.24
N THR C 179 -21.86 24.36 47.46
CA THR C 179 -20.96 25.32 48.09
C THR C 179 -21.59 26.70 48.00
N LYS C 180 -22.07 27.20 49.12
CA LYS C 180 -22.75 28.49 49.16
C LYS C 180 -21.77 29.57 48.78
N ASN C 181 -20.55 29.45 49.30
CA ASN C 181 -19.48 30.40 48.98
C ASN C 181 -18.40 29.83 48.06
N LEU C 182 -18.32 30.42 46.87
CA LEU C 182 -17.38 30.10 45.77
C LEU C 182 -16.25 31.08 45.43
N THR C 183 -15.96 32.04 46.30
CA THR C 183 -15.16 33.23 45.93
C THR C 183 -13.81 32.95 45.23
N ALA C 184 -13.10 31.92 45.67
CA ALA C 184 -11.75 31.64 45.17
C ALA C 184 -11.73 31.41 43.65
N LEU C 185 -12.70 30.66 43.14
CA LEU C 185 -12.75 30.36 41.71
C LEU C 185 -12.82 31.64 40.86
N LEU C 186 -13.61 32.61 41.33
CA LEU C 186 -13.69 33.90 40.67
C LEU C 186 -12.38 34.67 40.83
N LEU C 187 -11.76 34.54 42.01
CA LEU C 187 -10.42 35.11 42.19
C LEU C 187 -9.47 34.59 41.12
N GLU C 188 -9.60 33.32 40.78
CA GLU C 188 -8.86 32.72 39.66
C GLU C 188 -9.30 33.34 38.33
N ALA C 189 -10.59 33.64 38.22
CA ALA C 189 -11.14 34.22 36.99
C ALA C 189 -10.52 35.58 36.68
N LYS C 190 -10.32 36.40 37.71
CA LYS C 190 -9.79 37.75 37.54
C LYS C 190 -8.41 37.75 36.86
N GLU C 191 -7.58 36.79 37.21
CA GLU C 191 -6.24 36.65 36.65
C GLU C 191 -6.27 36.54 35.12
N LEU C 192 -7.32 35.89 34.62
CA LEU C 192 -7.53 35.72 33.18
C LEU C 192 -7.77 37.04 32.46
N GLU C 193 -7.15 37.18 31.30
CA GLU C 193 -7.13 38.41 30.51
C GLU C 193 -8.51 38.81 29.97
N ALA C 194 -9.27 37.83 29.49
CA ALA C 194 -10.55 38.04 28.81
C ALA C 194 -11.54 38.82 29.67
N ARG C 195 -12.17 39.84 29.09
CA ARG C 195 -13.00 40.75 29.88
C ARG C 195 -14.53 40.50 29.84
N VAL C 196 -14.97 39.45 29.15
CA VAL C 196 -16.40 39.12 29.06
C VAL C 196 -16.75 37.87 29.87
N ILE C 197 -17.88 37.83 30.57
CA ILE C 197 -18.18 36.65 31.39
C ILE C 197 -19.57 36.06 31.07
N ILE C 198 -19.67 34.73 31.16
CA ILE C 198 -20.92 33.99 30.91
C ILE C 198 -21.16 32.82 31.86
N LEU C 199 -22.42 32.58 32.26
CA LEU C 199 -22.70 31.50 33.22
C LEU C 199 -24.02 30.72 33.00
N SER C 200 -23.99 29.45 33.40
CA SER C 200 -25.17 28.56 33.46
C SER C 200 -25.31 27.89 34.83
N ALA C 201 -26.52 27.88 35.40
CA ALA C 201 -26.70 27.28 36.73
C ALA C 201 -28.13 26.91 37.14
N SER C 202 -28.20 26.25 38.30
CA SER C 202 -29.45 25.91 38.98
C SER C 202 -30.03 27.15 39.64
N GLU C 203 -31.30 27.11 40.00
CA GLU C 203 -31.98 28.30 40.54
C GLU C 203 -31.27 28.89 41.75
N ASP C 204 -30.96 28.06 42.74
CA ASP C 204 -30.25 28.49 43.94
C ASP C 204 -28.85 29.01 43.66
N ASP C 205 -28.20 28.38 42.69
CA ASP C 205 -26.81 28.63 42.37
C ASP C 205 -26.52 29.99 41.75
N ALA C 206 -27.36 30.46 40.84
CA ALA C 206 -27.11 31.75 40.20
C ALA C 206 -27.04 32.87 41.23
N THR C 207 -27.86 32.75 42.28
CA THR C 207 -27.82 33.68 43.41
C THR C 207 -26.44 33.75 44.06
N ALA C 208 -25.90 32.59 44.39
CA ALA C 208 -24.58 32.50 45.02
C ALA C 208 -23.51 33.03 44.08
N VAL C 209 -23.67 32.76 42.79
CA VAL C 209 -22.71 33.21 41.80
C VAL C 209 -22.66 34.73 41.72
N TYR C 210 -23.81 35.37 41.59
CA TYR C 210 -23.87 36.83 41.51
C TYR C 210 -23.44 37.46 42.82
N LYS C 211 -23.80 36.82 43.92
CA LYS C 211 -23.46 37.29 45.26
C LYS C 211 -21.95 37.32 45.45
N SER C 212 -21.29 36.24 45.05
CA SER C 212 -19.83 36.16 45.12
C SER C 212 -19.15 37.06 44.10
N ALA C 213 -19.75 37.20 42.92
CA ALA C 213 -19.18 37.99 41.83
C ALA C 213 -19.19 39.49 42.12
N ALA C 214 -20.27 39.95 42.75
CA ALA C 214 -20.39 41.35 43.10
C ALA C 214 -19.33 41.75 44.14
N MET C 215 -18.99 40.78 44.99
CA MET C 215 -17.97 40.97 46.01
C MET C 215 -16.61 41.31 45.39
N LEU C 216 -16.27 40.63 44.30
CA LEU C 216 -15.02 40.89 43.59
C LEU C 216 -15.18 41.98 42.54
N ASP C 217 -16.37 42.57 42.47
CA ASP C 217 -16.66 43.68 41.56
C ASP C 217 -16.40 43.29 40.12
N MET C 218 -16.86 42.10 39.75
CA MET C 218 -16.76 41.64 38.38
C MET C 218 -17.98 42.13 37.59
N THR C 219 -18.93 42.74 38.29
CA THR C 219 -20.08 43.34 37.64
C THR C 219 -19.79 44.70 37.00
N GLY C 220 -18.61 45.26 37.29
CA GLY C 220 -18.24 46.57 36.78
C GLY C 220 -18.00 46.64 35.29
N ALA C 221 -17.83 47.84 34.75
CA ALA C 221 -17.60 47.98 33.32
C ALA C 221 -16.25 47.38 32.97
N GLY C 222 -16.14 46.96 31.72
CA GLY C 222 -15.01 46.17 31.26
C GLY C 222 -15.26 44.70 31.56
N TYR C 223 -16.30 44.44 32.34
CA TYR C 223 -16.74 43.08 32.61
C TYR C 223 -18.16 43.01 32.11
N VAL C 224 -18.56 41.88 31.53
CA VAL C 224 -19.90 41.70 30.95
C VAL C 224 -20.60 40.44 31.43
N TRP C 225 -21.93 40.43 31.44
CA TRP C 225 -22.60 39.20 31.87
C TRP C 225 -23.59 38.66 30.83
N LEU C 226 -23.42 37.37 30.54
CA LEU C 226 -24.34 36.65 29.67
C LEU C 226 -24.80 35.42 30.46
N VAL C 227 -26.08 35.07 30.38
CA VAL C 227 -26.62 34.07 31.28
C VAL C 227 -27.80 33.28 30.74
N GLY C 228 -28.14 32.17 31.37
CA GLY C 228 -29.29 31.40 30.90
C GLY C 228 -30.61 31.92 31.46
N GLU C 229 -31.70 31.51 30.81
CA GLU C 229 -33.03 31.98 31.19
C GLU C 229 -33.54 31.56 32.57
N ARG C 230 -33.34 30.28 32.90
CA ARG C 230 -33.83 29.71 34.16
C ARG C 230 -33.18 30.41 35.33
N GLU C 231 -31.91 30.72 35.13
CA GLU C 231 -31.04 31.32 36.13
C GLU C 231 -31.50 32.71 36.52
N ILE C 232 -31.96 33.47 35.54
CA ILE C 232 -32.39 34.86 35.75
C ILE C 232 -33.67 34.98 36.57
N SER C 233 -34.52 33.96 36.54
CA SER C 233 -35.82 33.98 37.20
C SER C 233 -35.70 33.62 38.68
N GLY C 234 -36.68 34.03 39.49
CA GLY C 234 -36.71 33.64 40.89
C GLY C 234 -35.82 34.47 41.81
N SER C 235 -35.32 33.87 42.90
CA SER C 235 -34.49 34.63 43.84
C SER C 235 -33.25 35.22 43.19
N ALA C 236 -32.71 34.55 42.18
CA ALA C 236 -31.56 35.04 41.46
C ALA C 236 -31.85 36.39 40.82
N LEU C 237 -33.10 36.57 40.38
CA LEU C 237 -33.54 37.81 39.77
C LEU C 237 -33.34 38.95 40.73
N ARG C 238 -33.59 38.68 42.00
CA ARG C 238 -33.49 39.72 43.01
C ARG C 238 -32.04 40.24 43.08
N TYR C 239 -31.08 39.34 42.97
CA TYR C 239 -29.66 39.67 43.15
C TYR C 239 -28.86 39.96 41.88
N ALA C 240 -29.52 39.96 40.72
CA ALA C 240 -28.83 40.11 39.44
C ALA C 240 -28.16 41.48 39.27
N PRO C 241 -26.99 41.50 38.60
CA PRO C 241 -26.21 42.71 38.29
C PRO C 241 -26.79 43.51 37.13
N ASP C 242 -26.46 44.79 37.06
CA ASP C 242 -26.98 45.66 36.01
C ASP C 242 -26.31 45.40 34.68
N GLY C 243 -27.06 45.67 33.61
CA GLY C 243 -26.51 45.61 32.27
C GLY C 243 -26.28 44.23 31.72
N ILE C 244 -26.69 43.22 32.47
CA ILE C 244 -26.51 41.84 32.07
C ILE C 244 -27.29 41.55 30.80
N ILE C 245 -26.79 40.59 30.03
CA ILE C 245 -27.51 40.10 28.87
C ILE C 245 -28.15 38.81 29.30
N GLY C 246 -29.38 38.59 28.88
CA GLY C 246 -30.19 37.51 29.39
C GLY C 246 -31.05 36.92 28.30
N LEU C 247 -31.61 35.74 28.56
CA LEU C 247 -32.34 35.02 27.53
C LEU C 247 -33.75 34.63 27.95
N GLN C 248 -34.67 34.63 26.99
CA GLN C 248 -36.06 34.28 27.26
C GLN C 248 -36.68 33.53 26.09
N LEU C 249 -37.45 32.49 26.40
CA LEU C 249 -38.10 31.69 25.37
C LEU C 249 -39.50 32.20 25.08
N ILE C 250 -40.10 31.70 24.00
CA ILE C 250 -41.44 32.11 23.62
C ILE C 250 -42.39 30.91 23.55
N ASN C 251 -43.66 31.15 23.83
CA ASN C 251 -44.66 30.09 23.81
C ASN C 251 -44.19 28.83 24.53
N GLY C 252 -43.76 28.99 25.78
CA GLY C 252 -43.29 27.88 26.57
C GLY C 252 -44.25 27.49 27.67
N LYS C 253 -45.04 28.47 28.13
CA LYS C 253 -46.02 28.23 29.19
C LYS C 253 -47.41 28.04 28.61
N ASN C 254 -47.50 27.94 27.29
CA ASN C 254 -48.78 27.76 26.61
C ASN C 254 -48.90 26.38 25.96
N GLU C 255 -49.76 25.54 26.52
CA GLU C 255 -49.95 24.21 26.01
C GLU C 255 -50.80 24.21 24.75
N SER C 256 -51.89 24.99 24.71
CA SER C 256 -52.89 24.89 23.63
C SER C 256 -52.36 25.10 22.20
N ALA C 257 -51.56 26.15 22.01
CA ALA C 257 -50.96 26.42 20.71
C ALA C 257 -50.09 25.25 20.27
N HIS C 258 -49.21 24.84 21.18
CA HIS C 258 -48.37 23.68 20.98
C HIS C 258 -49.19 22.43 20.73
N ILE C 259 -50.38 22.35 21.32
CA ILE C 259 -51.29 21.23 21.10
C ILE C 259 -51.76 21.22 19.66
N SER C 260 -52.33 22.33 19.22
CA SER C 260 -52.87 22.43 17.87
C SER C 260 -51.79 22.12 16.84
N ASP C 261 -50.62 22.73 17.03
CA ASP C 261 -49.51 22.53 16.11
C ASP C 261 -48.96 21.11 16.16
N ALA C 262 -48.76 20.58 17.36
CA ALA C 262 -48.21 19.23 17.51
C ALA C 262 -49.13 18.22 16.86
N VAL C 263 -50.42 18.32 17.13
CA VAL C 263 -51.41 17.44 16.51
C VAL C 263 -51.43 17.63 15.00
N ALA C 264 -51.26 18.87 14.54
CA ALA C 264 -51.19 19.14 13.10
C ALA C 264 -50.03 18.37 12.48
N VAL C 265 -48.88 18.45 13.14
CA VAL C 265 -47.68 17.73 12.73
C VAL C 265 -47.90 16.24 12.75
N VAL C 266 -48.58 15.77 13.79
CA VAL C 266 -48.89 14.36 13.93
C VAL C 266 -49.74 13.90 12.75
N ALA C 267 -50.73 14.71 12.41
CA ALA C 267 -51.62 14.40 11.31
C ALA C 267 -50.85 14.31 10.01
N GLN C 268 -50.01 15.32 9.76
CA GLN C 268 -49.19 15.37 8.56
C GLN C 268 -48.27 14.16 8.49
N ALA C 269 -47.71 13.78 9.65
CA ALA C 269 -46.82 12.64 9.78
C ALA C 269 -47.49 11.32 9.49
N ILE C 270 -48.68 11.13 10.04
CA ILE C 270 -49.46 9.92 9.83
C ILE C 270 -49.86 9.80 8.37
N HIS C 271 -50.39 10.88 7.82
CA HIS C 271 -50.82 10.91 6.43
C HIS C 271 -49.64 10.65 5.50
N GLU C 272 -48.47 11.14 5.86
CA GLU C 272 -47.23 10.83 5.15
C GLU C 272 -46.79 9.37 5.33
N LEU C 273 -47.11 8.79 6.48
CA LEU C 273 -46.67 7.46 6.85
C LEU C 273 -47.39 6.36 6.05
N PHE C 274 -48.71 6.47 5.98
CA PHE C 274 -49.53 5.46 5.34
C PHE C 274 -49.32 5.39 3.82
N GLU C 275 -48.57 6.35 3.26
CA GLU C 275 -48.15 6.23 1.88
C GLU C 275 -47.25 5.01 1.71
N MET C 276 -46.52 4.67 2.77
CA MET C 276 -45.68 3.48 2.81
C MET C 276 -46.50 2.27 3.25
N GLU C 277 -46.03 1.08 2.86
CA GLU C 277 -46.71 -0.16 3.17
C GLU C 277 -45.96 -0.92 4.25
N GLN C 278 -46.48 -2.09 4.61
CA GLN C 278 -45.93 -2.93 5.68
C GLN C 278 -46.02 -2.24 7.03
N ILE C 279 -47.10 -1.51 7.23
CA ILE C 279 -47.41 -0.88 8.51
C ILE C 279 -48.06 -1.92 9.43
N THR C 280 -47.86 -1.78 10.73
CA THR C 280 -48.53 -2.64 11.71
C THR C 280 -49.13 -1.77 12.79
N ASP C 281 -50.34 -2.10 13.22
CA ASP C 281 -50.95 -1.37 14.32
C ASP C 281 -50.11 -1.57 15.57
N PRO C 282 -50.12 -0.58 16.48
CA PRO C 282 -49.39 -0.70 17.73
C PRO C 282 -50.03 -1.78 18.59
N PRO C 283 -49.29 -2.30 19.57
CA PRO C 283 -49.77 -3.43 20.39
C PRO C 283 -51.05 -3.10 21.13
N ARG C 284 -51.99 -4.04 21.14
CA ARG C 284 -53.29 -3.84 21.77
C ARG C 284 -53.12 -4.11 23.25
N GLY C 285 -53.12 -3.05 24.05
CA GLY C 285 -53.06 -3.19 25.48
C GLY C 285 -51.64 -3.41 25.96
N CYS C 286 -51.35 -3.05 27.20
CA CYS C 286 -50.02 -3.30 27.75
C CYS C 286 -49.89 -4.81 27.93
N VAL C 287 -50.98 -5.42 28.36
CA VAL C 287 -51.01 -6.84 28.73
C VAL C 287 -50.74 -7.79 27.55
N GLY C 288 -49.83 -8.74 27.78
CA GLY C 288 -49.54 -9.80 26.83
C GLY C 288 -48.54 -9.52 25.71
N ASN C 289 -48.00 -8.32 25.66
CA ASN C 289 -47.02 -8.00 24.62
C ASN C 289 -45.66 -7.61 25.18
N THR C 290 -44.67 -8.48 24.96
CA THR C 290 -43.31 -8.25 25.42
C THR C 290 -42.48 -7.66 24.29
N ASN C 291 -43.12 -7.49 23.13
CA ASN C 291 -42.41 -7.12 21.92
C ASN C 291 -42.66 -5.67 21.55
N ILE C 292 -41.68 -5.06 20.92
CA ILE C 292 -41.80 -3.68 20.47
C ILE C 292 -42.74 -3.57 19.28
N TRP C 293 -42.95 -2.34 18.83
CA TRP C 293 -43.82 -2.08 17.70
C TRP C 293 -42.98 -1.56 16.53
N LYS C 294 -42.84 -2.40 15.51
CA LYS C 294 -41.84 -2.20 14.47
C LYS C 294 -41.99 -0.88 13.70
N THR C 295 -43.23 -0.42 13.57
CA THR C 295 -43.53 0.82 12.86
C THR C 295 -42.99 2.05 13.60
N GLY C 296 -43.02 2.00 14.94
CA GLY C 296 -42.72 3.14 15.77
C GLY C 296 -41.48 3.96 15.44
N PRO C 297 -40.33 3.30 15.27
CA PRO C 297 -39.13 4.02 14.84
C PRO C 297 -39.29 4.73 13.49
N LEU C 298 -39.98 4.09 12.54
CA LEU C 298 -40.25 4.72 11.25
C LEU C 298 -41.12 5.96 11.43
N PHE C 299 -42.16 5.83 12.24
CA PHE C 299 -43.04 6.94 12.57
C PHE C 299 -42.23 8.10 13.16
N LYS C 300 -41.27 7.74 14.01
CA LYS C 300 -40.36 8.72 14.57
C LYS C 300 -39.53 9.41 13.48
N ARG C 301 -39.07 8.62 12.52
CA ARG C 301 -38.20 9.12 11.46
C ARG C 301 -38.94 10.13 10.58
N VAL C 302 -40.14 9.79 10.15
CA VAL C 302 -40.93 10.73 9.36
C VAL C 302 -41.30 11.95 10.21
N LEU C 303 -41.69 11.72 11.46
CA LEU C 303 -42.17 12.81 12.33
C LEU C 303 -41.07 13.84 12.60
N MET C 304 -39.83 13.38 12.70
CA MET C 304 -38.69 14.28 12.88
C MET C 304 -38.41 15.09 11.62
N SER C 305 -38.75 14.52 10.47
CA SER C 305 -38.54 15.14 9.16
C SER C 305 -39.77 15.87 8.60
N SER C 306 -40.76 16.11 9.44
CA SER C 306 -42.14 16.38 9.00
C SER C 306 -42.54 17.79 8.55
N LYS C 307 -41.58 18.72 8.46
CA LYS C 307 -41.82 20.08 7.93
C LYS C 307 -43.09 20.76 8.45
N TYR C 308 -43.98 21.14 7.54
CA TYR C 308 -45.18 21.92 7.87
C TYR C 308 -44.82 23.26 8.54
N PRO C 309 -44.02 24.10 7.86
CA PRO C 309 -43.44 25.31 8.46
C PRO C 309 -44.50 26.28 9.00
N ASP C 310 -45.68 26.31 8.39
CA ASP C 310 -46.73 27.18 8.91
C ASP C 310 -47.38 26.53 10.12
N GLY C 311 -47.28 27.19 11.27
CA GLY C 311 -47.87 26.69 12.50
C GLY C 311 -48.12 27.82 13.47
N VAL C 312 -49.00 27.60 14.46
CA VAL C 312 -49.32 28.64 15.44
C VAL C 312 -48.10 28.99 16.30
N THR C 313 -47.30 27.99 16.63
CA THR C 313 -46.09 28.20 17.42
C THR C 313 -44.95 28.71 16.55
N GLY C 314 -45.07 28.53 15.24
CA GLY C 314 -43.95 28.85 14.36
C GLY C 314 -43.61 27.68 13.46
N ARG C 315 -42.47 27.79 12.81
CA ARG C 315 -41.98 26.77 11.88
C ARG C 315 -41.71 25.48 12.64
N ILE C 316 -41.93 24.34 11.98
CA ILE C 316 -41.75 23.08 12.68
C ILE C 316 -40.73 22.18 11.97
N GLU C 317 -39.64 21.93 12.70
CA GLU C 317 -38.60 20.97 12.30
C GLU C 317 -37.88 20.44 13.54
N PHE C 318 -37.29 19.25 13.43
CA PHE C 318 -36.66 18.60 14.58
C PHE C 318 -35.17 18.32 14.38
N ASN C 319 -34.36 18.67 15.38
CA ASN C 319 -32.93 18.41 15.35
C ASN C 319 -32.66 16.91 15.52
N GLU C 320 -31.39 16.50 15.47
CA GLU C 320 -31.04 15.08 15.53
C GLU C 320 -31.54 14.44 16.82
N ASP C 321 -31.44 15.18 17.91
CA ASP C 321 -31.84 14.68 19.23
C ASP C 321 -33.36 14.62 19.37
N GLY C 322 -34.06 15.14 18.39
CA GLY C 322 -35.52 15.20 18.45
C GLY C 322 -35.97 16.50 19.06
N ASP C 323 -35.01 17.29 19.53
CA ASP C 323 -35.28 18.62 20.05
C ASP C 323 -35.68 19.54 18.92
N ARG C 324 -36.50 20.55 19.22
CA ARG C 324 -36.95 21.50 18.21
C ARG C 324 -35.80 22.32 17.65
N LYS C 325 -35.90 22.69 16.38
CA LYS C 325 -34.86 23.47 15.73
C LYS C 325 -35.39 24.84 15.28
N PHE C 326 -34.48 25.71 14.88
CA PHE C 326 -34.85 27.06 14.43
C PHE C 326 -35.63 27.80 15.51
N ALA C 327 -35.41 27.41 16.77
CA ALA C 327 -36.08 28.04 17.90
C ALA C 327 -35.89 29.55 17.88
N GLN C 328 -36.75 30.27 18.59
CA GLN C 328 -36.67 31.73 18.66
C GLN C 328 -36.62 32.21 20.10
N TYR C 329 -35.55 32.91 20.45
CA TYR C 329 -35.37 33.43 21.80
C TYR C 329 -35.48 34.96 21.78
N SER C 330 -35.83 35.55 22.91
CA SER C 330 -35.92 37.00 23.05
C SER C 330 -34.81 37.47 23.99
N ILE C 331 -33.91 38.28 23.44
CA ILE C 331 -32.80 38.80 24.23
C ILE C 331 -33.32 39.80 25.24
N MET C 332 -32.70 39.81 26.42
CA MET C 332 -33.18 40.59 27.53
C MET C 332 -32.07 41.41 28.18
N ASN C 333 -32.43 42.60 28.67
CA ASN C 333 -31.46 43.47 29.31
C ASN C 333 -31.93 43.90 30.71
N LEU C 334 -30.99 44.30 31.55
CA LEU C 334 -31.27 44.53 32.96
C LEU C 334 -31.58 45.99 33.31
N GLN C 335 -31.84 46.81 32.30
CA GLN C 335 -31.97 48.26 32.47
C GLN C 335 -32.86 48.71 33.62
N ASN C 336 -32.34 49.64 34.43
CA ASN C 336 -33.02 50.16 35.61
C ASN C 336 -33.53 49.08 36.54
N ARG C 337 -32.74 48.03 36.72
CA ARG C 337 -33.13 46.89 37.55
C ARG C 337 -34.48 46.34 37.10
N LYS C 338 -34.71 46.36 35.79
CA LYS C 338 -35.93 45.82 35.22
C LYS C 338 -35.60 45.11 33.91
N LEU C 339 -36.40 44.12 33.57
CA LEU C 339 -36.17 43.33 32.37
C LEU C 339 -36.67 44.07 31.13
N VAL C 340 -35.83 44.18 30.11
CA VAL C 340 -36.22 44.86 28.86
C VAL C 340 -35.69 44.12 27.64
N GLN C 341 -36.40 44.21 26.52
CA GLN C 341 -35.95 43.53 25.31
C GLN C 341 -35.11 44.49 24.47
N VAL C 342 -33.81 44.24 24.45
CA VAL C 342 -32.89 45.04 23.67
C VAL C 342 -33.03 44.58 22.22
N GLY C 343 -33.36 43.30 22.09
CA GLY C 343 -33.50 42.68 20.79
C GLY C 343 -34.22 41.35 20.87
N ILE C 344 -34.49 40.78 19.70
CA ILE C 344 -35.06 39.45 19.64
C ILE C 344 -34.38 38.62 18.56
N PHE C 345 -34.19 37.35 18.88
CA PHE C 345 -33.48 36.40 18.05
C PHE C 345 -34.43 35.37 17.45
N ASP C 346 -34.49 35.31 16.13
CA ASP C 346 -35.31 34.31 15.45
C ASP C 346 -34.56 33.72 14.27
N GLY C 347 -34.68 32.41 14.09
CA GLY C 347 -33.94 31.72 13.03
C GLY C 347 -32.46 31.70 13.36
N SER C 348 -31.62 31.59 12.34
CA SER C 348 -30.18 31.56 12.54
C SER C 348 -29.58 32.97 12.74
N TYR C 349 -30.36 34.00 12.45
CA TYR C 349 -29.87 35.38 12.56
C TYR C 349 -30.53 36.18 13.67
N ILE C 350 -29.72 36.87 14.46
CA ILE C 350 -30.24 37.77 15.50
C ILE C 350 -30.93 38.98 14.89
N ILE C 351 -31.88 39.54 15.61
CA ILE C 351 -32.50 40.81 15.21
C ILE C 351 -32.42 41.82 16.36
N GLN C 352 -32.03 43.04 16.02
CA GLN C 352 -31.81 44.08 17.03
C GLN C 352 -33.04 44.98 17.16
N ASN C 353 -33.70 44.95 18.31
CA ASN C 353 -34.80 45.86 18.53
C ASN C 353 -34.35 47.30 18.79
N ASP C 354 -35.26 48.24 18.60
CA ASP C 354 -34.96 49.67 18.68
C ASP C 354 -34.54 50.08 20.09
N ARG C 355 -34.81 49.20 21.04
CA ARG C 355 -34.67 49.48 22.46
C ARG C 355 -33.23 49.64 22.91
N LYS C 356 -33.03 50.49 23.92
CA LYS C 356 -31.70 50.78 24.39
C LYS C 356 -31.05 49.53 24.99
N ILE C 357 -29.76 49.41 24.72
CA ILE C 357 -28.92 48.33 25.19
C ILE C 357 -28.58 48.48 26.65
N ILE C 358 -28.48 47.38 27.39
CA ILE C 358 -27.94 47.60 28.71
C ILE C 358 -26.64 46.87 28.82
N TRP C 359 -25.68 47.56 29.41
CA TRP C 359 -24.39 46.98 29.64
C TRP C 359 -24.08 47.17 31.12
N PRO C 360 -23.11 46.44 31.63
CA PRO C 360 -22.75 46.48 33.04
C PRO C 360 -21.96 47.73 33.40
N GLY C 361 -22.13 48.27 34.59
CA GLY C 361 -21.46 49.53 34.88
C GLY C 361 -22.03 50.84 34.38
N GLY C 362 -21.15 51.82 34.41
CA GLY C 362 -21.34 53.19 33.98
C GLY C 362 -21.22 53.23 32.47
N GLU C 363 -21.88 52.26 31.84
CA GLU C 363 -22.01 52.24 30.40
C GLU C 363 -23.42 51.90 29.92
N THR C 364 -23.85 52.74 29.00
CA THR C 364 -25.07 52.64 28.22
C THR C 364 -24.88 51.51 27.24
N GLU C 365 -23.70 51.49 26.62
CA GLU C 365 -23.23 50.31 25.92
C GLU C 365 -21.73 50.06 26.13
N ARG C 366 -21.43 48.84 26.56
CA ARG C 366 -20.07 48.36 26.79
C ARG C 366 -19.94 46.91 26.35
N TYR C 370 -11.69 43.20 26.55
CA TYR C 370 -10.25 43.23 26.36
C TYR C 370 -9.52 43.05 27.69
N GLN C 371 -9.40 44.13 28.46
CA GLN C 371 -8.73 44.09 29.75
C GLN C 371 -7.33 43.48 29.62
N MET C 372 -6.53 44.03 28.72
CA MET C 372 -5.18 43.55 28.51
C MET C 372 -4.37 43.56 29.80
N SER C 373 -3.36 42.69 29.87
CA SER C 373 -2.52 42.60 31.06
C SER C 373 -1.27 43.47 30.92
N THR C 374 -1.10 44.41 31.84
CA THR C 374 0.05 45.29 31.80
C THR C 374 1.33 44.65 32.34
N ARG C 375 1.16 43.48 32.95
CA ARG C 375 2.24 42.68 33.55
C ARG C 375 2.57 41.34 32.90
N LEU C 376 3.83 40.92 33.00
CA LEU C 376 4.21 39.61 32.47
C LEU C 376 4.77 38.86 33.66
N LYS C 377 4.21 37.68 33.93
CA LYS C 377 4.82 36.76 34.86
C LYS C 377 5.77 35.88 34.10
N ILE C 378 7.05 35.89 34.47
CA ILE C 378 8.04 35.12 33.75
C ILE C 378 8.57 34.00 34.63
N VAL C 379 8.87 32.88 34.00
CA VAL C 379 9.33 31.71 34.74
C VAL C 379 10.64 31.26 34.13
N THR C 380 11.48 30.64 34.96
CA THR C 380 12.74 30.11 34.45
C THR C 380 13.14 28.86 35.23
N ILE C 381 14.29 28.31 34.87
CA ILE C 381 14.84 27.13 35.52
C ILE C 381 16.29 27.44 35.84
N HIS C 382 16.90 26.64 36.71
CA HIS C 382 18.26 26.94 37.07
C HIS C 382 19.15 26.23 36.07
N GLN C 383 19.65 27.00 35.12
CA GLN C 383 20.61 26.53 34.13
C GLN C 383 21.79 27.49 34.15
N GLU C 384 22.97 26.97 34.38
CA GLU C 384 24.13 27.78 34.72
C GLU C 384 24.54 28.85 33.69
N PRO C 385 24.65 28.49 32.40
CA PRO C 385 25.14 29.53 31.49
C PRO C 385 24.21 30.73 31.29
N PHE C 386 22.92 30.47 31.11
CA PHE C 386 21.98 31.53 30.76
C PHE C 386 21.25 32.11 31.99
N VAL C 387 21.40 31.47 33.14
CA VAL C 387 20.79 31.93 34.38
C VAL C 387 21.71 31.70 35.58
N TYR C 388 21.82 32.70 36.46
CA TYR C 388 22.54 32.50 37.72
C TYR C 388 21.70 32.90 38.92
N VAL C 389 21.85 32.14 40.00
CA VAL C 389 21.08 32.31 41.22
C VAL C 389 21.96 32.61 42.44
N ARG C 390 21.70 33.75 43.08
CA ARG C 390 22.30 34.06 44.38
C ARG C 390 21.23 34.75 45.20
N PRO C 391 21.18 34.50 46.53
CA PRO C 391 20.13 35.22 47.25
C PRO C 391 20.50 36.69 47.45
N THR C 392 19.50 37.55 47.58
CA THR C 392 19.77 38.96 47.86
C THR C 392 20.36 39.03 49.26
N THR C 393 21.43 39.81 49.43
CA THR C 393 22.08 39.85 50.74
C THR C 393 21.15 40.57 51.70
N SER C 394 20.73 39.86 52.75
CA SER C 394 19.73 40.37 53.68
C SER C 394 18.55 40.95 52.91
N ASP C 395 18.16 42.17 53.26
CA ASP C 395 17.18 42.92 52.49
C ASP C 395 17.79 43.52 51.22
N GLY C 396 19.06 43.94 51.30
CA GLY C 396 19.76 44.54 50.18
C GLY C 396 19.66 43.67 48.94
N THR C 397 19.61 44.27 47.76
CA THR C 397 19.20 43.52 46.57
C THR C 397 20.26 42.76 45.76
N CYS C 398 21.11 43.48 45.04
CA CYS C 398 21.96 42.84 44.03
C CYS C 398 23.36 43.42 43.98
N ARG C 399 24.32 42.54 43.69
CA ARG C 399 25.74 42.91 43.66
C ARG C 399 26.12 43.73 42.43
N GLU C 400 27.10 44.60 42.62
CA GLU C 400 27.56 45.51 41.58
C GLU C 400 28.61 44.82 40.71
N GLU C 401 28.70 43.50 40.87
CA GLU C 401 29.69 42.68 40.18
C GLU C 401 29.71 42.98 38.70
N TYR C 402 30.91 42.93 38.12
CA TYR C 402 31.12 43.45 36.78
C TYR C 402 31.58 42.38 35.80
N THR C 403 31.11 42.48 34.57
CA THR C 403 31.48 41.57 33.50
C THR C 403 32.96 41.72 33.16
N ILE C 404 33.53 40.72 32.49
CA ILE C 404 34.94 40.76 32.11
C ILE C 404 35.24 41.98 31.24
N ASN C 405 34.37 42.25 30.28
CA ASN C 405 34.36 43.56 29.64
C ASN C 405 33.78 44.52 30.67
N GLY C 406 34.41 45.67 30.90
CA GLY C 406 33.95 46.46 32.01
C GLY C 406 32.55 46.97 31.76
N ASP C 407 31.62 46.35 32.47
CA ASP C 407 30.23 46.76 32.57
C ASP C 407 29.73 46.24 33.90
N PRO C 408 28.82 46.96 34.55
CA PRO C 408 28.23 46.36 35.76
C PRO C 408 27.24 45.28 35.38
N ILE C 409 27.14 44.20 36.14
CA ILE C 409 26.21 43.13 35.81
C ILE C 409 24.81 43.53 36.23
N LYS C 410 23.86 43.38 35.32
CA LYS C 410 22.46 43.63 35.62
C LYS C 410 21.87 42.45 36.38
N LYS C 411 20.80 42.68 37.12
CA LYS C 411 20.19 41.61 37.92
C LYS C 411 18.72 41.89 38.21
N VAL C 412 17.96 40.82 38.48
CA VAL C 412 16.53 40.97 38.81
C VAL C 412 16.10 39.97 39.88
N ILE C 413 14.99 40.24 40.56
CA ILE C 413 14.51 39.34 41.61
C ILE C 413 13.62 38.21 41.08
N CYS C 414 13.83 37.00 41.58
CA CYS C 414 13.11 35.80 41.16
C CYS C 414 12.75 34.90 42.34
N ASN C 415 11.48 34.49 42.41
CA ASN C 415 11.04 33.58 43.45
C ASN C 415 11.06 32.13 42.97
N GLY C 416 11.84 31.29 43.63
CA GLY C 416 12.01 29.93 43.13
C GLY C 416 12.31 28.90 44.19
N PRO C 417 12.39 27.63 43.79
CA PRO C 417 12.56 26.56 44.77
C PRO C 417 13.91 26.64 45.47
N ASP C 418 13.90 26.46 46.78
CA ASP C 418 15.13 26.39 47.53
C ASP C 418 15.27 25.04 48.20
N GLU C 419 16.42 24.40 47.99
CA GLU C 419 16.72 23.14 48.65
C GLU C 419 17.57 23.35 49.90
N THR C 420 17.92 24.61 50.17
CA THR C 420 18.79 24.93 51.31
C THR C 420 18.10 24.63 52.63
N ILE C 421 16.86 25.08 52.77
CA ILE C 421 16.03 24.68 53.91
C ILE C 421 15.62 23.22 53.70
N PRO C 422 15.45 22.48 54.81
CA PRO C 422 15.04 21.07 54.70
C PRO C 422 13.70 20.91 53.99
N GLY C 423 12.70 21.70 54.40
CA GLY C 423 11.47 21.80 53.62
C GLY C 423 11.78 22.70 52.43
N ARG C 424 10.96 22.65 51.39
CA ARG C 424 11.21 23.52 50.24
C ARG C 424 10.20 24.65 50.14
N PRO C 425 10.60 25.85 50.58
CA PRO C 425 9.86 27.11 50.45
C PRO C 425 10.07 27.76 49.08
N THR C 426 9.08 28.45 48.54
CA THR C 426 9.35 29.24 47.37
C THR C 426 10.02 30.50 47.90
N VAL C 427 11.29 30.63 47.53
CA VAL C 427 12.21 31.57 48.16
C VAL C 427 12.50 32.78 47.29
N PRO C 428 12.43 33.99 47.87
CA PRO C 428 12.90 35.18 47.15
C PRO C 428 14.40 35.10 46.90
N GLN C 429 14.80 35.35 45.65
CA GLN C 429 16.19 35.18 45.23
C GLN C 429 16.55 36.26 44.23
N CYS C 430 17.85 36.44 44.02
CA CYS C 430 18.35 37.28 42.94
C CYS C 430 18.86 36.40 41.80
N CYS C 431 18.40 36.70 40.59
CA CYS C 431 18.83 35.98 39.40
C CYS C 431 19.31 36.94 38.32
N TYR C 432 20.48 36.62 37.75
CA TYR C 432 21.01 37.43 36.66
C TYR C 432 21.45 36.55 35.50
N GLY C 433 21.11 36.95 34.27
CA GLY C 433 21.41 36.12 33.12
C GLY C 433 21.40 36.77 31.75
N PHE C 434 21.92 36.01 30.78
CA PHE C 434 21.84 36.32 29.36
C PHE C 434 20.39 36.52 28.95
N CYS C 435 19.54 35.58 29.36
CA CYS C 435 18.12 35.65 29.09
C CYS C 435 17.47 36.84 29.79
N VAL C 436 18.02 37.23 30.94
CA VAL C 436 17.53 38.41 31.66
C VAL C 436 17.87 39.69 30.93
N ASP C 437 19.12 39.80 30.49
CA ASP C 437 19.55 40.96 29.71
C ASP C 437 18.72 41.06 28.43
N LEU C 438 18.44 39.91 27.83
CA LEU C 438 17.58 39.84 26.66
C LEU C 438 16.17 40.32 26.98
N LEU C 439 15.68 39.88 28.13
CA LEU C 439 14.33 40.18 28.56
C LEU C 439 14.14 41.67 28.80
N ILE C 440 15.10 42.28 29.49
CA ILE C 440 15.09 43.72 29.74
C ILE C 440 15.34 44.51 28.45
N LYS C 441 16.13 43.95 27.55
CA LYS C 441 16.35 44.55 26.23
C LYS C 441 15.02 44.66 25.52
N LEU C 442 14.25 43.58 25.60
CA LEU C 442 12.91 43.56 25.07
C LEU C 442 12.06 44.58 25.81
N ALA C 443 12.20 44.63 27.14
CA ALA C 443 11.38 45.48 28.01
C ALA C 443 11.56 46.97 27.72
N ARG C 444 12.75 47.35 27.32
CA ARG C 444 13.00 48.69 26.83
C ARG C 444 12.39 48.82 25.44
N GLU C 445 12.58 47.80 24.60
CA GLU C 445 11.94 47.78 23.28
C GLU C 445 10.42 47.61 23.34
N MET C 446 9.93 46.81 24.27
CA MET C 446 8.52 46.44 24.33
C MET C 446 7.80 47.20 25.43
N ASP C 447 6.52 47.43 25.24
CA ASP C 447 5.71 48.20 26.19
C ASP C 447 5.61 47.52 27.56
N PHE C 448 5.94 46.24 27.62
CA PHE C 448 5.69 45.41 28.81
C PHE C 448 6.57 45.73 30.01
N THR C 449 6.10 45.29 31.18
CA THR C 449 6.89 45.28 32.41
C THR C 449 6.97 43.84 32.91
N TYR C 450 8.05 43.50 33.61
CA TYR C 450 8.30 42.10 33.95
C TYR C 450 8.50 41.82 35.43
N GLU C 451 7.88 40.74 35.89
CA GLU C 451 8.17 40.17 37.20
C GLU C 451 8.44 38.68 37.02
N VAL C 452 9.56 38.21 37.56
CA VAL C 452 10.03 36.86 37.28
C VAL C 452 10.09 36.00 38.54
N HIS C 453 9.57 34.79 38.45
CA HIS C 453 9.81 33.80 39.50
C HIS C 453 10.14 32.45 38.87
N LEU C 454 11.16 31.79 39.42
CA LEU C 454 11.59 30.49 38.91
C LEU C 454 10.53 29.44 39.22
N VAL C 455 10.37 28.48 38.32
CA VAL C 455 9.39 27.42 38.51
C VAL C 455 9.77 26.54 39.69
N ALA C 456 8.76 26.04 40.40
CA ALA C 456 8.96 25.21 41.58
C ALA C 456 9.73 23.94 41.24
N ASP C 457 9.37 23.32 40.12
CA ASP C 457 10.04 22.09 39.70
C ASP C 457 11.35 22.44 38.98
N GLY C 458 12.40 21.68 39.27
CA GLY C 458 13.68 21.93 38.64
C GLY C 458 13.63 21.62 37.16
N LYS C 459 12.68 20.77 36.78
CA LYS C 459 12.52 20.41 35.38
C LYS C 459 11.77 21.51 34.61
N PHE C 460 12.15 21.70 33.34
CA PHE C 460 11.47 22.67 32.48
C PHE C 460 10.05 22.22 32.18
N GLY C 461 9.94 21.04 31.57
CA GLY C 461 8.70 20.30 31.54
C GLY C 461 8.69 19.00 30.76
N THR C 462 7.82 18.07 31.19
CA THR C 462 7.57 16.80 30.51
C THR C 462 6.19 16.25 30.79
N GLN C 463 5.52 15.69 29.78
CA GLN C 463 4.19 15.10 29.96
C GLN C 463 4.25 13.93 30.95
N GLU C 464 3.26 13.83 31.83
CA GLU C 464 3.25 12.77 32.83
C GLU C 464 1.88 12.53 33.51
N ARG C 465 1.94 11.71 34.56
CA ARG C 465 0.82 11.29 35.41
C ARG C 465 -0.45 10.62 35.97
N VAL C 466 -1.55 10.74 35.16
CA VAL C 466 -2.59 9.70 35.11
C VAL C 466 -3.16 9.26 33.76
N ASN C 467 -3.67 8.03 33.74
CA ASN C 467 -4.07 7.32 32.52
C ASN C 467 -5.39 7.74 31.88
N ASN C 468 -6.44 7.88 32.68
CA ASN C 468 -7.78 8.15 32.18
C ASN C 468 -7.88 9.45 31.36
N SER C 469 -8.63 9.39 30.27
CA SER C 469 -8.69 10.47 29.28
C SER C 469 -7.28 10.87 28.90
N ASN C 470 -7.00 12.16 28.94
CA ASN C 470 -5.63 12.61 29.16
C ASN C 470 -5.67 13.37 30.47
N ALA C 471 -4.83 12.93 31.41
CA ALA C 471 -4.92 13.46 32.77
C ALA C 471 -3.65 14.20 33.19
N ALA C 472 -3.88 15.18 34.06
CA ALA C 472 -2.90 16.18 34.47
C ALA C 472 -2.30 17.03 33.35
N ALA C 473 -0.98 17.15 33.36
CA ALA C 473 -0.29 18.00 32.42
C ALA C 473 1.20 17.91 32.68
N TRP C 474 1.99 18.21 31.66
CA TRP C 474 3.43 18.11 31.77
C TRP C 474 3.96 18.89 32.96
N ASN C 475 4.70 18.21 33.83
CA ASN C 475 5.25 18.86 35.02
C ASN C 475 6.30 19.88 34.62
N GLY C 476 6.35 21.01 35.31
CA GLY C 476 7.39 22.01 35.06
C GLY C 476 6.95 23.27 34.36
N MET C 477 7.88 24.23 34.26
CA MET C 477 7.60 25.63 33.90
C MET C 477 6.65 25.80 32.71
N MET C 478 6.83 24.92 31.73
CA MET C 478 5.90 24.80 30.63
C MET C 478 4.45 24.61 31.12
N GLY C 479 4.29 23.71 32.08
CA GLY C 479 3.00 23.48 32.71
C GLY C 479 2.48 24.74 33.35
N GLU C 480 3.38 25.55 33.91
CA GLU C 480 3.00 26.84 34.45
C GLU C 480 2.51 27.75 33.34
N LEU C 481 3.11 27.65 32.17
CA LEU C 481 2.71 28.49 31.04
C LEU C 481 1.30 28.18 30.59
N LEU C 482 0.97 26.90 30.42
CA LEU C 482 -0.40 26.56 30.06
C LEU C 482 -1.36 26.92 31.19
N SER C 483 -0.93 26.65 32.41
CA SER C 483 -1.72 26.98 33.59
C SER C 483 -1.88 28.48 33.77
N GLY C 484 -0.91 29.24 33.26
CA GLY C 484 -0.96 30.68 33.35
C GLY C 484 -0.25 31.21 34.58
N GLN C 485 0.44 30.33 35.31
CA GLN C 485 1.19 30.73 36.48
C GLN C 485 2.23 31.74 36.04
N ALA C 486 2.83 31.47 34.89
CA ALA C 486 3.60 32.47 34.16
C ALA C 486 3.06 32.58 32.74
N ASP C 487 2.85 33.79 32.27
CA ASP C 487 2.28 34.00 30.95
C ASP C 487 3.32 33.82 29.85
N MET C 488 4.59 34.03 30.20
CA MET C 488 5.67 33.87 29.24
C MET C 488 6.87 33.17 29.88
N ILE C 489 7.56 32.32 29.11
CA ILE C 489 8.68 31.55 29.63
C ILE C 489 10.02 32.00 29.06
N VAL C 490 10.90 32.55 29.90
CA VAL C 490 12.24 32.89 29.46
C VAL C 490 13.28 32.01 30.13
N ALA C 491 13.93 31.16 29.32
CA ALA C 491 14.87 30.16 29.79
C ALA C 491 15.62 29.58 28.59
N PRO C 492 16.59 28.68 28.83
CA PRO C 492 17.19 27.99 27.68
C PRO C 492 16.37 26.76 27.28
N LEU C 493 15.34 26.95 26.46
CA LEU C 493 14.45 25.85 26.10
C LEU C 493 14.65 25.43 24.63
N THR C 494 15.00 24.17 24.39
CA THR C 494 15.08 23.65 23.03
C THR C 494 13.71 23.61 22.38
N ILE C 495 13.63 23.83 21.07
CA ILE C 495 12.30 23.86 20.48
C ILE C 495 11.95 22.62 19.63
N ASN C 496 10.89 21.93 20.05
CA ASN C 496 10.45 20.65 19.45
C ASN C 496 8.93 20.54 19.16
N ASN C 497 8.57 19.76 18.13
CA ASN C 497 7.18 19.64 17.68
C ASN C 497 6.18 19.12 18.71
N GLU C 498 6.61 18.18 19.53
CA GLU C 498 5.73 17.58 20.55
C GLU C 498 5.19 18.68 21.46
N ARG C 499 6.08 19.58 21.87
CA ARG C 499 5.70 20.76 22.64
C ARG C 499 4.98 21.77 21.74
N ALA C 500 5.43 21.85 20.50
CA ALA C 500 5.07 22.94 19.57
C ALA C 500 3.58 23.05 19.31
N GLN C 501 2.90 21.92 19.21
CA GLN C 501 1.44 21.92 19.01
C GLN C 501 0.70 22.60 20.15
N TYR C 502 1.15 22.36 21.39
CA TYR C 502 0.56 22.97 22.56
C TYR C 502 0.73 24.48 22.64
N ILE C 503 1.92 24.97 22.27
CA ILE C 503 2.24 26.38 22.42
C ILE C 503 3.01 27.02 21.26
N GLU C 504 2.90 28.35 21.19
CA GLU C 504 3.64 29.16 20.24
C GLU C 504 5.08 29.27 20.70
N PHE C 505 6.00 29.35 19.75
CA PHE C 505 7.41 29.43 20.06
C PHE C 505 8.06 30.63 19.38
N SER C 506 8.83 31.37 20.16
CA SER C 506 9.54 32.52 19.63
C SER C 506 10.69 32.06 18.75
N LYS C 507 11.05 32.88 17.79
CA LYS C 507 12.16 32.59 16.91
C LYS C 507 13.41 32.40 17.76
N PRO C 508 14.27 31.45 17.37
CA PRO C 508 15.39 31.10 18.25
C PRO C 508 16.39 32.23 18.44
N PHE C 509 16.68 32.56 19.70
CA PHE C 509 17.80 33.44 19.99
C PHE C 509 19.11 32.69 19.76
N LYS C 510 19.09 31.39 20.04
CA LYS C 510 20.29 30.56 19.87
C LYS C 510 19.92 29.18 19.32
N TYR C 511 20.93 28.37 19.06
CA TYR C 511 20.72 27.03 18.54
C TYR C 511 21.95 26.14 18.77
N GLN C 512 21.77 25.09 19.56
CA GLN C 512 22.85 24.17 19.86
C GLN C 512 22.37 22.73 19.83
N GLY C 513 23.30 21.79 19.95
CA GLY C 513 22.98 20.38 19.93
C GLY C 513 23.78 19.58 20.95
N LEU C 514 23.55 18.28 20.98
CA LEU C 514 24.24 17.40 21.91
C LEU C 514 25.67 17.17 21.47
N THR C 515 26.52 16.84 22.44
CA THR C 515 27.92 16.58 22.18
C THR C 515 28.53 15.85 23.36
N ILE C 516 29.81 15.52 23.24
CA ILE C 516 30.50 14.71 24.22
C ILE C 516 31.70 15.43 24.81
N LEU C 517 31.84 15.29 26.12
CA LEU C 517 32.98 15.78 26.86
C LEU C 517 33.91 14.64 27.27
N VAL C 518 35.18 14.80 26.87
CA VAL C 518 36.27 13.90 27.23
C VAL C 518 37.52 14.73 27.51
N LYS C 519 38.29 14.31 28.51
CA LYS C 519 39.52 15.03 28.87
C LYS C 519 40.52 15.05 27.72
N LYS C 520 41.13 16.22 27.49
CA LYS C 520 42.09 16.39 26.42
C LYS C 520 43.40 15.69 26.65
N ILE C 632 36.32 11.01 20.24
CA ILE C 632 35.06 10.49 19.71
C ILE C 632 34.78 11.04 18.32
N THR C 633 34.98 10.21 17.30
CA THR C 633 35.02 10.67 15.92
C THR C 633 33.77 11.42 15.52
N GLY C 634 32.61 10.86 15.85
CA GLY C 634 31.35 11.44 15.44
C GLY C 634 30.22 11.21 16.44
N ILE C 635 29.05 11.76 16.12
CA ILE C 635 27.83 11.47 16.86
C ILE C 635 27.66 9.99 16.75
N ASN C 636 27.97 9.48 15.56
CA ASN C 636 28.13 8.06 15.40
C ASN C 636 29.62 7.79 15.53
N ASP C 637 29.97 7.22 16.67
CA ASP C 637 31.35 6.87 16.96
C ASP C 637 31.45 5.37 16.95
N PRO C 638 32.36 4.81 16.14
CA PRO C 638 32.54 3.36 16.19
C PRO C 638 32.82 2.94 17.63
N ARG C 639 33.55 3.78 18.36
CA ARG C 639 33.84 3.55 19.77
C ARG C 639 32.58 3.44 20.63
N LEU C 640 31.55 4.20 20.28
CA LEU C 640 30.23 4.03 20.89
C LEU C 640 29.62 2.75 20.33
N ARG C 641 29.73 2.61 19.01
CA ARG C 641 29.22 1.46 18.26
C ARG C 641 29.94 0.20 18.73
N ASN C 642 31.19 0.38 19.15
CA ASN C 642 31.97 -0.67 19.79
C ASN C 642 31.99 -0.34 21.26
N PRO C 643 30.90 -0.62 21.96
CA PRO C 643 30.89 -0.25 23.37
C PRO C 643 31.84 -1.15 24.13
N SER C 644 32.22 -0.72 25.32
CA SER C 644 33.04 -1.56 26.15
C SER C 644 32.65 -1.31 27.59
N ASP C 645 32.68 -2.38 28.36
CA ASP C 645 32.52 -2.28 29.80
C ASP C 645 33.71 -1.47 30.31
N LYS C 646 34.84 -1.64 29.63
CA LYS C 646 36.07 -0.95 29.97
C LYS C 646 35.99 0.55 29.64
N PHE C 647 35.37 0.89 28.53
CA PHE C 647 35.20 2.31 28.16
C PHE C 647 33.77 2.74 28.37
N ILE C 648 33.54 3.52 29.42
CA ILE C 648 32.19 3.94 29.81
C ILE C 648 31.68 5.09 28.93
N TYR C 649 30.38 5.11 28.65
CA TYR C 649 29.77 6.35 28.16
C TYR C 649 28.49 6.67 28.93
N ALA C 650 28.51 7.82 29.58
CA ALA C 650 27.62 8.16 30.70
C ALA C 650 26.60 9.25 30.40
N THR C 651 25.43 9.12 31.00
CA THR C 651 24.36 10.11 30.85
C THR C 651 23.45 10.13 32.06
N VAL C 652 22.47 11.03 32.03
CA VAL C 652 21.49 11.11 33.11
C VAL C 652 20.20 10.44 32.67
N LYS C 653 19.72 9.49 33.49
CA LYS C 653 18.43 8.89 33.24
C LYS C 653 17.38 9.97 33.43
N GLN C 654 16.37 9.96 32.57
CA GLN C 654 15.27 10.94 32.58
C GLN C 654 15.72 12.29 31.99
N SER C 655 16.99 12.40 31.63
CA SER C 655 17.41 13.54 30.83
C SER C 655 16.76 13.39 29.45
N SER C 656 16.47 14.49 28.77
CA SER C 656 15.78 14.43 27.48
C SER C 656 16.50 13.57 26.46
N VAL C 657 17.83 13.56 26.54
CA VAL C 657 18.64 12.63 25.75
C VAL C 657 18.12 11.20 25.87
N ASP C 658 17.75 10.80 27.08
CA ASP C 658 17.17 9.48 27.30
C ASP C 658 15.86 9.32 26.54
N ILE C 659 15.08 10.39 26.48
CA ILE C 659 13.85 10.40 25.68
C ILE C 659 14.17 10.23 24.20
N TYR C 660 15.28 10.83 23.75
CA TYR C 660 15.74 10.63 22.38
C TYR C 660 16.07 9.17 22.13
N PHE C 661 16.70 8.54 23.13
CA PHE C 661 17.09 7.14 23.01
C PHE C 661 15.89 6.20 22.99
N ARG C 662 14.91 6.45 23.85
CA ARG C 662 13.71 5.62 23.93
C ARG C 662 12.76 5.80 22.75
N ARG C 663 12.47 7.06 22.40
CA ARG C 663 11.54 7.38 21.33
C ARG C 663 12.05 6.95 19.96
N GLN C 664 13.34 7.10 19.72
CA GLN C 664 13.92 6.79 18.42
C GLN C 664 14.13 5.29 18.28
N VAL C 665 13.59 4.73 17.20
CA VAL C 665 13.75 3.31 16.90
C VAL C 665 15.10 2.99 16.28
N GLU C 666 15.63 3.91 15.48
CA GLU C 666 16.78 3.62 14.64
C GLU C 666 18.03 3.33 15.46
N LEU C 667 18.22 4.10 16.52
CA LEU C 667 19.33 3.89 17.45
C LEU C 667 18.93 3.09 18.68
N SER C 668 17.70 2.58 18.71
CA SER C 668 17.10 1.99 19.91
C SER C 668 17.98 0.95 20.59
N THR C 669 18.75 0.22 19.79
CA THR C 669 19.74 -0.70 20.31
C THR C 669 20.80 0.02 21.14
N MET C 670 21.30 1.15 20.62
CA MET C 670 22.39 1.89 21.26
C MET C 670 22.04 2.51 22.62
N TYR C 671 20.75 2.72 22.87
CA TYR C 671 20.27 3.33 24.12
C TYR C 671 20.74 2.61 25.40
N ARG C 672 20.60 1.29 25.39
CA ARG C 672 20.86 0.45 26.56
C ARG C 672 22.26 0.57 27.14
N HIS C 673 23.26 0.65 26.27
CA HIS C 673 24.65 0.80 26.69
C HIS C 673 24.86 2.10 27.48
N MET C 674 24.18 3.16 27.03
CA MET C 674 24.15 4.45 27.70
C MET C 674 23.42 4.37 29.02
N GLU C 675 22.36 3.56 29.05
CA GLU C 675 21.50 3.44 30.21
C GLU C 675 22.31 2.98 31.42
N LYS C 676 23.30 2.12 31.17
CA LYS C 676 24.15 1.61 32.24
C LYS C 676 24.98 2.77 32.82
N HIS C 677 25.13 2.75 34.14
CA HIS C 677 26.00 3.65 34.89
C HIS C 677 25.60 5.12 34.70
N ASN C 678 24.29 5.39 34.74
CA ASN C 678 23.76 6.74 34.64
C ASN C 678 23.98 7.59 35.92
N TYR C 679 24.15 8.90 35.74
CA TYR C 679 24.29 9.84 36.87
C TYR C 679 23.03 10.68 37.10
N GLU C 680 22.80 11.12 38.34
CA GLU C 680 21.56 11.80 38.69
C GLU C 680 21.50 13.27 38.25
N SER C 681 22.62 13.96 38.31
CA SER C 681 22.64 15.41 38.04
C SER C 681 23.85 15.85 37.22
N ALA C 682 23.80 17.10 36.73
CA ALA C 682 24.83 17.63 35.85
C ALA C 682 26.22 17.73 36.49
N ALA C 683 26.26 18.17 37.74
CA ALA C 683 27.53 18.37 38.42
C ALA C 683 28.27 17.05 38.58
N GLU C 684 27.54 16.03 39.02
CA GLU C 684 28.12 14.71 39.16
C GLU C 684 28.59 14.14 37.83
N ALA C 685 27.81 14.39 36.77
CA ALA C 685 28.20 13.92 35.45
C ALA C 685 29.48 14.56 34.92
N ILE C 686 29.64 15.86 35.11
CA ILE C 686 30.89 16.51 34.74
C ILE C 686 32.05 16.02 35.61
N GLN C 687 31.74 15.86 36.90
CA GLN C 687 32.73 15.40 37.87
C GLN C 687 33.30 14.03 37.55
N ALA C 688 32.47 13.13 37.03
CA ALA C 688 32.94 11.78 36.80
C ALA C 688 34.09 11.78 35.80
N VAL C 689 33.94 12.58 34.76
CA VAL C 689 34.96 12.77 33.71
C VAL C 689 36.17 13.47 34.32
N ARG C 690 35.89 14.48 35.14
CA ARG C 690 36.94 15.21 35.87
C ARG C 690 37.65 14.30 36.87
N ASP C 691 36.86 13.47 37.55
CA ASP C 691 37.38 12.52 38.54
C ASP C 691 38.03 11.37 37.78
N ASN C 692 37.71 11.30 36.49
CA ASN C 692 38.10 10.24 35.56
C ASN C 692 37.46 8.90 35.84
N LYS C 693 36.35 8.95 36.58
CA LYS C 693 35.56 7.77 36.88
C LYS C 693 34.95 7.22 35.60
N LEU C 694 34.48 8.15 34.76
CA LEU C 694 33.90 7.85 33.46
C LEU C 694 34.67 8.53 32.31
N HIS C 695 35.06 7.76 31.32
CA HIS C 695 35.87 8.25 30.21
C HIS C 695 35.14 9.28 29.33
N ALA C 696 33.82 9.18 29.21
CA ALA C 696 33.08 10.09 28.33
C ALA C 696 31.76 10.53 28.96
N PHE C 697 31.32 11.73 28.58
CA PHE C 697 30.03 12.29 29.05
C PHE C 697 29.21 12.88 27.90
N ILE C 698 27.93 12.57 27.82
CA ILE C 698 27.09 13.08 26.73
C ILE C 698 26.00 14.03 27.19
N TRP C 699 26.04 15.27 26.70
CA TRP C 699 25.00 16.24 26.99
C TRP C 699 24.96 17.36 25.95
N ASP C 700 23.84 18.09 25.91
CA ASP C 700 23.67 19.18 24.96
C ASP C 700 24.72 20.26 25.17
N SER C 701 25.12 20.91 24.09
CA SER C 701 26.28 21.79 24.13
C SER C 701 26.13 22.99 25.05
N ALA C 702 24.97 23.62 25.08
CA ALA C 702 24.86 24.91 25.76
C ALA C 702 25.30 24.84 27.22
N VAL C 703 24.90 23.77 27.91
CA VAL C 703 25.39 23.49 29.25
C VAL C 703 26.86 23.07 29.27
N LEU C 704 27.29 22.33 28.24
CA LEU C 704 28.61 21.70 28.21
C LEU C 704 29.79 22.59 27.79
N GLU C 705 29.62 23.41 26.76
CA GLU C 705 30.68 24.26 26.21
C GLU C 705 31.16 25.26 27.25
N PHE C 706 30.24 25.84 28.00
CA PHE C 706 30.61 26.79 29.05
C PHE C 706 31.55 26.12 30.04
N GLU C 707 31.25 24.88 30.41
CA GLU C 707 32.11 24.07 31.26
C GLU C 707 33.46 23.77 30.59
N ALA C 708 33.40 23.56 29.28
CA ALA C 708 34.58 23.27 28.46
C ALA C 708 35.56 24.43 28.55
N SER C 709 35.01 25.63 28.51
CA SER C 709 35.76 26.85 28.78
C SER C 709 36.20 26.89 30.25
N GLN C 710 35.32 26.45 31.15
CA GLN C 710 35.57 26.60 32.58
C GLN C 710 36.79 25.80 33.05
N LYS C 711 37.02 24.62 32.47
CA LYS C 711 38.15 23.80 32.91
C LYS C 711 39.30 23.79 31.89
N CYS C 712 38.98 23.31 30.69
CA CYS C 712 39.89 23.12 29.55
C CYS C 712 40.73 21.86 29.73
N ASP C 713 40.62 21.28 30.93
CA ASP C 713 41.13 19.95 31.22
C ASP C 713 40.25 18.98 30.44
N LEU C 714 39.01 19.40 30.22
CA LEU C 714 38.03 18.61 29.51
C LEU C 714 37.70 19.33 28.21
N VAL C 715 37.29 18.55 27.21
CA VAL C 715 37.02 19.09 25.87
C VAL C 715 35.74 18.54 25.29
N THR C 716 35.15 19.30 24.37
CA THR C 716 33.94 18.87 23.67
C THR C 716 34.44 18.39 22.32
N THR C 717 33.78 17.38 21.76
CA THR C 717 34.23 16.89 20.46
C THR C 717 33.11 16.52 19.51
N GLY C 718 33.44 16.57 18.22
CA GLY C 718 32.49 16.27 17.17
C GLY C 718 31.56 17.41 16.82
N GLU C 719 30.46 17.06 16.17
CA GLU C 719 29.51 18.01 15.63
C GLU C 719 28.22 17.89 16.40
N LEU C 720 27.68 19.03 16.84
CA LEU C 720 26.41 19.03 17.54
C LEU C 720 25.38 18.27 16.71
N PHE C 721 24.81 17.23 17.32
CA PHE C 721 23.81 16.40 16.69
C PHE C 721 22.59 16.52 17.57
N PHE C 722 21.42 16.17 17.03
CA PHE C 722 20.17 16.37 17.73
C PHE C 722 20.04 17.90 17.86
N ARG C 723 20.48 18.57 16.80
CA ARG C 723 20.49 20.04 16.77
C ARG C 723 19.11 20.55 17.14
N SER C 724 19.08 21.48 18.09
CA SER C 724 17.83 22.06 18.54
C SER C 724 18.02 23.52 18.98
N GLY C 725 17.23 24.42 18.42
CA GLY C 725 17.31 25.82 18.75
C GLY C 725 16.43 26.20 19.93
N PHE C 726 16.90 27.14 20.74
CA PHE C 726 16.16 27.60 21.90
C PHE C 726 15.20 28.72 21.53
N GLY C 727 14.30 29.05 22.46
CA GLY C 727 13.33 30.11 22.23
C GLY C 727 12.40 30.36 23.41
N ILE C 728 11.74 31.52 23.39
CA ILE C 728 10.87 31.94 24.49
C ILE C 728 9.41 31.51 24.28
N GLY C 729 8.91 30.73 25.23
CA GLY C 729 7.56 30.18 25.15
C GLY C 729 6.40 31.12 25.43
N MET C 730 5.36 31.01 24.61
CA MET C 730 4.11 31.75 24.79
C MET C 730 2.95 30.93 24.26
N ARG C 731 1.75 31.20 24.76
CA ARG C 731 0.55 30.54 24.27
C ARG C 731 0.27 31.03 22.86
N LYS C 732 -0.28 30.17 22.01
CA LYS C 732 -0.58 30.54 20.63
C LYS C 732 -1.54 31.71 20.58
N ASP C 733 -2.40 31.80 21.59
CA ASP C 733 -3.44 32.81 21.63
C ASP C 733 -2.88 34.21 21.88
N SER C 734 -1.74 34.29 22.56
CA SER C 734 -1.13 35.59 22.86
C SER C 734 -0.36 36.14 21.66
N PRO C 735 -0.76 37.32 21.17
CA PRO C 735 -0.15 38.04 20.04
C PRO C 735 1.19 38.72 20.33
N TRP C 736 1.56 38.84 21.60
CA TRP C 736 2.81 39.49 21.98
C TRP C 736 4.01 38.77 21.41
N LYS C 737 3.92 37.44 21.35
CA LYS C 737 4.93 36.61 20.71
C LYS C 737 5.21 37.05 19.27
N GLN C 738 4.20 37.53 18.57
CA GLN C 738 4.39 38.03 17.20
C GLN C 738 5.43 39.15 17.22
N GLU C 739 5.35 40.04 18.18
CA GLU C 739 6.36 41.08 18.34
C GLU C 739 7.69 40.47 18.80
N VAL C 740 7.61 39.48 19.70
CA VAL C 740 8.82 38.92 20.30
C VAL C 740 9.74 38.39 19.22
N SER C 741 9.24 37.50 18.39
CA SER C 741 10.02 37.00 17.27
C SER C 741 10.50 38.18 16.43
N LEU C 742 9.57 39.10 16.14
CA LEU C 742 9.90 40.28 15.35
C LEU C 742 11.05 41.03 16.00
N ASN C 743 11.02 41.08 17.33
CA ASN C 743 12.10 41.69 18.08
C ASN C 743 13.36 40.83 18.08
N ILE C 744 13.19 39.52 18.26
CA ILE C 744 14.32 38.59 18.30
C ILE C 744 15.18 38.74 17.06
N LEU C 745 14.53 38.69 15.90
CA LEU C 745 15.21 38.90 14.63
C LEU C 745 15.95 40.25 14.61
N LYS C 746 15.30 41.30 15.08
CA LYS C 746 15.91 42.62 15.11
C LYS C 746 17.15 42.62 16.00
N SER C 747 17.14 41.75 17.00
CA SER C 747 18.28 41.65 17.91
C SER C 747 19.39 40.82 17.28
N HIS C 748 19.03 39.96 16.34
CA HIS C 748 20.01 39.11 15.68
C HIS C 748 20.83 39.89 14.67
N GLU C 749 20.13 40.70 13.87
CA GLU C 749 20.74 41.43 12.77
C GLU C 749 21.85 42.38 13.20
N ASN C 750 21.65 43.05 14.34
CA ASN C 750 22.62 44.04 14.80
C ASN C 750 23.83 43.40 15.49
N GLY C 751 23.75 42.11 15.78
CA GLY C 751 24.84 41.40 16.43
C GLY C 751 24.77 41.50 17.94
N PHE C 752 23.60 41.88 18.44
CA PHE C 752 23.37 42.00 19.87
C PHE C 752 23.60 40.67 20.57
N MET C 753 23.08 39.61 19.98
CA MET C 753 23.26 38.27 20.49
C MET C 753 24.73 37.88 20.47
N GLU C 754 25.40 38.13 19.35
CA GLU C 754 26.82 37.79 19.22
C GLU C 754 27.64 38.40 20.36
N GLU C 755 27.36 39.65 20.69
CA GLU C 755 28.06 40.32 21.78
C GLU C 755 27.63 39.77 23.13
N LEU C 756 26.37 39.33 23.24
CA LEU C 756 25.91 38.77 24.52
C LEU C 756 26.51 37.39 24.79
N ASP C 757 26.59 36.56 23.76
CA ASP C 757 27.27 35.28 23.86
C ASP C 757 28.74 35.52 24.11
N LYS C 758 29.28 36.58 23.51
CA LYS C 758 30.68 36.93 23.70
C LYS C 758 30.96 37.34 25.14
N THR C 759 30.01 38.04 25.75
CA THR C 759 30.11 38.39 27.16
C THR C 759 29.98 37.16 28.06
N TRP C 760 28.91 36.41 27.89
CA TRP C 760 28.59 35.30 28.80
C TRP C 760 29.31 33.98 28.47
N VAL C 761 29.84 33.84 27.27
CA VAL C 761 30.78 32.75 27.00
C VAL C 761 32.19 33.31 27.12
N ARG C 762 32.90 32.89 28.16
CA ARG C 762 34.18 33.49 28.51
C ARG C 762 35.30 33.14 27.53
N TYR C 763 34.90 32.06 27.97
CA TYR C 763 35.81 31.85 26.84
C TYR C 763 37.29 32.11 27.19
N GLN C 764 37.54 32.52 28.43
CA GLN C 764 38.87 32.95 28.88
C GLN C 764 40.02 32.01 28.50
N GLU C 765 40.08 30.83 29.11
CA GLU C 765 41.20 29.93 28.86
C GLU C 765 40.80 28.55 28.34
N CYS C 766 41.11 28.31 27.06
CA CYS C 766 41.06 26.99 26.42
C CYS C 766 41.39 27.13 24.94
N ASP C 767 41.72 26.02 24.29
CA ASP C 767 41.95 26.03 22.85
C ASP C 767 41.81 24.63 22.26
N MET D 30 -32.32 -7.63 59.73
CA MET D 30 -32.70 -6.90 58.53
C MET D 30 -33.82 -7.61 57.78
N ASP D 31 -34.52 -6.86 56.92
CA ASP D 31 -35.57 -7.42 56.08
C ASP D 31 -35.21 -7.29 54.59
N ILE D 32 -35.18 -8.44 53.91
CA ILE D 32 -34.71 -8.54 52.53
C ILE D 32 -35.65 -9.40 51.67
N ALA D 33 -35.69 -9.08 50.37
CA ALA D 33 -36.47 -9.84 49.40
C ALA D 33 -35.72 -10.10 48.10
N VAL D 34 -35.97 -11.26 47.50
CA VAL D 34 -35.36 -11.63 46.23
C VAL D 34 -36.42 -12.29 45.35
N ILE D 35 -36.32 -12.08 44.05
CA ILE D 35 -37.32 -12.58 43.10
C ILE D 35 -36.65 -13.26 41.91
N LEU D 36 -37.26 -14.35 41.44
CA LEU D 36 -36.78 -14.98 40.22
C LEU D 36 -37.88 -15.11 39.18
N VAL D 37 -37.53 -14.75 37.95
CA VAL D 37 -38.55 -14.80 36.92
C VAL D 37 -38.19 -15.83 35.83
N GLY D 38 -39.23 -16.58 35.52
CA GLY D 38 -39.42 -17.66 34.56
C GLY D 38 -38.77 -18.96 34.99
N THR D 39 -38.43 -19.76 33.97
CA THR D 39 -37.78 -21.09 34.04
C THR D 39 -38.90 -22.07 34.35
N THR D 40 -40.11 -21.54 34.58
CA THR D 40 -41.27 -22.40 34.86
C THR D 40 -41.05 -23.15 36.19
N GLU D 41 -40.21 -22.64 37.09
CA GLU D 41 -39.94 -23.46 38.27
C GLU D 41 -39.82 -22.86 39.66
N GLU D 42 -40.38 -23.60 40.61
CA GLU D 42 -39.99 -23.48 41.98
C GLU D 42 -38.77 -24.36 42.15
N VAL D 43 -37.78 -23.83 42.84
CA VAL D 43 -36.48 -24.48 42.91
C VAL D 43 -35.98 -24.39 44.34
N ALA D 44 -35.52 -25.52 44.86
CA ALA D 44 -34.99 -25.60 46.21
C ALA D 44 -33.72 -24.76 46.35
N ILE D 45 -32.96 -24.73 45.26
CA ILE D 45 -31.59 -24.22 45.27
C ILE D 45 -31.45 -22.76 45.70
N LYS D 46 -32.55 -22.06 45.89
CA LYS D 46 -32.42 -20.64 46.14
C LYS D 46 -32.16 -20.56 47.63
N ASP D 47 -32.83 -21.40 48.41
CA ASP D 47 -32.48 -21.46 49.81
C ASP D 47 -31.03 -21.99 49.84
N VAL D 48 -30.79 -22.99 48.98
CA VAL D 48 -29.50 -23.67 48.85
C VAL D 48 -28.48 -22.63 48.48
N HIS D 49 -28.92 -21.65 47.71
CA HIS D 49 -28.07 -20.60 47.22
C HIS D 49 -27.48 -19.95 48.39
N GLU D 50 -28.39 -19.41 49.22
CA GLU D 50 -27.90 -18.65 50.31
C GLU D 50 -27.56 -19.65 51.38
N LYS D 51 -28.09 -20.87 51.30
CA LYS D 51 -27.75 -21.93 52.26
C LYS D 51 -27.64 -21.40 53.69
N ASP D 52 -28.49 -20.44 54.03
CA ASP D 52 -28.38 -19.72 55.30
C ASP D 52 -27.00 -19.07 55.42
N ASP D 53 -26.48 -18.57 54.30
CA ASP D 53 -25.21 -17.85 54.21
C ASP D 53 -25.13 -16.64 55.11
N PHE D 54 -23.91 -16.47 55.62
CA PHE D 54 -23.47 -15.37 56.45
C PHE D 54 -24.24 -15.29 57.74
N HIS D 55 -24.65 -16.45 58.24
CA HIS D 55 -25.46 -16.45 59.45
C HIS D 55 -24.62 -15.83 60.57
N HIS D 56 -23.30 -15.96 60.42
CA HIS D 56 -22.32 -15.47 61.40
C HIS D 56 -22.45 -13.99 61.74
N LEU D 57 -22.78 -13.22 60.71
CA LEU D 57 -22.96 -11.77 60.82
C LEU D 57 -23.94 -11.38 61.91
N PRO D 58 -23.59 -10.38 62.74
CA PRO D 58 -24.38 -10.07 63.94
C PRO D 58 -25.82 -9.81 63.53
N VAL D 59 -26.00 -9.11 62.41
CA VAL D 59 -27.34 -8.92 61.89
C VAL D 59 -27.62 -10.06 60.93
N THR D 60 -28.79 -10.66 61.12
CA THR D 60 -29.26 -11.74 60.26
C THR D 60 -30.20 -11.28 59.16
N PRO D 61 -30.06 -11.88 57.96
CA PRO D 61 -30.97 -11.52 56.89
C PRO D 61 -32.32 -12.21 57.14
N ARG D 62 -33.43 -11.51 56.93
CA ARG D 62 -34.73 -12.14 56.90
C ARG D 62 -35.21 -12.10 55.47
N VAL D 63 -35.49 -13.26 54.89
CA VAL D 63 -35.76 -13.28 53.46
C VAL D 63 -37.16 -13.72 53.14
N GLU D 64 -37.79 -13.01 52.21
CA GLU D 64 -39.04 -13.54 51.65
C GLU D 64 -38.86 -13.73 50.16
N LEU D 65 -39.12 -14.94 49.68
CA LEU D 65 -38.93 -15.21 48.26
C LEU D 65 -40.26 -15.33 47.54
N VAL D 66 -40.32 -14.71 46.36
CA VAL D 66 -41.45 -14.83 45.48
C VAL D 66 -40.87 -14.95 44.09
N THR D 67 -41.54 -15.73 43.24
CA THR D 67 -41.17 -15.89 41.85
C THR D 67 -42.32 -15.55 40.94
N MET D 68 -42.02 -15.11 39.72
CA MET D 68 -43.16 -14.94 38.84
C MET D 68 -42.89 -15.53 37.48
N GLN D 69 -43.88 -16.28 37.01
CA GLN D 69 -43.77 -17.06 35.80
C GLN D 69 -43.65 -16.00 34.76
N GLU D 70 -44.46 -14.95 34.89
CA GLU D 70 -44.34 -13.94 33.87
C GLU D 70 -44.37 -12.52 34.39
N SER D 71 -43.55 -11.75 33.70
CA SER D 71 -43.14 -10.39 34.02
C SER D 71 -43.87 -9.33 33.23
N ASP D 72 -44.17 -8.20 33.85
CA ASP D 72 -44.71 -7.08 33.12
C ASP D 72 -44.20 -5.84 33.80
N PRO D 73 -44.06 -4.74 33.06
CA PRO D 73 -43.74 -3.55 33.82
C PRO D 73 -44.89 -3.32 34.77
N LYS D 74 -46.12 -3.57 34.37
CA LYS D 74 -47.22 -3.42 35.31
C LYS D 74 -47.11 -4.53 36.37
N SER D 75 -46.85 -5.77 35.94
CA SER D 75 -46.74 -6.89 36.87
C SER D 75 -45.56 -6.74 37.84
N ILE D 76 -44.38 -6.46 37.29
CA ILE D 76 -43.16 -6.32 38.08
C ILE D 76 -43.33 -5.14 39.04
N ILE D 77 -43.80 -4.01 38.53
CA ILE D 77 -44.00 -2.82 39.34
C ILE D 77 -44.95 -3.16 40.50
N THR D 78 -46.06 -3.83 40.18
CA THR D 78 -47.07 -4.22 41.16
C THR D 78 -46.56 -5.15 42.28
N ARG D 79 -45.86 -6.19 41.88
CA ARG D 79 -45.47 -7.25 42.81
C ARG D 79 -44.50 -6.82 43.89
N ILE D 80 -43.48 -6.06 43.53
CA ILE D 80 -42.47 -5.68 44.51
C ILE D 80 -43.04 -4.76 45.62
N CYS D 81 -43.83 -3.77 45.24
CA CYS D 81 -44.54 -2.92 46.21
C CYS D 81 -45.57 -3.70 47.05
N ASP D 82 -46.24 -4.65 46.42
CA ASP D 82 -47.22 -5.50 47.10
C ASP D 82 -46.46 -6.27 48.20
N LEU D 83 -45.28 -6.71 47.80
CA LEU D 83 -44.33 -7.37 48.68
C LEU D 83 -43.82 -6.40 49.74
N MET D 84 -43.81 -5.11 49.41
CA MET D 84 -43.43 -4.08 50.38
C MET D 84 -44.44 -4.11 51.52
N SER D 85 -45.72 -4.08 51.14
CA SER D 85 -46.81 -4.33 52.10
C SER D 85 -46.77 -5.61 52.94
N ASP D 86 -46.38 -6.76 52.39
CA ASP D 86 -46.15 -7.92 53.28
C ASP D 86 -44.80 -8.15 53.98
N LYS D 87 -43.72 -7.54 53.50
CA LYS D 87 -42.38 -7.83 54.01
C LYS D 87 -41.71 -6.61 54.65
N LYS D 88 -41.87 -5.46 53.99
CA LYS D 88 -41.30 -4.19 54.42
C LYS D 88 -39.77 -4.26 54.43
N VAL D 89 -39.26 -4.93 53.40
CA VAL D 89 -37.84 -5.20 53.14
C VAL D 89 -37.02 -3.95 52.86
N GLN D 90 -35.77 -3.93 53.31
CA GLN D 90 -34.87 -2.79 53.10
C GLN D 90 -33.96 -3.00 51.89
N GLY D 91 -34.11 -4.14 51.20
CA GLY D 91 -33.33 -4.40 50.01
C GLY D 91 -34.00 -5.44 49.13
N VAL D 92 -33.69 -5.39 47.83
CA VAL D 92 -34.27 -6.29 46.85
C VAL D 92 -33.26 -6.76 45.82
N VAL D 93 -33.32 -8.05 45.48
CA VAL D 93 -32.55 -8.57 44.37
C VAL D 93 -33.52 -9.16 43.34
N PHE D 94 -33.29 -8.80 42.08
CA PHE D 94 -34.15 -9.22 40.99
C PHE D 94 -33.37 -10.12 40.06
N GLY D 95 -34.02 -11.17 39.57
CA GLY D 95 -33.37 -12.05 38.63
C GLY D 95 -34.39 -12.58 37.66
N ASP D 96 -33.90 -12.88 36.47
CA ASP D 96 -34.78 -13.17 35.35
C ASP D 96 -34.17 -14.22 34.44
N ASP D 97 -35.04 -14.93 33.72
CA ASP D 97 -34.63 -15.83 32.67
C ASP D 97 -34.56 -15.07 31.35
N THR D 98 -34.99 -13.82 31.38
CA THR D 98 -35.27 -13.06 30.17
C THR D 98 -34.06 -12.45 29.47
N ASP D 99 -34.24 -12.24 28.16
CA ASP D 99 -33.24 -11.60 27.32
C ASP D 99 -33.52 -10.10 27.25
N GLN D 100 -34.60 -9.68 27.93
CA GLN D 100 -35.14 -8.34 27.79
C GLN D 100 -34.24 -7.24 28.33
N GLU D 101 -33.97 -6.23 27.50
CA GLU D 101 -33.17 -5.07 27.87
C GLU D 101 -33.84 -4.18 28.93
N ALA D 102 -35.15 -3.97 28.81
CA ALA D 102 -35.83 -2.88 29.51
C ALA D 102 -35.88 -3.06 31.03
N ILE D 103 -35.89 -4.31 31.48
CA ILE D 103 -36.19 -4.62 32.87
C ILE D 103 -35.23 -3.88 33.80
N ALA D 104 -33.95 -3.85 33.44
CA ALA D 104 -32.96 -3.22 34.30
C ALA D 104 -33.34 -1.77 34.53
N GLN D 105 -33.64 -1.09 33.43
CA GLN D 105 -33.97 0.33 33.46
C GLN D 105 -35.19 0.56 34.34
N ILE D 106 -36.19 -0.31 34.20
CA ILE D 106 -37.42 -0.18 34.99
C ILE D 106 -36.97 -0.22 36.45
N LEU D 107 -36.09 -1.16 36.78
CA LEU D 107 -35.66 -1.30 38.16
C LEU D 107 -34.91 -0.05 38.61
N ASP D 108 -34.16 0.60 37.71
CA ASP D 108 -33.47 1.83 38.08
C ASP D 108 -34.54 2.84 38.49
N PHE D 109 -35.62 2.87 37.72
CA PHE D 109 -36.71 3.80 38.02
C PHE D 109 -37.24 3.49 39.42
N ILE D 110 -37.40 2.20 39.70
CA ILE D 110 -37.88 1.77 41.02
C ILE D 110 -36.93 2.22 42.13
N SER D 111 -35.63 2.13 41.89
CA SER D 111 -34.67 2.57 42.89
C SER D 111 -34.94 4.03 43.16
N VAL D 112 -35.15 4.79 42.08
CA VAL D 112 -35.45 6.21 42.19
C VAL D 112 -36.73 6.40 43.00
N GLN D 113 -37.66 5.46 42.86
CA GLN D 113 -38.97 5.57 43.50
C GLN D 113 -39.04 5.20 44.99
N THR D 114 -38.46 4.07 45.35
CA THR D 114 -38.46 3.57 46.71
C THR D 114 -37.41 4.22 47.58
N LEU D 115 -36.28 4.51 46.95
CA LEU D 115 -35.01 4.86 47.59
C LEU D 115 -34.58 3.66 48.42
N THR D 116 -35.05 2.49 47.98
CA THR D 116 -34.72 1.17 48.53
C THR D 116 -33.80 0.47 47.54
N PRO D 117 -32.64 0.00 48.01
CA PRO D 117 -31.64 -0.58 47.11
C PRO D 117 -32.16 -1.80 46.36
N ILE D 118 -31.80 -1.89 45.09
CA ILE D 118 -32.14 -3.04 44.27
C ILE D 118 -30.96 -3.34 43.37
N LEU D 119 -30.74 -4.62 43.15
CA LEU D 119 -29.64 -5.08 42.33
C LEU D 119 -30.07 -6.30 41.58
N GLY D 120 -29.31 -6.70 40.56
CA GLY D 120 -29.69 -7.93 39.90
C GLY D 120 -28.54 -8.77 39.39
N ILE D 121 -28.74 -10.09 39.43
CA ILE D 121 -27.63 -11.03 39.25
C ILE D 121 -27.58 -11.72 37.89
N HIS D 122 -28.57 -11.49 37.04
CA HIS D 122 -28.70 -12.26 35.80
C HIS D 122 -29.56 -11.51 34.80
N GLY D 123 -29.43 -11.87 33.52
CA GLY D 123 -30.38 -11.44 32.52
C GLY D 123 -30.48 -9.95 32.28
N GLY D 124 -31.72 -9.47 32.16
CA GLY D 124 -31.97 -8.08 31.82
C GLY D 124 -31.45 -7.10 32.85
N SER D 125 -31.60 -7.43 34.13
CA SER D 125 -31.12 -6.56 35.19
C SER D 125 -29.60 -6.41 35.09
N SER D 126 -28.94 -7.50 34.74
CA SER D 126 -27.51 -7.51 34.46
C SER D 126 -27.18 -6.76 33.17
N MET D 127 -28.13 -6.67 32.25
CA MET D 127 -27.91 -5.97 31.00
C MET D 127 -27.74 -4.48 31.25
N ILE D 128 -26.90 -3.84 30.43
CA ILE D 128 -26.54 -2.45 30.64
C ILE D 128 -27.72 -1.51 30.47
N MET D 129 -27.58 -0.30 31.00
CA MET D 129 -28.68 0.64 31.07
C MET D 129 -28.16 2.07 30.98
N ALA D 130 -29.07 3.03 30.97
CA ALA D 130 -28.70 4.43 30.85
C ALA D 130 -27.97 4.84 32.13
N ASP D 131 -27.23 5.94 32.07
CA ASP D 131 -26.49 6.39 33.26
C ASP D 131 -27.48 6.58 34.39
N LYS D 132 -27.16 6.00 35.54
CA LYS D 132 -28.10 5.99 36.66
C LYS D 132 -28.18 7.35 37.31
N GLU D 133 -29.37 7.70 37.77
CA GLU D 133 -29.55 8.94 38.52
C GLU D 133 -28.74 8.85 39.81
N GLU D 134 -28.04 9.93 40.13
CA GLU D 134 -27.12 9.95 41.26
C GLU D 134 -27.88 9.70 42.56
N ALA D 135 -29.06 10.28 42.66
CA ALA D 135 -29.92 10.10 43.83
C ALA D 135 -30.33 8.64 43.95
N SER D 136 -30.53 7.98 42.82
CA SER D 136 -30.96 6.59 42.80
C SER D 136 -29.88 5.66 43.32
N MET D 137 -30.31 4.54 43.90
CA MET D 137 -29.40 3.49 44.35
C MET D 137 -29.71 2.24 43.54
N PHE D 138 -28.80 1.85 42.67
CA PHE D 138 -29.02 0.67 41.86
C PHE D 138 -27.76 -0.09 41.54
N PHE D 139 -27.85 -1.42 41.55
CA PHE D 139 -26.69 -2.19 41.15
C PHE D 139 -27.03 -3.29 40.15
N GLN D 140 -26.06 -3.55 39.27
CA GLN D 140 -26.20 -4.54 38.23
C GLN D 140 -24.97 -5.42 38.23
N PHE D 141 -25.12 -6.68 37.85
CA PHE D 141 -23.96 -7.49 37.51
C PHE D 141 -23.52 -7.19 36.07
N GLY D 142 -23.04 -5.97 35.82
CA GLY D 142 -22.66 -5.56 34.47
C GLY D 142 -21.41 -4.70 34.36
N PRO D 143 -21.29 -3.99 33.23
CA PRO D 143 -20.09 -3.17 32.96
C PRO D 143 -20.36 -1.94 32.08
N SER D 144 -19.33 -1.46 31.37
CA SER D 144 -19.43 -0.25 30.55
C SER D 144 -18.87 -0.41 29.13
N ILE D 145 -18.43 0.70 28.52
CA ILE D 145 -17.93 0.65 27.16
C ILE D 145 -16.40 0.76 27.15
N GLU D 146 -15.88 1.70 27.94
CA GLU D 146 -14.45 1.92 28.06
C GLU D 146 -13.74 0.66 28.56
N GLN D 147 -14.32 0.05 29.59
CA GLN D 147 -13.79 -1.19 30.16
C GLN D 147 -13.72 -2.28 29.08
N GLN D 148 -14.80 -2.43 28.33
CA GLN D 148 -14.87 -3.45 27.28
C GLN D 148 -13.79 -3.20 26.24
N ALA D 149 -13.61 -1.93 25.87
CA ALA D 149 -12.59 -1.56 24.90
C ALA D 149 -11.22 -1.93 25.43
N SER D 150 -11.04 -1.71 26.73
CA SER D 150 -9.81 -2.07 27.40
C SER D 150 -9.57 -3.57 27.28
N VAL D 151 -10.62 -4.36 27.53
CA VAL D 151 -10.50 -5.82 27.45
C VAL D 151 -10.18 -6.25 26.03
N MET D 152 -10.73 -5.54 25.06
CA MET D 152 -10.47 -5.84 23.66
C MET D 152 -8.99 -5.61 23.38
N LEU D 153 -8.47 -4.52 23.94
CA LEU D 153 -7.06 -4.22 23.81
C LEU D 153 -6.18 -5.25 24.49
N ASN D 154 -6.54 -5.66 25.71
CA ASN D 154 -5.82 -6.70 26.42
C ASN D 154 -5.80 -8.02 25.66
N ILE D 155 -6.94 -8.36 25.06
CA ILE D 155 -7.07 -9.57 24.26
C ILE D 155 -6.13 -9.48 23.07
N MET D 156 -6.16 -8.34 22.38
CA MET D 156 -5.30 -8.12 21.22
C MET D 156 -3.82 -8.19 21.62
N GLU D 157 -3.50 -7.60 22.76
CA GLU D 157 -2.14 -7.59 23.29
C GLU D 157 -1.67 -9.00 23.63
N GLU D 158 -2.58 -9.79 24.17
CA GLU D 158 -2.29 -11.15 24.58
C GLU D 158 -1.87 -12.00 23.39
N TYR D 159 -2.60 -11.85 22.28
CA TYR D 159 -2.24 -12.55 21.05
C TYR D 159 -1.25 -11.73 20.25
N ASP D 160 -0.85 -10.59 20.80
CA ASP D 160 0.09 -9.68 20.17
C ASP D 160 -0.36 -9.31 18.77
N TRP D 161 -1.64 -9.01 18.62
CA TRP D 161 -2.10 -8.49 17.34
C TRP D 161 -2.00 -6.98 17.44
N TYR D 162 -0.95 -6.46 16.83
CA TYR D 162 -0.59 -5.07 16.99
C TYR D 162 -1.41 -4.20 16.06
N ILE D 163 -1.68 -4.71 14.87
CA ILE D 163 -2.28 -3.88 13.84
C ILE D 163 -3.77 -4.18 13.74
N PHE D 164 -4.57 -3.13 13.83
CA PHE D 164 -6.02 -3.28 13.85
C PHE D 164 -6.75 -2.06 13.32
N SER D 165 -8.03 -2.25 12.99
CA SER D 165 -8.90 -1.17 12.57
C SER D 165 -10.19 -1.22 13.35
N ILE D 166 -10.93 -0.13 13.34
CA ILE D 166 -12.20 -0.11 14.01
C ILE D 166 -13.31 0.23 13.01
N VAL D 167 -14.30 -0.64 12.96
CA VAL D 167 -15.51 -0.38 12.21
C VAL D 167 -16.56 -0.14 13.27
N THR D 168 -17.25 0.98 13.15
CA THR D 168 -18.16 1.39 14.19
C THR D 168 -19.42 1.83 13.46
N THR D 169 -20.47 2.15 14.20
CA THR D 169 -21.64 2.74 13.60
C THR D 169 -22.05 3.91 14.47
N TYR D 170 -23.06 4.65 14.04
CA TYR D 170 -23.42 5.90 14.69
C TYR D 170 -24.09 5.59 16.03
N PHE D 171 -24.23 4.30 16.33
CA PHE D 171 -24.86 3.80 17.54
C PHE D 171 -24.13 4.39 18.75
N PRO D 172 -24.80 4.49 19.92
CA PRO D 172 -24.25 5.33 21.00
C PRO D 172 -22.89 4.91 21.54
N GLY D 173 -22.10 5.87 22.00
CA GLY D 173 -20.79 5.52 22.51
C GLY D 173 -19.63 5.66 21.54
N TYR D 174 -19.92 5.95 20.28
CA TYR D 174 -18.82 6.12 19.30
C TYR D 174 -17.98 7.35 19.60
N GLN D 175 -16.74 7.27 19.14
CA GLN D 175 -15.74 8.35 19.24
C GLN D 175 -15.55 8.77 20.69
N ASP D 176 -16.11 7.96 21.57
CA ASP D 176 -15.86 7.96 23.01
C ASP D 176 -15.17 6.62 23.12
N PHE D 177 -15.60 5.72 22.24
CA PHE D 177 -14.95 4.43 22.05
C PHE D 177 -13.63 4.77 21.40
N GLU D 178 -13.68 5.60 20.37
CA GLU D 178 -12.48 6.08 19.68
C GLU D 178 -11.59 6.83 20.63
N ASN D 179 -12.17 7.68 21.45
CA ASN D 179 -11.42 8.46 22.43
C ASN D 179 -10.74 7.57 23.48
N LYS D 180 -11.47 6.61 24.03
CA LYS D 180 -10.94 5.71 25.04
C LYS D 180 -9.79 4.90 24.44
N VAL D 181 -10.00 4.43 23.22
CA VAL D 181 -8.97 3.71 22.49
C VAL D 181 -7.80 4.62 22.21
N ARG D 182 -8.07 5.87 21.88
CA ARG D 182 -7.00 6.78 21.52
C ARG D 182 -6.10 6.92 22.74
N SER D 183 -6.68 7.10 23.92
CA SER D 183 -5.84 7.19 25.12
C SER D 183 -5.11 5.87 25.44
N THR D 184 -5.85 4.77 25.39
CA THR D 184 -5.29 3.46 25.75
C THR D 184 -4.19 3.02 24.80
N ILE D 185 -4.43 3.16 23.51
CA ILE D 185 -3.45 2.85 22.49
C ILE D 185 -2.27 3.84 22.53
N GLU D 186 -2.58 5.11 22.70
CA GLU D 186 -1.57 6.18 22.66
C GLU D 186 -0.55 6.13 23.79
N ASN D 187 -1.02 5.82 25.00
CA ASN D 187 -0.14 5.89 26.16
C ASN D 187 1.02 4.93 26.05
N SER D 188 0.74 3.74 25.52
CA SER D 188 1.72 2.67 25.46
C SER D 188 2.87 3.02 24.52
N PHE D 189 4.06 2.57 24.89
CA PHE D 189 5.26 2.82 24.11
C PHE D 189 5.14 2.15 22.74
N VAL D 190 4.50 0.97 22.70
CA VAL D 190 4.50 0.16 21.51
C VAL D 190 3.91 0.86 20.28
N GLY D 191 4.46 0.51 19.12
CA GLY D 191 4.07 1.10 17.86
C GLY D 191 2.91 0.44 17.14
N TRP D 192 1.88 -0.01 17.86
CA TRP D 192 0.74 -0.60 17.17
C TRP D 192 0.08 0.42 16.24
N GLU D 193 -0.60 -0.08 15.21
CA GLU D 193 -1.24 0.77 14.23
C GLU D 193 -2.74 0.66 14.14
N LEU D 194 -3.37 1.84 14.23
CA LEU D 194 -4.77 2.00 13.89
C LEU D 194 -4.82 2.36 12.42
N GLU D 195 -5.54 1.55 11.66
CA GLU D 195 -5.57 1.67 10.21
C GLU D 195 -6.73 2.55 9.76
N GLU D 196 -7.94 2.16 10.12
CA GLU D 196 -9.10 2.96 9.78
C GLU D 196 -10.13 2.99 10.89
N VAL D 197 -10.89 4.08 10.92
CA VAL D 197 -12.04 4.16 11.78
C VAL D 197 -13.19 4.49 10.85
N ILE D 198 -14.26 3.71 10.90
CA ILE D 198 -15.36 3.92 9.98
C ILE D 198 -16.66 4.16 10.72
N HIS D 199 -17.34 5.24 10.35
CA HIS D 199 -18.62 5.57 10.91
C HIS D 199 -19.69 5.52 9.83
N LEU D 200 -20.62 4.58 9.96
CA LEU D 200 -21.69 4.45 8.96
C LEU D 200 -23.06 4.44 9.63
N ASP D 201 -23.98 5.25 9.12
CA ASP D 201 -25.33 5.32 9.68
C ASP D 201 -26.19 4.16 9.20
N MET D 202 -26.71 3.37 10.14
CA MET D 202 -27.65 2.31 9.81
C MET D 202 -28.93 2.93 9.22
N SER D 203 -29.29 4.09 9.73
CA SER D 203 -30.37 4.89 9.14
C SER D 203 -29.93 5.38 7.77
N LEU D 204 -30.90 5.77 6.93
CA LEU D 204 -30.65 6.00 5.51
C LEU D 204 -30.09 4.73 4.89
N ASP D 205 -30.83 3.63 5.10
CA ASP D 205 -30.42 2.30 4.64
C ASP D 205 -30.16 2.29 3.14
N ASP D 206 -29.21 1.47 2.73
CA ASP D 206 -28.49 1.66 1.47
C ASP D 206 -28.94 0.79 0.30
N ILE D 207 -29.16 1.42 -0.85
CA ILE D 207 -29.14 0.71 -2.12
C ILE D 207 -27.71 0.59 -2.62
N ASP D 208 -26.91 1.59 -2.25
CA ASP D 208 -25.55 1.77 -2.71
C ASP D 208 -24.56 0.74 -2.17
N SER D 209 -24.96 0.05 -1.10
CA SER D 209 -24.05 -0.81 -0.35
C SER D 209 -22.85 -0.02 0.09
N LYS D 210 -23.11 1.20 0.57
CA LYS D 210 -22.07 2.12 0.99
C LYS D 210 -21.21 1.47 2.06
N ILE D 211 -21.84 0.64 2.90
CA ILE D 211 -21.11 -0.13 3.88
C ILE D 211 -20.17 -1.11 3.20
N GLN D 212 -20.62 -1.71 2.10
CA GLN D 212 -19.76 -2.60 1.33
C GLN D 212 -18.61 -1.80 0.73
N ASN D 213 -18.94 -0.60 0.27
CA ASN D 213 -17.98 0.29 -0.39
C ASN D 213 -16.89 0.75 0.56
N GLN D 214 -17.23 1.02 1.80
CA GLN D 214 -16.21 1.35 2.78
C GLN D 214 -15.47 0.08 3.21
N LEU D 215 -16.21 -0.88 3.75
CA LEU D 215 -15.63 -2.08 4.33
C LEU D 215 -14.65 -2.84 3.43
N LYS D 216 -14.93 -2.86 2.13
CA LYS D 216 -14.08 -3.57 1.17
C LYS D 216 -12.65 -3.04 1.15
N LYS D 217 -12.53 -1.74 1.41
CA LYS D 217 -11.25 -1.03 1.37
C LYS D 217 -10.20 -1.54 2.37
N LEU D 218 -10.63 -1.75 3.61
CA LEU D 218 -9.72 -2.01 4.72
C LEU D 218 -8.93 -3.31 4.55
N GLN D 219 -7.61 -3.23 4.71
CA GLN D 219 -6.72 -4.38 4.58
C GLN D 219 -6.27 -5.02 5.91
N SER D 220 -6.72 -4.49 7.04
CA SER D 220 -6.16 -4.88 8.34
C SER D 220 -6.62 -6.24 8.86
N PRO D 221 -5.71 -6.95 9.55
CA PRO D 221 -5.92 -8.31 10.04
C PRO D 221 -6.89 -8.39 11.22
N VAL D 222 -6.96 -7.34 12.03
CA VAL D 222 -7.72 -7.39 13.27
C VAL D 222 -8.74 -6.27 13.35
N ILE D 223 -10.00 -6.64 13.44
CA ILE D 223 -11.05 -5.64 13.35
C ILE D 223 -11.86 -5.57 14.64
N LEU D 224 -12.04 -4.36 15.15
CA LEU D 224 -12.91 -4.16 16.29
C LEU D 224 -14.20 -3.63 15.70
N LEU D 225 -15.33 -4.22 16.06
CA LEU D 225 -16.60 -3.75 15.51
C LEU D 225 -17.46 -3.22 16.63
N TYR D 226 -18.21 -2.15 16.38
CA TYR D 226 -19.15 -1.71 17.39
C TYR D 226 -20.49 -1.26 16.75
N CYS D 227 -21.58 -1.89 17.17
CA CYS D 227 -22.93 -1.60 16.66
C CYS D 227 -24.05 -2.33 17.41
N THR D 228 -25.30 -2.11 17.00
CA THR D 228 -26.44 -2.85 17.52
C THR D 228 -26.32 -4.29 17.03
N LYS D 229 -26.93 -5.26 17.70
CA LYS D 229 -26.80 -6.66 17.30
C LYS D 229 -27.27 -6.93 15.85
N GLU D 230 -28.43 -6.36 15.51
CA GLU D 230 -29.02 -6.55 14.19
C GLU D 230 -28.09 -5.94 13.14
N GLU D 231 -27.62 -4.73 13.45
CA GLU D 231 -26.73 -4.05 12.54
C GLU D 231 -25.54 -4.97 12.30
N ALA D 232 -25.08 -5.63 13.36
CA ALA D 232 -23.97 -6.58 13.25
C ALA D 232 -24.31 -7.65 12.22
N THR D 233 -25.59 -8.05 12.21
CA THR D 233 -26.01 -9.06 11.23
C THR D 233 -25.78 -8.49 9.82
N TYR D 234 -26.25 -7.26 9.59
CA TYR D 234 -26.15 -6.68 8.25
C TYR D 234 -24.69 -6.45 7.84
N ILE D 235 -23.90 -5.89 8.75
CA ILE D 235 -22.48 -5.62 8.53
C ILE D 235 -21.73 -6.90 8.23
N PHE D 236 -22.12 -8.00 8.89
CA PHE D 236 -21.47 -9.28 8.65
C PHE D 236 -21.86 -9.89 7.31
N GLU D 237 -23.12 -9.74 6.90
CA GLU D 237 -23.51 -10.19 5.57
C GLU D 237 -22.68 -9.44 4.53
N VAL D 238 -22.56 -8.13 4.75
CA VAL D 238 -21.77 -7.26 3.88
C VAL D 238 -20.28 -7.64 3.88
N ALA D 239 -19.78 -8.01 5.05
CA ALA D 239 -18.38 -8.44 5.18
C ALA D 239 -18.14 -9.76 4.45
N HIS D 240 -19.15 -10.64 4.50
CA HIS D 240 -19.10 -11.93 3.84
C HIS D 240 -19.05 -11.71 2.34
N SER D 241 -19.80 -10.71 1.87
CA SER D 241 -19.71 -10.31 0.46
C SER D 241 -18.34 -9.71 0.15
N VAL D 242 -17.85 -8.87 1.04
CA VAL D 242 -16.58 -8.17 0.84
C VAL D 242 -15.40 -9.13 0.93
N GLY D 243 -15.57 -10.20 1.69
CA GLY D 243 -14.50 -11.17 1.89
C GLY D 243 -13.68 -10.86 3.12
N LEU D 244 -14.21 -10.01 3.98
CA LEU D 244 -13.48 -9.57 5.17
C LEU D 244 -13.51 -10.59 6.30
N THR D 245 -14.45 -11.51 6.21
CA THR D 245 -14.66 -12.51 7.26
C THR D 245 -13.66 -13.64 7.15
N GLY D 246 -13.02 -13.76 6.00
CA GLY D 246 -12.18 -14.91 5.72
C GLY D 246 -10.84 -14.92 6.41
N TYR D 247 -10.19 -16.08 6.33
CA TYR D 247 -9.04 -16.44 7.16
C TYR D 247 -7.91 -15.41 7.18
N GLY D 248 -7.39 -15.21 8.39
CA GLY D 248 -6.27 -14.34 8.70
C GLY D 248 -6.76 -13.00 9.18
N PHE D 249 -7.90 -12.55 8.67
CA PHE D 249 -8.58 -11.41 9.28
C PHE D 249 -9.35 -11.98 10.46
N THR D 250 -9.46 -11.22 11.55
CA THR D 250 -10.21 -11.70 12.71
C THR D 250 -11.00 -10.55 13.30
N TRP D 251 -12.13 -10.86 13.91
CA TRP D 251 -13.01 -9.81 14.36
C TRP D 251 -13.16 -9.88 15.87
N ILE D 252 -13.27 -8.72 16.49
CA ILE D 252 -13.39 -8.63 17.93
C ILE D 252 -14.50 -7.67 18.26
N VAL D 253 -15.26 -8.01 19.29
CA VAL D 253 -16.55 -7.38 19.51
C VAL D 253 -16.71 -7.02 20.99
N PRO D 254 -17.42 -5.93 21.28
CA PRO D 254 -17.77 -5.65 22.68
C PRO D 254 -19.00 -6.47 23.07
N SER D 255 -19.54 -6.26 24.26
CA SER D 255 -20.59 -7.12 24.80
C SER D 255 -21.87 -7.16 23.96
N LEU D 256 -22.27 -6.02 23.40
CA LEU D 256 -23.62 -5.83 22.86
C LEU D 256 -24.02 -6.79 21.74
N VAL D 257 -23.11 -7.06 20.81
CA VAL D 257 -23.44 -7.90 19.67
C VAL D 257 -23.77 -9.33 20.07
N ALA D 258 -23.05 -9.88 21.04
CA ALA D 258 -23.26 -11.27 21.44
C ALA D 258 -24.52 -11.36 22.30
N GLY D 259 -24.78 -10.31 23.08
CA GLY D 259 -26.01 -10.22 23.86
C GLY D 259 -26.27 -11.36 24.82
N ASP D 260 -27.41 -12.01 24.65
CA ASP D 260 -27.75 -13.19 25.45
C ASP D 260 -26.77 -14.32 25.16
N THR D 261 -26.44 -14.48 23.88
CA THR D 261 -25.62 -15.56 23.32
C THR D 261 -26.44 -16.84 23.13
N ASP D 262 -27.69 -16.82 23.59
CA ASP D 262 -28.58 -17.94 23.40
C ASP D 262 -28.92 -18.14 21.93
N THR D 263 -29.10 -17.02 21.22
CA THR D 263 -29.45 -17.07 19.82
C THR D 263 -28.39 -16.39 18.96
N VAL D 264 -27.87 -17.16 18.01
CA VAL D 264 -26.74 -16.74 17.21
C VAL D 264 -26.99 -16.97 15.74
N PRO D 265 -27.48 -15.95 15.03
CA PRO D 265 -27.53 -16.09 13.57
C PRO D 265 -26.14 -16.43 13.05
N ASP D 266 -26.05 -17.39 12.14
CA ASP D 266 -24.74 -17.89 11.72
C ASP D 266 -24.19 -16.94 10.68
N GLU D 267 -24.94 -15.85 10.45
CA GLU D 267 -24.44 -14.73 9.67
C GLU D 267 -23.13 -14.22 10.28
N PHE D 268 -23.01 -14.29 11.60
CA PHE D 268 -21.75 -14.00 12.26
C PHE D 268 -20.71 -14.98 11.77
N PRO D 269 -19.49 -14.50 11.47
CA PRO D 269 -18.49 -15.48 11.05
C PRO D 269 -17.99 -16.28 12.25
N THR D 270 -17.47 -17.48 11.99
CA THR D 270 -16.90 -18.29 13.05
C THR D 270 -15.53 -17.71 13.39
N GLY D 271 -15.07 -17.94 14.61
CA GLY D 271 -13.79 -17.39 15.04
C GLY D 271 -13.99 -15.96 15.51
N LEU D 272 -15.25 -15.52 15.54
CA LEU D 272 -15.56 -14.21 16.05
C LEU D 272 -15.27 -14.16 17.54
N ILE D 273 -14.54 -13.14 17.96
CA ILE D 273 -14.06 -13.06 19.32
C ILE D 273 -14.79 -11.95 20.02
N SER D 274 -15.38 -12.27 21.15
CA SER D 274 -16.12 -11.25 21.87
C SER D 274 -16.18 -11.53 23.36
N VAL D 275 -16.40 -10.45 24.07
CA VAL D 275 -16.44 -10.44 25.50
C VAL D 275 -17.88 -10.56 26.01
N SER D 276 -18.06 -11.28 27.12
CA SER D 276 -19.38 -11.34 27.77
C SER D 276 -19.33 -11.71 29.25
N TYR D 277 -20.46 -11.49 29.92
CA TYR D 277 -20.69 -11.84 31.32
C TYR D 277 -20.75 -13.36 31.47
N ASP D 278 -20.22 -13.85 32.59
CA ASP D 278 -20.19 -15.28 32.87
C ASP D 278 -21.53 -15.75 33.45
N GLU D 279 -21.70 -17.07 33.53
CA GLU D 279 -22.92 -17.64 34.07
C GLU D 279 -22.65 -18.99 34.74
N TRP D 280 -21.41 -19.43 34.66
CA TRP D 280 -21.01 -20.70 35.26
C TRP D 280 -20.16 -20.49 36.51
N ASP D 281 -19.16 -19.63 36.39
CA ASP D 281 -18.27 -19.34 37.51
C ASP D 281 -19.06 -18.87 38.73
N TYR D 282 -20.36 -18.68 38.54
CA TYR D 282 -21.23 -18.24 39.63
C TYR D 282 -22.68 -18.61 39.36
N ASP D 283 -23.08 -19.80 39.80
CA ASP D 283 -24.44 -20.28 39.61
C ASP D 283 -25.46 -19.19 39.92
N LEU D 284 -26.66 -19.33 39.39
CA LEU D 284 -27.72 -18.37 39.61
C LEU D 284 -27.85 -18.26 41.13
N PRO D 285 -27.82 -19.43 41.83
CA PRO D 285 -27.86 -19.35 43.28
C PRO D 285 -26.63 -18.69 43.95
N ALA D 286 -25.44 -18.95 43.42
CA ALA D 286 -24.23 -18.31 43.92
C ALA D 286 -24.28 -16.79 43.79
N ARG D 287 -24.72 -16.35 42.62
CA ARG D 287 -24.89 -14.92 42.36
C ARG D 287 -25.89 -14.28 43.31
N VAL D 288 -27.00 -14.97 43.56
CA VAL D 288 -27.97 -14.45 44.53
C VAL D 288 -27.34 -14.36 45.92
N ARG D 289 -26.53 -15.36 46.26
CA ARG D 289 -25.84 -15.35 47.55
C ARG D 289 -24.93 -14.15 47.64
N ASP D 290 -24.26 -13.84 46.54
CA ASP D 290 -23.40 -12.66 46.49
C ASP D 290 -24.23 -11.40 46.72
N GLY D 291 -25.40 -11.32 46.08
CA GLY D 291 -26.24 -10.15 46.23
C GLY D 291 -26.72 -9.94 47.66
N ILE D 292 -27.19 -11.02 48.28
CA ILE D 292 -27.65 -10.98 49.66
C ILE D 292 -26.49 -10.56 50.54
N ALA D 293 -25.33 -11.12 50.24
CA ALA D 293 -24.11 -10.81 50.97
C ALA D 293 -23.75 -9.34 50.84
N ILE D 294 -23.96 -8.75 49.67
CA ILE D 294 -23.66 -7.34 49.45
C ILE D 294 -24.59 -6.47 50.27
N ILE D 295 -25.87 -6.81 50.24
CA ILE D 295 -26.86 -6.03 50.96
C ILE D 295 -26.59 -6.07 52.46
N THR D 296 -26.31 -7.27 52.97
CA THR D 296 -26.11 -7.45 54.41
C THR D 296 -24.72 -6.99 54.87
N THR D 297 -23.75 -7.00 53.96
CA THR D 297 -22.41 -6.50 54.27
C THR D 297 -22.48 -4.99 54.34
N ALA D 298 -23.24 -4.41 53.43
CA ALA D 298 -23.46 -2.97 53.42
C ALA D 298 -24.20 -2.54 54.69
N ALA D 299 -25.16 -3.35 55.08
CA ALA D 299 -25.91 -3.13 56.31
C ALA D 299 -24.97 -3.19 57.50
N SER D 300 -24.05 -4.15 57.47
CA SER D 300 -23.09 -4.35 58.54
C SER D 300 -22.07 -3.21 58.66
N THR D 301 -21.57 -2.74 57.52
CA THR D 301 -20.63 -1.62 57.51
C THR D 301 -21.31 -0.34 57.98
N MET D 302 -22.52 -0.10 57.50
CA MET D 302 -23.27 1.09 57.92
C MET D 302 -23.58 1.03 59.40
N LEU D 303 -23.90 -0.18 59.88
CA LEU D 303 -24.11 -0.43 61.29
C LEU D 303 -22.86 -0.08 62.07
N SER D 304 -21.74 -0.69 61.70
CA SER D 304 -20.46 -0.45 62.37
C SER D 304 -20.17 1.04 62.45
N GLU D 305 -20.45 1.76 61.38
CA GLU D 305 -20.23 3.20 61.39
C GLU D 305 -21.17 3.96 62.31
N HIS D 306 -22.48 3.84 62.11
CA HIS D 306 -23.46 4.57 62.94
C HIS D 306 -24.27 3.78 63.98
N ASN D 307 -24.05 2.46 64.10
CA ASN D 307 -24.83 1.62 65.02
C ASN D 307 -26.36 1.77 64.85
N SER D 308 -26.78 1.97 63.61
CA SER D 308 -28.17 2.30 63.30
C SER D 308 -28.83 1.27 62.37
N ILE D 309 -30.06 0.88 62.70
CA ILE D 309 -30.83 -0.01 61.85
C ILE D 309 -31.16 0.62 60.50
N PRO D 310 -30.80 -0.08 59.40
CA PRO D 310 -31.11 0.33 58.03
C PRO D 310 -32.59 0.19 57.65
N GLN D 311 -33.34 -0.58 58.44
CA GLN D 311 -34.73 -0.93 58.09
C GLN D 311 -35.61 0.31 57.91
N SER D 312 -36.40 0.30 56.85
CA SER D 312 -37.23 1.46 56.49
C SER D 312 -38.58 1.02 55.92
N LYS D 313 -39.58 1.89 56.00
CA LYS D 313 -40.89 1.56 55.47
C LYS D 313 -40.80 1.45 53.95
N SER D 314 -41.34 0.37 53.42
CA SER D 314 -41.14 0.02 52.01
C SER D 314 -42.21 0.54 51.05
N SER D 315 -43.32 1.06 51.58
CA SER D 315 -44.51 1.25 50.75
C SER D 315 -44.34 2.42 49.78
N CYS D 316 -44.44 2.07 48.48
CA CYS D 316 -44.27 3.03 47.40
C CYS D 316 -45.42 4.04 47.31
N ASN D 317 -46.64 3.53 47.44
CA ASN D 317 -47.86 4.31 47.25
C ASN D 317 -47.90 5.61 48.06
N ASN D 318 -47.55 5.53 49.34
CA ASN D 318 -47.46 6.72 50.17
C ASN D 318 -46.14 7.44 49.94
N ILE D 319 -45.95 8.57 50.61
CA ILE D 319 -44.70 9.31 50.50
C ILE D 319 -43.57 8.44 51.04
N GLN D 320 -42.36 8.65 50.53
CA GLN D 320 -41.21 7.87 50.97
C GLN D 320 -41.00 8.11 52.47
N GLU D 321 -40.67 7.04 53.18
CA GLU D 321 -40.57 7.09 54.64
C GLU D 321 -39.52 8.10 55.07
N SER D 322 -39.74 8.72 56.23
CA SER D 322 -38.79 9.67 56.80
C SER D 322 -37.53 8.91 57.15
N ARG D 323 -36.37 9.57 57.13
CA ARG D 323 -35.10 8.93 57.47
C ARG D 323 -34.61 8.02 56.35
N VAL D 324 -35.38 7.90 55.27
CA VAL D 324 -34.90 7.25 54.06
C VAL D 324 -33.76 8.06 53.47
N TYR D 325 -33.79 9.38 53.67
CA TYR D 325 -32.71 10.23 53.19
C TYR D 325 -31.36 9.84 53.79
N GLU D 326 -31.35 9.31 55.01
CA GLU D 326 -30.06 8.89 55.56
C GLU D 326 -29.45 7.77 54.74
N ALA D 327 -30.30 7.02 54.02
CA ALA D 327 -29.77 5.87 53.31
C ALA D 327 -28.72 6.35 52.33
N HIS D 328 -28.80 7.64 51.99
CA HIS D 328 -27.93 8.16 50.95
C HIS D 328 -26.49 7.88 51.32
N MET D 329 -26.16 8.16 52.58
CA MET D 329 -24.77 8.05 53.00
C MET D 329 -24.30 6.62 52.81
N LEU D 330 -25.21 5.70 53.06
CA LEU D 330 -24.91 4.29 52.94
C LEU D 330 -24.41 3.97 51.55
N LYS D 331 -25.12 4.44 50.53
CA LYS D 331 -24.73 4.16 49.15
C LYS D 331 -23.31 4.65 48.89
N ARG D 332 -22.99 5.85 49.36
CA ARG D 332 -21.67 6.41 49.14
C ARG D 332 -20.62 5.50 49.78
N TYR D 333 -20.96 5.05 50.97
CA TYR D 333 -20.19 4.05 51.72
C TYR D 333 -20.32 2.64 51.08
N LEU D 334 -21.49 2.34 50.52
CA LEU D 334 -21.92 0.98 50.06
C LEU D 334 -21.31 0.53 48.74
N ILE D 335 -20.68 1.45 48.03
CA ILE D 335 -20.24 1.23 46.65
C ILE D 335 -19.32 0.04 46.53
N ASN D 336 -18.36 -0.06 47.44
CA ASN D 336 -17.55 -1.26 47.48
C ASN D 336 -17.94 -2.14 48.66
N VAL D 337 -18.34 -3.35 48.32
CA VAL D 337 -18.76 -4.37 49.26
C VAL D 337 -18.00 -5.62 48.86
N THR D 338 -17.48 -6.29 49.87
CA THR D 338 -16.65 -7.47 49.70
C THR D 338 -17.09 -8.65 50.54
N PHE D 339 -17.10 -9.82 49.91
CA PHE D 339 -17.35 -11.05 50.64
C PHE D 339 -16.52 -12.11 49.97
N GLU D 340 -16.15 -13.11 50.77
CA GLU D 340 -15.36 -14.26 50.34
C GLU D 340 -13.99 -13.77 49.84
N GLY D 341 -13.54 -12.63 50.35
CA GLY D 341 -12.28 -12.05 49.89
C GLY D 341 -12.36 -11.65 48.42
N ARG D 342 -13.59 -11.43 47.96
CA ARG D 342 -13.89 -11.12 46.56
C ARG D 342 -14.64 -9.80 46.46
N ASP D 343 -14.29 -8.99 45.47
CA ASP D 343 -14.93 -7.69 45.37
C ASP D 343 -16.19 -7.66 44.54
N LEU D 344 -17.23 -7.11 45.16
CA LEU D 344 -18.46 -6.81 44.48
C LEU D 344 -18.45 -5.33 44.17
N SER D 345 -17.30 -4.69 44.40
CA SER D 345 -17.20 -3.24 44.44
C SER D 345 -17.85 -2.63 43.23
N PHE D 346 -18.74 -1.66 43.45
CA PHE D 346 -19.41 -1.07 42.32
C PHE D 346 -18.64 0.12 41.79
N SER D 347 -19.15 0.67 40.70
CA SER D 347 -18.63 1.90 40.12
C SER D 347 -19.78 2.91 40.01
N GLU D 348 -19.42 4.16 39.77
CA GLU D 348 -20.37 5.27 39.83
C GLU D 348 -21.60 5.03 38.95
N ASP D 349 -21.43 4.30 37.85
CA ASP D 349 -22.56 3.98 37.00
C ASP D 349 -23.49 2.97 37.69
N GLY D 350 -22.95 2.23 38.64
CA GLY D 350 -23.72 1.22 39.36
C GLY D 350 -23.43 -0.21 38.91
N TYR D 351 -22.58 -0.35 37.91
CA TYR D 351 -22.01 -1.66 37.55
C TYR D 351 -20.91 -2.06 38.52
N GLN D 352 -20.75 -3.37 38.72
CA GLN D 352 -19.66 -3.87 39.57
C GLN D 352 -18.36 -3.59 38.86
N MET D 353 -17.33 -3.22 39.62
CA MET D 353 -16.02 -2.93 39.05
C MET D 353 -15.19 -3.60 37.96
N HIS D 354 -14.89 -4.88 38.16
CA HIS D 354 -14.10 -5.64 37.20
C HIS D 354 -14.91 -6.94 37.31
N PRO D 355 -16.23 -6.80 37.22
CA PRO D 355 -17.12 -7.97 37.31
C PRO D 355 -16.60 -9.15 36.49
N LYS D 356 -16.92 -10.36 36.93
CA LYS D 356 -16.48 -11.57 36.23
C LYS D 356 -16.74 -11.08 34.80
N LEU D 357 -15.72 -11.14 33.96
CA LEU D 357 -15.84 -10.70 32.58
C LEU D 357 -15.10 -11.82 31.84
N VAL D 358 -15.87 -12.66 31.14
CA VAL D 358 -15.29 -13.78 30.39
C VAL D 358 -15.07 -13.49 28.90
N ILE D 359 -13.87 -13.86 28.43
CA ILE D 359 -13.49 -13.85 27.03
C ILE D 359 -14.10 -15.06 26.38
N ILE D 360 -14.89 -14.81 25.34
CA ILE D 360 -15.66 -15.86 24.71
C ILE D 360 -15.39 -15.81 23.21
N LEU D 361 -15.52 -16.96 22.56
CA LEU D 361 -15.29 -17.07 21.13
C LEU D 361 -16.44 -17.88 20.55
N LEU D 362 -16.64 -17.79 19.24
CA LEU D 362 -17.63 -18.67 18.63
C LEU D 362 -16.93 -19.95 18.21
N ASN D 363 -17.21 -21.01 18.95
CA ASN D 363 -16.68 -22.33 18.63
C ASN D 363 -17.32 -22.79 17.34
N GLN D 364 -16.71 -23.77 16.69
CA GLN D 364 -17.24 -24.25 15.42
C GLN D 364 -18.68 -24.72 15.64
N GLU D 365 -19.48 -24.67 14.57
CA GLU D 365 -20.94 -24.67 14.65
C GLU D 365 -21.48 -23.48 15.45
N ARG D 366 -22.53 -23.71 16.23
CA ARG D 366 -23.25 -22.62 16.90
C ARG D 366 -22.78 -22.36 18.32
N LYS D 367 -21.73 -23.06 18.74
CA LYS D 367 -21.31 -23.03 20.13
C LYS D 367 -20.68 -21.69 20.54
N TRP D 368 -21.07 -21.22 21.72
CA TRP D 368 -20.36 -20.16 22.44
C TRP D 368 -19.55 -20.82 23.56
N GLU D 369 -18.23 -20.83 23.42
CA GLU D 369 -17.40 -21.50 24.43
C GLU D 369 -16.44 -20.54 25.11
N ARG D 370 -16.36 -20.64 26.44
CA ARG D 370 -15.54 -19.71 27.19
C ARG D 370 -14.08 -19.88 26.81
N VAL D 371 -13.32 -18.79 26.80
CA VAL D 371 -11.90 -18.99 26.65
C VAL D 371 -11.10 -18.38 27.79
N GLY D 372 -11.27 -17.09 28.01
CA GLY D 372 -10.43 -16.45 29.02
C GLY D 372 -11.28 -15.90 30.10
N LYS D 373 -10.71 -15.71 31.27
CA LYS D 373 -11.38 -14.98 32.30
C LYS D 373 -10.65 -13.69 32.58
N TYR D 374 -11.39 -12.62 32.88
CA TYR D 374 -10.78 -11.33 33.17
C TYR D 374 -11.51 -10.59 34.27
N LYS D 375 -10.73 -10.04 35.20
CA LYS D 375 -11.31 -9.36 36.36
C LYS D 375 -10.43 -8.19 36.82
N ASP D 376 -11.11 -7.13 37.27
CA ASP D 376 -10.46 -5.94 37.79
C ASP D 376 -9.41 -5.39 36.83
N ARG D 377 -8.17 -5.30 37.29
CA ARG D 377 -7.09 -4.84 36.45
C ARG D 377 -6.61 -5.90 35.46
N SER D 378 -6.63 -7.17 35.89
CA SER D 378 -5.87 -8.18 35.15
C SER D 378 -6.72 -9.24 34.46
N LEU D 379 -6.16 -9.82 33.40
CA LEU D 379 -6.86 -10.80 32.59
C LEU D 379 -6.00 -12.05 32.43
N LYS D 380 -6.62 -13.22 32.41
CA LYS D 380 -5.87 -14.44 32.13
C LYS D 380 -6.66 -15.31 31.16
N MET D 381 -6.01 -15.77 30.10
CA MET D 381 -6.70 -16.59 29.12
C MET D 381 -5.86 -17.82 28.79
N TRP D 382 -6.51 -18.94 28.50
CA TRP D 382 -5.79 -20.18 28.28
C TRP D 382 -5.26 -20.24 26.84
N GLU D 397 5.37 -27.72 5.96
CA GLU D 397 6.41 -26.70 6.07
C GLU D 397 6.53 -26.21 7.51
N HIS D 398 7.41 -26.86 8.27
CA HIS D 398 7.65 -26.51 9.65
C HIS D 398 9.10 -26.12 9.70
N LEU D 399 9.92 -27.08 9.32
CA LEU D 399 11.38 -27.03 9.28
C LEU D 399 12.25 -26.44 10.35
N SER D 400 12.15 -27.03 11.53
CA SER D 400 12.99 -26.70 12.66
C SER D 400 14.44 -26.45 12.35
N ILE D 401 15.00 -25.41 12.94
CA ILE D 401 16.35 -25.00 12.58
C ILE D 401 17.19 -25.00 13.83
N VAL D 402 18.44 -25.43 13.71
CA VAL D 402 19.35 -25.41 14.84
C VAL D 402 20.52 -24.50 14.52
N THR D 403 21.04 -23.82 15.53
CA THR D 403 22.19 -22.95 15.35
C THR D 403 23.12 -23.01 16.54
N LEU D 404 24.16 -22.19 16.48
CA LEU D 404 25.12 -22.07 17.57
C LEU D 404 25.55 -20.61 17.67
N GLU D 405 25.98 -20.20 18.86
CA GLU D 405 26.30 -18.78 19.08
C GLU D 405 27.74 -18.47 18.69
N GLU D 406 27.89 -17.47 17.82
CA GLU D 406 29.21 -17.05 17.35
C GLU D 406 29.29 -15.53 17.38
N ALA D 407 30.18 -14.97 16.57
CA ALA D 407 30.35 -13.53 16.51
C ALA D 407 29.49 -12.83 15.46
N PRO D 408 29.91 -12.88 14.20
CA PRO D 408 29.16 -12.24 13.11
C PRO D 408 27.86 -12.98 12.81
N PHE D 409 26.75 -12.27 12.85
CA PHE D 409 25.45 -12.86 12.58
C PHE D 409 25.21 -14.10 13.43
N VAL D 410 25.08 -13.90 14.74
CA VAL D 410 24.86 -15.00 15.67
C VAL D 410 25.29 -14.62 17.08
N ILE D 411 24.31 -14.26 17.91
CA ILE D 411 24.57 -13.88 19.29
C ILE D 411 23.45 -14.33 20.20
N VAL D 412 23.81 -15.09 21.22
CA VAL D 412 22.83 -15.42 22.24
C VAL D 412 22.87 -14.35 23.31
N GLU D 413 21.68 -13.87 23.67
CA GLU D 413 21.53 -12.90 24.73
C GLU D 413 20.50 -13.42 25.68
N ASP D 414 20.61 -13.00 26.94
CA ASP D 414 19.64 -13.36 27.96
C ASP D 414 18.54 -12.31 28.00
N VAL D 415 17.31 -12.76 27.80
CA VAL D 415 16.15 -11.87 27.75
C VAL D 415 15.86 -11.23 29.10
N ASP D 416 15.27 -10.04 29.08
CA ASP D 416 14.87 -9.36 30.30
C ASP D 416 13.82 -10.20 31.02
N PRO D 417 14.11 -10.58 32.27
CA PRO D 417 13.22 -11.42 33.07
C PRO D 417 11.88 -10.75 33.35
N LEU D 418 11.92 -9.44 33.57
CA LEU D 418 10.70 -8.67 33.79
C LEU D 418 9.78 -8.73 32.58
N SER D 419 10.37 -8.63 31.39
CA SER D 419 9.63 -8.74 30.15
C SER D 419 9.08 -10.15 29.94
N GLY D 420 9.88 -11.15 30.29
CA GLY D 420 9.44 -12.53 30.21
C GLY D 420 9.56 -13.15 28.82
N THR D 421 9.79 -12.32 27.81
CA THR D 421 9.92 -12.80 26.43
C THR D 421 10.81 -11.87 25.60
N CYS D 422 11.26 -12.38 24.44
CA CYS D 422 12.31 -11.72 23.66
C CYS D 422 11.91 -10.36 23.13
N MET D 423 12.90 -9.49 22.92
CA MET D 423 12.64 -8.13 22.48
C MET D 423 13.25 -7.82 21.12
N ARG D 424 12.53 -7.02 20.34
CA ARG D 424 13.02 -6.49 19.06
C ARG D 424 13.43 -7.58 18.08
N ASN D 425 14.64 -7.43 17.54
CA ASN D 425 15.15 -8.30 16.48
C ASN D 425 15.41 -9.73 16.96
N THR D 426 15.57 -9.87 18.28
CA THR D 426 15.87 -11.16 18.87
C THR D 426 14.73 -12.15 18.62
N VAL D 427 15.11 -13.35 18.20
CA VAL D 427 14.18 -14.42 17.90
C VAL D 427 14.51 -15.54 18.87
N PRO D 428 13.47 -16.23 19.39
CA PRO D 428 13.72 -17.25 20.42
C PRO D 428 14.47 -18.48 19.90
N CYS D 429 15.35 -19.01 20.75
CA CYS D 429 16.02 -20.27 20.50
C CYS D 429 16.19 -21.03 21.82
N ARG D 430 15.87 -22.32 21.81
CA ARG D 430 15.92 -23.11 23.03
C ARG D 430 17.10 -24.08 23.05
N LYS D 431 17.70 -24.24 24.23
CA LYS D 431 18.80 -25.18 24.40
C LYS D 431 18.51 -26.20 25.50
N GLN D 432 18.46 -27.47 25.13
CA GLN D 432 18.24 -28.53 26.10
C GLN D 432 19.48 -28.71 26.96
N ILE D 433 19.28 -28.74 28.28
CA ILE D 433 20.41 -28.85 29.20
C ILE D 433 20.13 -29.89 30.29
N ILE D 446 15.45 -24.18 29.02
CA ILE D 446 15.89 -22.79 29.15
C ILE D 446 15.80 -22.05 27.82
N LYS D 447 15.10 -20.92 27.82
CA LYS D 447 14.94 -20.12 26.61
C LYS D 447 16.02 -19.05 26.49
N ARG D 448 16.75 -19.10 25.37
CA ARG D 448 17.79 -18.12 25.06
C ARG D 448 17.37 -17.28 23.86
N CYS D 449 17.82 -16.04 23.79
CA CYS D 449 17.39 -15.17 22.70
C CYS D 449 18.47 -14.93 21.65
N CYS D 450 18.28 -15.48 20.46
CA CYS D 450 19.31 -15.37 19.42
C CYS D 450 19.03 -14.16 18.55
N LYS D 451 20.06 -13.40 18.24
CA LYS D 451 19.95 -12.27 17.35
C LYS D 451 21.27 -11.92 16.67
N GLY D 452 21.19 -11.27 15.52
CA GLY D 452 22.38 -10.92 14.76
C GLY D 452 22.23 -10.94 13.26
N PHE D 453 23.38 -10.98 12.60
CA PHE D 453 23.46 -10.94 11.14
C PHE D 453 22.75 -12.12 10.47
N CYS D 454 23.12 -13.33 10.91
CA CYS D 454 22.53 -14.56 10.39
C CYS D 454 21.04 -14.65 10.68
N ILE D 455 20.64 -14.18 11.85
CA ILE D 455 19.25 -14.21 12.28
C ILE D 455 18.41 -13.34 11.36
N ASP D 456 18.94 -12.17 11.02
CA ASP D 456 18.24 -11.22 10.15
C ASP D 456 18.16 -11.81 8.74
N ILE D 457 19.26 -12.40 8.28
CA ILE D 457 19.26 -13.03 6.95
C ILE D 457 18.22 -14.16 6.88
N LEU D 458 18.16 -14.97 7.92
CA LEU D 458 17.19 -16.06 8.00
C LEU D 458 15.78 -15.49 7.96
N LYS D 459 15.57 -14.41 8.70
CA LYS D 459 14.26 -13.78 8.79
C LYS D 459 13.82 -13.27 7.43
N LYS D 460 14.74 -12.63 6.71
CA LYS D 460 14.45 -12.12 5.38
C LYS D 460 14.17 -13.25 4.38
N ILE D 461 14.99 -14.30 4.41
CA ILE D 461 14.81 -15.43 3.49
C ILE D 461 13.44 -16.07 3.72
N ALA D 462 13.11 -16.28 4.99
CA ALA D 462 11.83 -16.84 5.37
C ALA D 462 10.67 -15.95 4.96
N LYS D 463 10.87 -14.64 5.10
CA LYS D 463 9.87 -13.64 4.74
C LYS D 463 9.59 -13.70 3.24
N THR D 464 10.65 -13.86 2.46
CA THR D 464 10.53 -13.87 1.00
C THR D 464 9.90 -15.17 0.52
N VAL D 465 10.34 -16.30 1.07
CA VAL D 465 9.80 -17.59 0.66
C VAL D 465 8.49 -17.90 1.39
N LYS D 466 8.21 -17.13 2.45
CA LYS D 466 6.95 -17.23 3.19
C LYS D 466 6.71 -18.63 3.78
N PHE D 467 7.51 -18.98 4.78
CA PHE D 467 7.26 -20.19 5.57
C PHE D 467 7.53 -19.93 7.04
N THR D 468 7.05 -20.82 7.91
CA THR D 468 7.26 -20.64 9.34
C THR D 468 8.21 -21.71 9.86
N TYR D 469 8.93 -21.38 10.93
CA TYR D 469 10.06 -22.20 11.38
C TYR D 469 10.29 -22.15 12.89
N ASP D 470 10.87 -23.23 13.43
CA ASP D 470 11.22 -23.29 14.85
C ASP D 470 12.74 -23.27 15.03
N LEU D 471 13.26 -22.43 15.92
CA LEU D 471 14.71 -22.29 16.08
C LEU D 471 15.18 -22.77 17.46
N TYR D 472 16.21 -23.60 17.49
CA TYR D 472 16.82 -24.04 18.75
C TYR D 472 18.35 -24.05 18.67
N LEU D 473 18.98 -24.35 19.81
CA LEU D 473 20.43 -24.40 19.90
C LEU D 473 20.94 -25.82 19.98
N VAL D 474 22.12 -26.05 19.39
CA VAL D 474 22.74 -27.36 19.41
C VAL D 474 23.36 -27.61 20.78
N THR D 475 23.46 -28.88 21.15
CA THR D 475 24.06 -29.29 22.40
C THR D 475 25.38 -29.99 22.13
N ASN D 476 25.30 -31.09 21.40
CA ASN D 476 26.45 -31.94 21.11
C ASN D 476 27.34 -31.46 19.96
N GLY D 477 28.61 -31.21 20.28
CA GLY D 477 29.66 -30.96 19.30
C GLY D 477 29.73 -29.69 18.46
N LYS D 478 28.92 -28.68 18.79
CA LYS D 478 28.98 -27.37 18.14
C LYS D 478 28.92 -27.43 16.61
N HIS D 479 29.98 -26.98 15.95
CA HIS D 479 30.10 -27.13 14.49
C HIS D 479 30.40 -28.57 14.07
N GLY D 480 29.87 -28.97 12.92
CA GLY D 480 29.94 -30.36 12.53
C GLY D 480 31.34 -30.93 12.46
N LYS D 481 31.55 -32.09 13.06
CA LYS D 481 32.90 -32.67 13.08
C LYS D 481 32.90 -34.17 12.80
N LYS D 482 33.84 -34.68 12.00
CA LYS D 482 33.84 -36.12 11.81
C LYS D 482 34.89 -36.67 12.76
N ILE D 483 34.41 -37.46 13.72
CA ILE D 483 35.26 -38.19 14.65
C ILE D 483 35.12 -39.70 14.45
N ASN D 484 36.23 -40.33 14.08
CA ASN D 484 36.26 -41.74 13.77
C ASN D 484 35.21 -41.98 12.70
N GLY D 485 34.26 -42.85 12.98
CA GLY D 485 33.21 -43.15 12.02
C GLY D 485 32.07 -42.14 11.95
N VAL D 486 31.86 -41.38 13.03
CA VAL D 486 30.63 -40.59 13.17
C VAL D 486 30.76 -39.07 13.17
N TRP D 487 29.76 -38.41 12.58
CA TRP D 487 29.62 -36.96 12.58
C TRP D 487 29.09 -36.39 13.90
N ASN D 488 29.32 -35.10 14.13
CA ASN D 488 28.78 -34.42 15.32
C ASN D 488 28.28 -33.04 14.93
N GLY D 489 27.63 -32.38 15.90
CA GLY D 489 27.14 -31.03 15.78
C GLY D 489 25.77 -30.90 15.12
N MET D 490 25.46 -29.72 14.62
CA MET D 490 24.17 -29.42 13.98
C MET D 490 23.88 -30.35 12.82
N ILE D 491 24.95 -30.79 12.16
CA ILE D 491 24.86 -31.70 11.03
C ILE D 491 24.21 -33.01 11.46
N GLY D 492 24.46 -33.43 12.70
CA GLY D 492 23.83 -34.62 13.24
C GLY D 492 22.32 -34.46 13.28
N GLU D 493 21.86 -33.29 13.71
CA GLU D 493 20.43 -33.01 13.79
C GLU D 493 19.84 -32.83 12.39
N VAL D 494 20.71 -32.53 11.43
CA VAL D 494 20.29 -32.45 10.03
C VAL D 494 20.17 -33.85 9.44
N VAL D 495 21.03 -34.75 9.90
CA VAL D 495 21.06 -36.14 9.47
C VAL D 495 19.99 -36.95 10.20
N THR D 496 19.82 -36.67 11.48
CA THR D 496 18.82 -37.34 12.30
C THR D 496 17.43 -36.83 11.94
N LYS D 497 17.40 -35.83 11.06
CA LYS D 497 16.18 -35.16 10.64
C LYS D 497 15.54 -34.45 11.83
N ARG D 498 16.36 -34.14 12.83
CA ARG D 498 15.94 -33.33 13.95
C ARG D 498 16.08 -31.85 13.60
N ALA D 499 16.82 -31.60 12.51
CA ALA D 499 16.87 -30.28 11.91
C ALA D 499 16.78 -30.46 10.41
N TYR D 500 15.95 -29.66 9.76
CA TYR D 500 15.88 -29.71 8.31
C TYR D 500 17.05 -28.92 7.72
N MET D 501 17.20 -27.68 8.20
CA MET D 501 18.26 -26.80 7.76
C MET D 501 19.01 -26.24 8.97
N ALA D 502 20.34 -26.20 8.87
CA ALA D 502 21.17 -25.66 9.94
C ALA D 502 21.77 -24.32 9.53
N VAL D 503 21.66 -23.32 10.40
CA VAL D 503 22.11 -21.97 10.09
C VAL D 503 23.18 -21.53 11.11
N GLY D 504 24.09 -20.66 10.69
CA GLY D 504 25.14 -20.19 11.56
C GLY D 504 26.35 -19.62 10.83
N SER D 505 27.50 -19.66 11.52
CA SER D 505 28.77 -19.22 10.96
C SER D 505 29.46 -20.38 10.26
N LEU D 506 28.72 -21.48 10.11
CA LEU D 506 29.23 -22.73 9.54
C LEU D 506 29.96 -22.54 8.21
N THR D 507 31.18 -23.07 8.14
CA THR D 507 31.99 -23.00 6.93
C THR D 507 31.56 -24.12 5.98
N ILE D 508 32.09 -24.13 4.75
CA ILE D 508 31.75 -25.15 3.77
C ILE D 508 32.96 -26.05 3.46
N ASN D 509 32.69 -27.34 3.22
CA ASN D 509 33.73 -28.28 2.84
C ASN D 509 33.15 -29.42 2.00
N GLU D 510 34.04 -30.17 1.33
CA GLU D 510 33.63 -31.21 0.39
C GLU D 510 32.78 -32.32 1.03
N GLU D 511 33.17 -32.73 2.23
CA GLU D 511 32.46 -33.79 2.95
C GLU D 511 31.00 -33.44 3.26
N ARG D 512 30.79 -32.23 3.76
CA ARG D 512 29.46 -31.80 4.17
C ARG D 512 28.60 -31.49 2.94
N SER D 513 29.22 -30.98 1.88
CA SER D 513 28.53 -30.76 0.62
C SER D 513 28.11 -32.10 0.04
N GLU D 514 28.93 -33.11 0.29
CA GLU D 514 28.62 -34.48 -0.10
C GLU D 514 27.40 -34.99 0.65
N VAL D 515 27.37 -34.79 1.97
CA VAL D 515 26.26 -35.34 2.76
C VAL D 515 24.98 -34.49 2.68
N VAL D 516 25.13 -33.17 2.61
CA VAL D 516 23.96 -32.28 2.58
C VAL D 516 24.16 -31.13 1.59
N ASP D 517 23.09 -30.77 0.90
CA ASP D 517 23.14 -29.64 -0.03
C ASP D 517 23.31 -28.33 0.72
N PHE D 518 24.17 -27.45 0.19
CA PHE D 518 24.46 -26.18 0.83
C PHE D 518 23.97 -24.97 0.03
N SER D 519 23.57 -23.93 0.76
CA SER D 519 23.22 -22.66 0.14
C SER D 519 24.47 -21.96 -0.40
N VAL D 520 24.28 -21.08 -1.37
CA VAL D 520 25.38 -20.31 -1.94
C VAL D 520 25.97 -19.36 -0.89
N PRO D 521 27.29 -19.08 -0.99
CA PRO D 521 27.91 -18.28 0.07
C PRO D 521 27.46 -16.82 0.03
N PHE D 522 27.01 -16.29 1.17
CA PHE D 522 26.58 -14.90 1.22
C PHE D 522 27.73 -13.93 1.50
N ILE D 523 28.83 -14.43 2.08
CA ILE D 523 29.91 -13.55 2.53
C ILE D 523 31.27 -14.11 2.17
N GLU D 524 32.22 -13.22 1.89
CA GLU D 524 33.58 -13.64 1.60
C GLU D 524 34.32 -13.89 2.90
N THR D 525 34.80 -15.12 3.08
CA THR D 525 35.46 -15.52 4.31
C THR D 525 36.43 -16.68 4.06
N GLY D 526 36.90 -17.29 5.15
CA GLY D 526 37.83 -18.40 5.04
C GLY D 526 38.80 -18.47 6.20
N ILE D 527 39.85 -19.27 6.04
CA ILE D 527 40.90 -19.34 7.05
C ILE D 527 41.72 -18.05 6.95
N SER D 528 42.24 -17.58 8.08
CA SER D 528 43.06 -16.37 8.09
C SER D 528 43.81 -16.22 9.40
N VAL D 529 44.67 -15.21 9.43
CA VAL D 529 45.52 -14.97 10.59
C VAL D 529 45.27 -13.59 11.18
N MET D 530 45.44 -13.50 12.49
CA MET D 530 45.28 -12.28 13.26
C MET D 530 46.49 -12.20 14.17
N VAL D 531 47.22 -11.11 14.04
CA VAL D 531 48.49 -10.90 14.73
C VAL D 531 48.74 -9.44 15.07
N SER D 532 49.61 -9.22 16.05
CA SER D 532 50.07 -7.90 16.45
C SER D 532 51.14 -7.39 15.49
N ARG D 533 51.36 -6.08 15.51
CA ARG D 533 52.17 -5.31 14.55
C ARG D 533 53.70 -5.48 14.51
N GLN D 645 54.63 -10.47 9.13
CA GLN D 645 55.45 -11.66 9.41
C GLN D 645 55.59 -12.68 8.28
N VAL D 646 54.49 -13.17 7.72
CA VAL D 646 54.63 -14.09 6.60
C VAL D 646 54.11 -13.46 5.32
N SER D 647 55.04 -13.03 4.47
CA SER D 647 54.67 -12.34 3.24
C SER D 647 54.29 -13.38 2.19
N GLY D 648 55.07 -14.45 2.12
CA GLY D 648 54.70 -15.58 1.29
C GLY D 648 53.44 -16.21 1.85
N LEU D 649 53.37 -16.24 3.18
CA LEU D 649 52.26 -16.77 3.98
C LEU D 649 52.12 -18.29 3.83
N SER D 650 52.94 -18.85 2.95
CA SER D 650 53.19 -20.29 2.85
C SER D 650 54.66 -20.56 3.16
N ASP D 651 55.36 -19.59 3.72
CA ASP D 651 56.83 -19.57 3.74
C ASP D 651 57.48 -20.76 4.44
N LYS D 652 56.65 -21.55 5.14
CA LYS D 652 57.08 -22.75 5.85
C LYS D 652 57.67 -22.39 7.22
N LYS D 653 57.71 -21.09 7.50
CA LYS D 653 58.06 -20.64 8.85
C LYS D 653 56.99 -21.21 9.76
N PHE D 654 55.76 -21.19 9.27
CA PHE D 654 54.66 -21.92 9.90
C PHE D 654 54.88 -23.43 9.84
N GLN D 655 55.41 -23.92 8.71
CA GLN D 655 55.56 -25.37 8.50
C GLN D 655 56.47 -25.94 9.57
N ARG D 656 57.56 -25.25 9.87
CA ARG D 656 58.31 -25.67 11.03
C ARG D 656 58.65 -24.47 11.89
N PRO D 657 58.32 -24.57 13.18
CA PRO D 657 58.75 -23.70 14.27
C PRO D 657 60.21 -23.94 14.58
N ASN D 658 60.60 -25.21 14.50
CA ASN D 658 61.92 -25.66 14.90
C ASN D 658 63.05 -25.10 14.05
N ASP D 659 62.75 -24.73 12.80
CA ASP D 659 63.75 -24.12 11.94
C ASP D 659 64.20 -22.80 12.58
N PHE D 660 63.25 -22.07 13.15
CA PHE D 660 63.55 -20.86 13.91
C PHE D 660 63.89 -21.23 15.34
N SER D 661 65.07 -20.80 15.80
CA SER D 661 65.60 -21.19 17.10
C SER D 661 64.69 -20.81 18.28
N PRO D 662 64.18 -19.57 18.31
CA PRO D 662 63.16 -19.40 19.34
C PRO D 662 61.90 -20.15 18.94
N ALA D 663 61.13 -20.63 19.91
CA ALA D 663 59.94 -21.39 19.59
C ALA D 663 58.89 -20.42 19.08
N PHE D 664 58.24 -20.76 17.97
CA PHE D 664 57.19 -19.89 17.49
C PHE D 664 55.87 -20.45 17.99
N ARG D 665 54.80 -19.69 17.82
CA ARG D 665 53.51 -20.13 18.35
C ARG D 665 52.34 -19.69 17.50
N PHE D 666 51.48 -20.64 17.15
CA PHE D 666 50.21 -20.34 16.51
C PHE D 666 49.23 -21.46 16.82
N GLY D 667 47.96 -21.11 16.96
CA GLY D 667 46.95 -22.08 17.31
C GLY D 667 45.57 -21.74 16.78
N THR D 668 44.68 -22.72 16.79
CA THR D 668 43.32 -22.52 16.35
C THR D 668 42.34 -23.34 17.19
N VAL D 669 41.07 -23.02 17.08
CA VAL D 669 40.03 -23.75 17.81
C VAL D 669 39.83 -25.14 17.20
N PRO D 670 39.82 -26.17 18.05
CA PRO D 670 39.62 -27.57 17.67
C PRO D 670 38.18 -27.90 17.29
N ASN D 671 38.02 -29.06 16.66
CA ASN D 671 36.73 -29.54 16.19
C ASN D 671 36.15 -28.60 15.11
N GLY D 672 37.03 -27.82 14.49
CA GLY D 672 36.68 -26.87 13.45
C GLY D 672 36.89 -27.42 12.05
N SER D 673 36.25 -26.81 11.07
CA SER D 673 36.49 -27.17 9.67
C SER D 673 37.93 -26.85 9.31
N THR D 674 38.45 -25.81 9.96
CA THR D 674 39.83 -25.40 9.80
C THR D 674 40.79 -26.49 10.28
N GLU D 675 40.54 -27.04 11.47
CA GLU D 675 41.40 -28.06 12.03
C GLU D 675 41.36 -29.36 11.21
N ARG D 676 40.16 -29.75 10.80
CA ARG D 676 39.98 -30.94 9.97
C ARG D 676 40.68 -30.78 8.62
N ASN D 677 40.51 -29.61 8.00
CA ASN D 677 41.20 -29.30 6.77
C ASN D 677 42.72 -29.36 6.94
N ILE D 678 43.20 -28.75 8.02
CA ILE D 678 44.61 -28.78 8.37
C ILE D 678 45.13 -30.21 8.45
N ARG D 679 44.45 -31.03 9.24
CA ARG D 679 44.83 -32.42 9.39
C ARG D 679 44.83 -33.16 8.05
N ASN D 680 43.87 -32.80 7.19
CA ASN D 680 43.81 -33.42 5.88
C ASN D 680 45.02 -33.07 5.01
N ASN D 681 45.25 -31.78 4.80
CA ASN D 681 46.40 -31.35 4.01
C ASN D 681 47.75 -31.33 4.73
N TYR D 682 47.82 -30.64 5.88
CA TYR D 682 49.11 -30.46 6.55
C TYR D 682 49.11 -31.13 7.93
N LEU D 683 49.78 -32.28 8.03
CA LEU D 683 49.78 -33.06 9.26
C LEU D 683 50.61 -32.41 10.37
N GLU D 684 51.87 -32.13 10.06
CA GLU D 684 52.82 -31.57 11.02
C GLU D 684 52.28 -30.34 11.73
N MET D 685 51.58 -29.49 10.98
CA MET D 685 50.99 -28.29 11.55
C MET D 685 49.94 -28.64 12.60
N HIS D 686 49.12 -29.64 12.31
CA HIS D 686 48.09 -30.10 13.24
C HIS D 686 48.71 -30.69 14.50
N SER D 687 49.63 -31.63 14.30
CA SER D 687 50.29 -32.34 15.38
C SER D 687 51.08 -31.38 16.28
N TYR D 688 51.59 -30.31 15.71
CA TYR D 688 52.30 -29.30 16.49
C TYR D 688 51.35 -28.35 17.20
N MET D 689 50.29 -27.95 16.49
CA MET D 689 49.37 -26.92 16.99
C MET D 689 48.41 -27.44 18.06
N VAL D 690 48.31 -28.75 18.21
CA VAL D 690 47.43 -29.30 19.25
C VAL D 690 47.76 -28.73 20.64
N LYS D 691 49.04 -28.42 20.87
CA LYS D 691 49.46 -27.81 22.14
C LYS D 691 48.97 -26.38 22.26
N PHE D 692 48.85 -25.70 21.12
CA PHE D 692 48.46 -24.29 21.09
C PHE D 692 46.97 -24.09 20.89
N ASN D 693 46.22 -25.18 20.80
CA ASN D 693 44.77 -25.11 20.68
C ASN D 693 44.13 -24.41 21.88
N GLN D 694 43.07 -23.64 21.63
CA GLN D 694 42.46 -22.84 22.69
C GLN D 694 40.97 -23.12 22.88
N ARG D 695 40.50 -22.93 24.10
CA ARG D 695 39.12 -23.26 24.48
C ARG D 695 38.06 -22.51 23.68
N SER D 696 38.18 -21.19 23.61
CA SER D 696 37.17 -20.37 22.96
C SER D 696 37.78 -19.13 22.33
N VAL D 697 37.04 -18.52 21.40
CA VAL D 697 37.55 -17.38 20.63
C VAL D 697 37.91 -16.20 21.54
N GLN D 698 37.13 -15.99 22.59
CA GLN D 698 37.46 -14.97 23.59
C GLN D 698 38.75 -15.36 24.32
N ASP D 699 38.86 -16.65 24.63
CA ASP D 699 40.06 -17.19 25.28
C ASP D 699 41.26 -17.31 24.34
N ALA D 700 41.03 -17.77 23.11
CA ALA D 700 42.07 -17.72 22.07
C ALA D 700 42.61 -16.30 21.97
N LEU D 701 41.68 -15.36 22.04
CA LEU D 701 42.00 -13.95 22.04
C LEU D 701 42.80 -13.63 23.29
N LEU D 702 42.49 -14.29 24.41
CA LEU D 702 43.26 -14.08 25.62
C LEU D 702 44.71 -14.51 25.45
N SER D 703 44.92 -15.59 24.69
CA SER D 703 46.28 -16.07 24.43
C SER D 703 47.03 -15.10 23.53
N LEU D 704 46.34 -14.51 22.56
CA LEU D 704 47.00 -13.52 21.71
C LEU D 704 47.27 -12.20 22.44
N LYS D 705 46.23 -11.67 23.08
CA LYS D 705 46.19 -10.32 23.65
C LYS D 705 47.14 -10.06 24.81
N SER D 706 47.20 -10.99 25.75
CA SER D 706 47.99 -10.79 26.96
C SER D 706 49.43 -11.26 26.77
N GLY D 707 49.74 -11.72 25.56
CA GLY D 707 51.04 -12.32 25.30
C GLY D 707 50.94 -13.81 25.54
N LYS D 708 52.08 -14.50 25.44
CA LYS D 708 52.20 -15.96 25.61
C LYS D 708 51.76 -16.68 24.34
N LEU D 709 51.30 -15.93 23.35
CA LEU D 709 51.07 -16.45 22.01
C LEU D 709 51.31 -15.35 20.99
N ASP D 710 51.94 -15.71 19.87
CA ASP D 710 52.27 -14.75 18.83
C ASP D 710 51.10 -14.54 17.87
N ALA D 711 50.76 -15.59 17.12
CA ALA D 711 49.77 -15.50 16.07
C ALA D 711 48.53 -16.31 16.39
N PHE D 712 47.38 -15.85 15.90
CA PHE D 712 46.15 -16.64 16.02
C PHE D 712 45.56 -16.88 14.65
N ILE D 713 44.95 -18.05 14.46
CA ILE D 713 44.36 -18.38 13.18
C ILE D 713 42.90 -18.78 13.36
N TYR D 714 42.04 -18.24 12.51
CA TYR D 714 40.61 -18.49 12.64
C TYR D 714 39.88 -18.07 11.38
N ASP D 715 38.56 -18.14 11.42
CA ASP D 715 37.73 -17.78 10.28
C ASP D 715 37.95 -16.32 9.90
N ALA D 716 37.91 -16.04 8.60
CA ALA D 716 38.35 -14.74 8.09
C ALA D 716 37.35 -13.63 8.37
N ALA D 717 36.06 -13.96 8.32
CA ALA D 717 35.03 -12.98 8.62
C ALA D 717 35.09 -12.56 10.08
N VAL D 718 35.25 -13.54 10.96
CA VAL D 718 35.34 -13.30 12.39
C VAL D 718 36.61 -12.53 12.72
N LEU D 719 37.71 -12.90 12.04
CA LEU D 719 38.99 -12.25 12.26
C LEU D 719 39.01 -10.82 11.74
N ASN D 720 38.23 -10.57 10.68
CA ASN D 720 38.12 -9.23 10.10
C ASN D 720 37.24 -8.33 10.96
N TYR D 721 36.13 -8.89 11.44
CA TYR D 721 35.25 -8.15 12.34
C TYR D 721 35.97 -7.84 13.65
N MET D 722 36.74 -8.81 14.14
CA MET D 722 37.57 -8.62 15.32
C MET D 722 38.71 -7.66 15.05
N ALA D 723 39.14 -7.59 13.80
CA ALA D 723 40.16 -6.63 13.40
C ALA D 723 39.57 -5.25 13.57
N GLY D 724 38.36 -5.08 13.03
CA GLY D 724 37.60 -3.85 13.17
C GLY D 724 37.18 -3.56 14.60
N ARG D 725 36.82 -4.60 15.35
CA ARG D 725 36.39 -4.41 16.73
C ARG D 725 37.40 -4.92 17.74
N ASP D 726 38.08 -4.01 18.41
CA ASP D 726 39.01 -4.34 19.47
C ASP D 726 39.07 -3.19 20.48
N GLU D 727 39.32 -3.50 21.74
CA GLU D 727 39.30 -2.50 22.82
C GLU D 727 40.35 -1.42 22.54
N GLY D 728 41.38 -1.82 21.81
CA GLY D 728 42.38 -0.93 21.27
C GLY D 728 42.70 -1.58 19.95
N CYS D 729 43.25 -0.83 19.01
CA CYS D 729 43.48 -1.33 17.65
C CYS D 729 44.77 -2.15 17.57
N LYS D 730 45.03 -2.89 18.63
CA LYS D 730 46.23 -3.70 18.79
C LYS D 730 46.29 -4.92 17.87
N LEU D 731 45.17 -5.26 17.23
CA LEU D 731 45.13 -6.46 16.40
C LEU D 731 44.74 -6.15 14.96
N VAL D 732 45.38 -6.86 14.04
CA VAL D 732 45.18 -6.67 12.60
C VAL D 732 45.18 -8.00 11.86
N THR D 733 44.76 -7.97 10.59
CA THR D 733 44.72 -9.17 9.76
C THR D 733 46.08 -9.45 9.15
N ILE D 734 46.17 -10.54 8.41
CA ILE D 734 47.43 -10.90 7.76
C ILE D 734 47.41 -10.40 6.32
N GLY D 735 48.46 -9.70 5.93
CA GLY D 735 48.52 -9.09 4.61
C GLY D 735 47.32 -8.20 4.35
N SER D 736 46.65 -8.42 3.23
CA SER D 736 45.40 -7.72 2.90
C SER D 736 44.21 -8.46 3.49
N GLY D 737 44.51 -9.45 4.32
CA GLY D 737 43.49 -10.35 4.83
C GLY D 737 42.96 -11.22 3.72
N LYS D 738 43.72 -11.29 2.62
CA LYS D 738 43.32 -12.13 1.50
C LYS D 738 43.56 -13.57 1.94
N VAL D 739 42.49 -14.34 1.97
CA VAL D 739 42.51 -15.65 2.60
C VAL D 739 42.69 -16.79 1.63
N PHE D 740 43.47 -17.80 2.03
CA PHE D 740 43.53 -19.02 1.26
C PHE D 740 42.28 -19.80 1.63
N ALA D 741 42.05 -20.92 0.96
CA ALA D 741 40.83 -21.70 1.18
C ALA D 741 39.63 -20.79 1.08
N THR D 742 39.57 -19.99 0.01
CA THR D 742 38.52 -19.00 -0.16
C THR D 742 37.15 -19.67 -0.10
N THR D 743 36.35 -19.27 0.88
CA THR D 743 35.05 -19.87 1.10
C THR D 743 34.04 -18.84 1.57
N GLY D 744 32.82 -19.32 1.79
CA GLY D 744 31.75 -18.48 2.30
C GLY D 744 30.85 -19.30 3.20
N TYR D 745 30.02 -18.64 3.98
CA TYR D 745 29.10 -19.32 4.88
C TYR D 745 27.89 -19.87 4.10
N GLY D 746 27.65 -21.17 4.23
CA GLY D 746 26.49 -21.79 3.61
C GLY D 746 25.42 -22.15 4.61
N ILE D 747 24.40 -22.88 4.15
CA ILE D 747 23.30 -23.32 5.00
C ILE D 747 22.89 -24.75 4.65
N ALA D 748 22.68 -25.58 5.67
CA ALA D 748 22.36 -26.99 5.46
C ALA D 748 20.94 -27.21 4.94
N ILE D 749 20.76 -28.35 4.26
CA ILE D 749 19.48 -28.83 3.78
C ILE D 749 19.68 -30.35 3.90
N GLN D 750 18.67 -31.17 3.61
CA GLN D 750 18.80 -32.60 3.84
C GLN D 750 19.61 -33.26 2.72
N LYS D 751 19.03 -33.24 1.53
CA LYS D 751 19.59 -33.92 0.37
C LYS D 751 18.91 -33.36 -0.88
N ASP D 752 19.07 -34.05 -2.01
CA ASP D 752 18.56 -33.60 -3.30
C ASP D 752 17.10 -33.17 -3.24
N SER D 753 16.35 -33.74 -2.31
CA SER D 753 14.98 -33.30 -2.07
C SER D 753 15.00 -32.21 -1.02
N GLY D 754 14.61 -31.02 -1.42
CA GLY D 754 14.54 -29.89 -0.52
C GLY D 754 13.95 -28.68 -1.20
N TRP D 755 13.59 -27.66 -0.42
CA TRP D 755 13.13 -26.40 -0.99
C TRP D 755 14.21 -25.90 -1.94
N LYS D 756 15.46 -26.11 -1.53
CA LYS D 756 16.61 -26.05 -2.43
C LYS D 756 16.73 -24.71 -3.14
N ARG D 757 16.57 -24.77 -4.47
CA ARG D 757 16.77 -23.62 -5.35
C ARG D 757 15.99 -22.37 -4.91
N GLN D 758 14.79 -22.59 -4.39
CA GLN D 758 13.93 -21.51 -3.91
C GLN D 758 14.68 -20.65 -2.89
N VAL D 759 15.39 -21.31 -1.99
CA VAL D 759 16.24 -20.63 -1.03
C VAL D 759 17.29 -19.77 -1.74
N ASP D 760 17.99 -20.38 -2.69
CA ASP D 760 19.12 -19.75 -3.36
C ASP D 760 18.72 -18.43 -4.00
N LEU D 761 17.63 -18.46 -4.75
CA LEU D 761 17.10 -17.26 -5.39
C LEU D 761 16.94 -16.17 -4.35
N ALA D 762 16.24 -16.51 -3.26
CA ALA D 762 15.97 -15.55 -2.20
C ALA D 762 17.26 -14.86 -1.78
N ILE D 763 18.31 -15.67 -1.62
CA ILE D 763 19.60 -15.17 -1.17
C ILE D 763 20.09 -14.07 -2.08
N LEU D 764 20.07 -14.29 -3.39
CA LEU D 764 20.65 -13.29 -4.27
C LEU D 764 19.68 -12.14 -4.49
N GLN D 765 18.46 -12.26 -3.98
CA GLN D 765 17.54 -11.13 -4.00
C GLN D 765 17.98 -10.18 -2.90
N LEU D 766 18.58 -10.75 -1.85
CA LEU D 766 18.97 -9.99 -0.68
C LEU D 766 20.07 -8.99 -1.01
N PHE D 767 21.06 -9.47 -1.76
CA PHE D 767 22.11 -8.59 -2.26
C PHE D 767 21.55 -7.82 -3.45
N GLY D 768 20.54 -8.42 -4.09
CA GLY D 768 19.98 -7.85 -5.30
C GLY D 768 19.34 -6.52 -5.04
N ASP D 769 18.84 -6.33 -3.82
CA ASP D 769 18.28 -5.05 -3.43
C ASP D 769 19.30 -4.23 -2.66
N GLY D 770 20.47 -4.81 -2.41
CA GLY D 770 21.55 -4.09 -1.75
C GLY D 770 21.45 -4.05 -0.24
N GLU D 771 20.62 -4.90 0.33
CA GLU D 771 20.41 -4.95 1.78
C GLU D 771 21.69 -5.38 2.51
N MET D 772 22.40 -6.34 1.91
CA MET D 772 23.60 -6.88 2.53
C MET D 772 24.68 -5.85 2.86
N GLU D 773 24.76 -4.80 2.06
CA GLU D 773 25.73 -3.73 2.33
C GLU D 773 25.36 -2.98 3.61
N GLU D 774 24.07 -2.70 3.75
CA GLU D 774 23.55 -2.05 4.95
C GLU D 774 23.78 -2.92 6.17
N LEU D 775 23.38 -4.18 6.07
CA LEU D 775 23.57 -5.15 7.14
C LEU D 775 25.05 -5.33 7.48
N GLU D 776 25.90 -5.16 6.48
CA GLU D 776 27.35 -5.25 6.69
C GLU D 776 27.83 -4.07 7.50
N ALA D 777 27.34 -2.88 7.15
CA ALA D 777 27.71 -1.68 7.87
C ALA D 777 27.24 -1.75 9.33
N LEU D 778 26.03 -2.27 9.53
CA LEU D 778 25.50 -2.38 10.88
C LEU D 778 26.16 -3.47 11.73
N TRP D 779 26.10 -4.72 11.25
CA TRP D 779 26.61 -5.84 12.03
C TRP D 779 28.10 -6.15 11.87
N LEU D 780 28.58 -6.15 10.64
CA LEU D 780 29.94 -6.60 10.35
C LEU D 780 31.03 -5.54 10.50
N THR D 781 30.69 -4.30 10.18
CA THR D 781 31.67 -3.22 10.16
C THR D 781 32.23 -2.94 11.55
N GLY D 782 33.55 -2.97 11.67
CA GLY D 782 34.20 -2.59 12.90
C GLY D 782 34.76 -1.19 12.79
N ILE D 783 35.01 -0.57 13.94
CA ILE D 783 35.50 0.81 13.92
C ILE D 783 36.97 0.82 13.56
N CYS D 784 37.69 -0.23 13.96
CA CYS D 784 39.11 -0.26 13.65
C CYS D 784 39.34 -0.45 12.17
N HIS D 785 40.62 -0.49 11.87
CA HIS D 785 41.21 -0.60 10.56
C HIS D 785 40.81 0.57 9.67
N ASN D 786 40.36 1.68 10.26
CA ASN D 786 40.05 2.81 9.41
C ASN D 786 41.40 3.44 9.11
N GLU D 787 42.22 3.35 10.16
CA GLU D 787 43.59 3.86 10.23
C GLU D 787 44.64 2.90 9.70
N LYS D 788 45.30 3.26 8.59
CA LYS D 788 46.35 2.45 7.98
C LYS D 788 46.68 3.00 6.59
#